data_8XPB
# 
_entry.id   8XPB 
# 
_audit_conform.dict_name       mmcif_pdbx.dic 
_audit_conform.dict_version    5.395 
_audit_conform.dict_location   http://mmcif.pdb.org/dictionaries/ascii/mmcif_pdbx.dic 
# 
loop_
_database_2.database_id 
_database_2.database_code 
_database_2.pdbx_database_accession 
_database_2.pdbx_DOI 
PDB   8XPB         pdb_00008xpb 10.2210/pdb8xpb/pdb 
WWPDB D_1300043912 ?            ?                   
# 
loop_
_pdbx_audit_revision_history.ordinal 
_pdbx_audit_revision_history.data_content_type 
_pdbx_audit_revision_history.major_revision 
_pdbx_audit_revision_history.minor_revision 
_pdbx_audit_revision_history.revision_date 
1 'Structure model' 1 0 2024-05-29 
2 'Structure model' 1 1 2024-08-14 
3 'Structure model' 1 2 2024-08-28 
# 
_pdbx_audit_revision_details.ordinal             1 
_pdbx_audit_revision_details.revision_ordinal    1 
_pdbx_audit_revision_details.data_content_type   'Structure model' 
_pdbx_audit_revision_details.provider            repository 
_pdbx_audit_revision_details.type                'Initial release' 
_pdbx_audit_revision_details.description         ? 
_pdbx_audit_revision_details.details             ? 
# 
loop_
_pdbx_audit_revision_group.ordinal 
_pdbx_audit_revision_group.revision_ordinal 
_pdbx_audit_revision_group.data_content_type 
_pdbx_audit_revision_group.group 
1 2 'Structure model' 'Database references' 
2 3 'Structure model' 'Database references' 
# 
loop_
_pdbx_audit_revision_category.ordinal 
_pdbx_audit_revision_category.revision_ordinal 
_pdbx_audit_revision_category.data_content_type 
_pdbx_audit_revision_category.category 
1 2 'Structure model' citation        
2 2 'Structure model' citation_author 
3 3 'Structure model' citation        
4 3 'Structure model' citation_author 
# 
loop_
_pdbx_audit_revision_item.ordinal 
_pdbx_audit_revision_item.revision_ordinal 
_pdbx_audit_revision_item.data_content_type 
_pdbx_audit_revision_item.item 
1  2 'Structure model' '_citation.country'                 
2  2 'Structure model' '_citation.journal_abbrev'          
3  2 'Structure model' '_citation.journal_id_ASTM'         
4  2 'Structure model' '_citation.journal_id_CSD'          
5  2 'Structure model' '_citation.journal_id_ISSN'         
6  2 'Structure model' '_citation.pdbx_database_id_DOI'    
7  2 'Structure model' '_citation.pdbx_database_id_PubMed' 
8  2 'Structure model' '_citation.title'                   
9  2 'Structure model' '_citation.year'                    
10 3 'Structure model' '_citation.journal_volume'          
11 3 'Structure model' '_citation.page_first'              
12 3 'Structure model' '_citation.page_last'               
13 3 'Structure model' '_citation_author.identifier_ORCID' 
# 
_pdbx_database_status.status_code                     REL 
_pdbx_database_status.status_code_sf                  REL 
_pdbx_database_status.status_code_mr                  ? 
_pdbx_database_status.entry_id                        8XPB 
_pdbx_database_status.recvd_initial_deposition_date   2024-01-03 
_pdbx_database_status.SG_entry                        N 
_pdbx_database_status.deposit_site                    PDBJ 
_pdbx_database_status.process_site                    PDBJ 
_pdbx_database_status.status_code_cs                  ? 
_pdbx_database_status.status_code_nmr_data            ? 
_pdbx_database_status.methods_development_category    ? 
_pdbx_database_status.pdb_format_compatible           Y 
# 
_pdbx_contact_author.id                 2 
_pdbx_contact_author.email              mhho@dragon.nchu.edu.tw 
_pdbx_contact_author.name_first         Ming-Hon 
_pdbx_contact_author.name_last          Hou 
_pdbx_contact_author.name_mi            ? 
_pdbx_contact_author.role               'principal investigator/group leader' 
_pdbx_contact_author.identifier_ORCID   0000-0003-4170-1527 
# 
loop_
_audit_author.name 
_audit_author.pdbx_ordinal 
_audit_author.identifier_ORCID 
'Hou, M.H.'   1 0000-0003-4170-1527 
'Huang, H.T.' 2 ?                   
'Lin, S.M.'   3 0000-0001-7813-9000 
'Neidle, S.'  4 0000-0003-0622-6548 
# 
_citation.abstract                  ? 
_citation.abstract_id_CAS           ? 
_citation.book_id_ISBN              ? 
_citation.book_publisher            ? 
_citation.book_publisher_city       ? 
_citation.book_title                ? 
_citation.coordinate_linkage        ? 
_citation.country                   UK 
_citation.database_id_Medline       ? 
_citation.details                   ? 
_citation.id                        primary 
_citation.journal_abbrev            'Nucleic Acids Res.' 
_citation.journal_id_ASTM           NARHAD 
_citation.journal_id_CSD            0389 
_citation.journal_id_ISSN           1362-4962 
_citation.journal_full              ? 
_citation.journal_issue             ? 
_citation.journal_volume            52 
_citation.language                  ? 
_citation.page_first                8566 
_citation.page_last                 8579 
_citation.title                     
'Structural basis of water-mediated cis Watson-Crick/Hoogsteen base-pair formation in non-CpG methylation.' 
_citation.year                      2024 
_citation.database_id_CSD           ? 
_citation.pdbx_database_id_DOI      10.1093/nar/gkae594 
_citation.pdbx_database_id_PubMed   38989613 
_citation.pdbx_database_id_patent   ? 
_citation.unpublished_flag          ? 
# 
loop_
_citation_author.citation_id 
_citation_author.name 
_citation_author.ordinal 
_citation_author.identifier_ORCID 
primary 'Lin, S.M.'   1 ? 
primary 'Huang, H.T.' 2 ? 
primary 'Fang, P.J.'  3 ? 
primary 'Chang, C.F.' 4 ? 
primary 'Satange, R.' 5 ? 
primary 'Chang, C.K.' 6 ? 
primary 'Chou, S.H.'  7 ? 
primary 'Neidle, S.'  8 ? 
primary 'Hou, M.H.'   9 ? 
# 
loop_
_entity.id 
_entity.type 
_entity.src_method 
_entity.pdbx_description 
_entity.formula_weight 
_entity.pdbx_number_of_molecules 
_entity.pdbx_ec 
_entity.pdbx_mutation 
_entity.pdbx_fragment 
_entity.details 
1 polymer     syn 
;DNA (5'-D(P*AP*CP*GP*GP*CP*GP*T)-3')
;
2138.423 1  ? ? ? ? 
2 polymer     syn 
;DNA (5'-D(P*AP*CP*GP*CP*CP*GP*T)-3')
;
2098.399 1  ? ? ? ? 
3 polymer     nat Echinomycin                            809.008  2  ? ? ? ? 
4 non-polymer syn 'MANGANESE (II) ION'                   54.938   3  ? ? ? ? 
5 non-polymer syn 2-CARBOXYQUINOXALINE                   174.156  4  ? ? ? ? 
6 water       nat water                                  18.015   20 ? ? ? ? 
# 
loop_
_entity_poly.entity_id 
_entity_poly.type 
_entity_poly.nstd_linkage 
_entity_poly.nstd_monomer 
_entity_poly.pdbx_seq_one_letter_code 
_entity_poly.pdbx_seq_one_letter_code_can 
_entity_poly.pdbx_strand_id 
_entity_poly.pdbx_target_identifier 
1 polydeoxyribonucleotide no no  '(DA)(DC)(DG)(DG)(DC)(DG)(DT)'     ACGGCGT  A   ? 
2 polydeoxyribonucleotide no no  '(DA)(DC)(DG)(DC)(DC)(DG)(DT)'     ACGCCGT  B   ? 
3 'polypeptide(L)'        no yes '(DSN)A(N2C)(MVA)(DSN)A(NCY)(MVA)' SAXVSAXV D,E ? 
# 
loop_
_pdbx_entity_nonpoly.entity_id 
_pdbx_entity_nonpoly.name 
_pdbx_entity_nonpoly.comp_id 
4 'MANGANESE (II) ION' MN  
5 2-CARBOXYQUINOXALINE QUI 
6 water                HOH 
# 
loop_
_entity_poly_seq.entity_id 
_entity_poly_seq.num 
_entity_poly_seq.mon_id 
_entity_poly_seq.hetero 
1 1 DA  n 
1 2 DC  n 
1 3 DG  n 
1 4 DG  n 
1 5 DC  n 
1 6 DG  n 
1 7 DT  n 
2 1 DA  n 
2 2 DC  n 
2 3 DG  n 
2 4 DC  n 
2 5 DC  n 
2 6 DG  n 
2 7 DT  n 
3 1 DSN n 
3 2 ALA n 
3 3 N2C n 
3 4 MVA n 
3 5 DSN n 
3 6 ALA n 
3 7 NCY n 
3 8 MVA n 
# 
_entity_src_nat.entity_id                  3 
_entity_src_nat.pdbx_src_id                1 
_entity_src_nat.pdbx_alt_source_flag       sample 
_entity_src_nat.pdbx_beg_seq_num           1 
_entity_src_nat.pdbx_end_seq_num           8 
_entity_src_nat.common_name                ? 
_entity_src_nat.pdbx_organism_scientific   'Streptomyces echinatus.' 
_entity_src_nat.pdbx_ncbi_taxonomy_id      67293 
_entity_src_nat.genus                      ? 
_entity_src_nat.species                    ? 
_entity_src_nat.strain                     ? 
_entity_src_nat.tissue                     ? 
_entity_src_nat.tissue_fraction            ? 
_entity_src_nat.pdbx_secretion             ? 
_entity_src_nat.pdbx_fragment              ? 
_entity_src_nat.pdbx_variant               ? 
_entity_src_nat.pdbx_cell_line             ? 
_entity_src_nat.pdbx_atcc                  ? 
_entity_src_nat.pdbx_cellular_location     ? 
_entity_src_nat.pdbx_organ                 ? 
_entity_src_nat.pdbx_organelle             ? 
_entity_src_nat.pdbx_cell                  ? 
_entity_src_nat.pdbx_plasmid_name          ? 
_entity_src_nat.pdbx_plasmid_details       ? 
_entity_src_nat.details                    ? 
# 
loop_
_pdbx_entity_src_syn.entity_id 
_pdbx_entity_src_syn.pdbx_src_id 
_pdbx_entity_src_syn.pdbx_alt_source_flag 
_pdbx_entity_src_syn.pdbx_beg_seq_num 
_pdbx_entity_src_syn.pdbx_end_seq_num 
_pdbx_entity_src_syn.organism_scientific 
_pdbx_entity_src_syn.organism_common_name 
_pdbx_entity_src_syn.ncbi_taxonomy_id 
_pdbx_entity_src_syn.details 
1 1 sample 1 7 'synthetic construct' ? 32630 ? 
2 1 sample 1 7 'synthetic construct' ? 32630 ? 
# 
loop_
_chem_comp.id 
_chem_comp.type 
_chem_comp.mon_nstd_flag 
_chem_comp.name 
_chem_comp.pdbx_synonyms 
_chem_comp.formula 
_chem_comp.formula_weight 
ALA 'L-peptide linking' y ALANINE                              ? 'C3 H7 N O2'      89.093  
DA  'DNA linking'       y "2'-DEOXYADENOSINE-5'-MONOPHOSPHATE" ? 'C10 H14 N5 O6 P' 331.222 
DC  'DNA linking'       y "2'-DEOXYCYTIDINE-5'-MONOPHOSPHATE"  ? 'C9 H14 N3 O7 P'  307.197 
DG  'DNA linking'       y "2'-DEOXYGUANOSINE-5'-MONOPHOSPHATE" ? 'C10 H14 N5 O7 P' 347.221 
DSN 'D-peptide linking' . D-SERINE                             ? 'C3 H7 N O3'      105.093 
DT  'DNA linking'       y "THYMIDINE-5'-MONOPHOSPHATE"         ? 'C10 H15 N2 O8 P' 322.208 
HOH non-polymer         . WATER                                ? 'H2 O'            18.015  
MN  non-polymer         . 'MANGANESE (II) ION'                 ? 'Mn 2'            54.938  
MVA 'L-peptide linking' n N-METHYLVALINE                       ? 'C6 H13 N O2'     131.173 
N2C 'L-peptide linking' . N,S-DIMETHYLCYSTEINE                 ? 'C5 H11 N O2 S'   149.211 
NCY 'L-peptide linking' . N-METHYLCYSTEINE                     ? 'C4 H9 N O2 S'    135.185 
QUI non-polymer         . 2-CARBOXYQUINOXALINE                 ? 'C9 H6 N2 O2'     174.156 
# 
loop_
_pdbx_poly_seq_scheme.asym_id 
_pdbx_poly_seq_scheme.entity_id 
_pdbx_poly_seq_scheme.seq_id 
_pdbx_poly_seq_scheme.mon_id 
_pdbx_poly_seq_scheme.ndb_seq_num 
_pdbx_poly_seq_scheme.pdb_seq_num 
_pdbx_poly_seq_scheme.auth_seq_num 
_pdbx_poly_seq_scheme.pdb_mon_id 
_pdbx_poly_seq_scheme.auth_mon_id 
_pdbx_poly_seq_scheme.pdb_strand_id 
_pdbx_poly_seq_scheme.pdb_ins_code 
_pdbx_poly_seq_scheme.hetero 
A 1 1 DA  1 1 1   DA  DA  A . n 
A 1 2 DC  2 2 2   DC  DC  A . n 
A 1 3 DG  3 3 3   DG  DG  A . n 
A 1 4 DG  4 4 4   DG  DG  A . n 
A 1 5 DC  5 5 5   DC  DC  A . n 
A 1 6 DG  6 6 6   DG  DG  A . n 
A 1 7 DT  7 7 7   DT  DT  A . n 
B 2 1 DA  1 1 1   DA  DA  B . n 
B 2 2 DC  2 2 2   DC  DC  B . n 
B 2 3 DG  3 3 3   DG  DG  B . n 
B 2 4 DC  4 4 4   DC  DC  B . n 
B 2 5 DC  5 5 5   DC  DC  B . n 
B 2 6 DG  6 6 6   DG  DG  B . n 
B 2 7 DT  7 7 7   DT  DT  B . n 
C 3 1 DSN 1 1 101 DSN LIG D . n 
C 3 2 ALA 2 2 101 ALA LIG D . n 
C 3 3 N2C 3 3 101 N2C LIG D . n 
C 3 4 MVA 4 4 101 MVA LIG D . n 
C 3 5 DSN 5 5 101 DSN LIG D . n 
C 3 6 ALA 6 6 101 ALA LIG D . n 
C 3 7 NCY 7 7 101 NCY LIG D . n 
C 3 8 MVA 8 8 101 MVA LIG D . n 
D 3 1 DSN 1 1 101 DSN LIG E . n 
D 3 2 ALA 2 2 101 ALA LIG E . n 
D 3 3 N2C 3 3 101 N2C LIG E . n 
D 3 4 MVA 4 4 101 MVA LIG E . n 
D 3 5 DSN 5 5 101 DSN LIG E . n 
D 3 6 ALA 6 6 101 ALA LIG E . n 
D 3 7 NCY 7 7 101 NCY LIG E . n 
D 3 8 MVA 8 8 101 MVA LIG E . n 
# 
loop_
_pdbx_nonpoly_scheme.asym_id 
_pdbx_nonpoly_scheme.entity_id 
_pdbx_nonpoly_scheme.mon_id 
_pdbx_nonpoly_scheme.ndb_seq_num 
_pdbx_nonpoly_scheme.pdb_seq_num 
_pdbx_nonpoly_scheme.auth_seq_num 
_pdbx_nonpoly_scheme.pdb_mon_id 
_pdbx_nonpoly_scheme.auth_mon_id 
_pdbx_nonpoly_scheme.pdb_strand_id 
_pdbx_nonpoly_scheme.pdb_ins_code 
E 4 MN  1  101 3   MN  MN  A . 
F 4 MN  1  102 5   MN  MN  A . 
G 4 MN  1  101 4   MN  MN  B . 
H 5 QUI 1  101 101 QUI LIG D . 
I 5 QUI 1  102 101 QUI LIG D . 
J 5 QUI 1  101 101 QUI LIG E . 
K 5 QUI 1  102 101 QUI LIG E . 
L 6 HOH 1  201 6   HOH HOH A . 
L 6 HOH 2  202 7   HOH HOH A . 
L 6 HOH 3  203 1   HOH HOH A . 
L 6 HOH 4  204 5   HOH HOH A . 
L 6 HOH 5  205 22  HOH HOH A . 
L 6 HOH 6  206 11  HOH HOH A . 
L 6 HOH 7  207 10  HOH HOH A . 
L 6 HOH 8  208 21  HOH HOH A . 
L 6 HOH 9  209 3   HOH HOH A . 
L 6 HOH 10 210 19  HOH HOH A . 
M 6 HOH 1  201 13  HOH HOH B . 
M 6 HOH 2  202 4   HOH HOH B . 
M 6 HOH 3  203 9   HOH HOH B . 
M 6 HOH 4  204 23  HOH HOH B . 
M 6 HOH 5  205 12  HOH HOH B . 
M 6 HOH 6  206 14  HOH HOH B . 
M 6 HOH 7  207 2   HOH HOH B . 
M 6 HOH 8  208 20  HOH HOH B . 
M 6 HOH 9  209 17  HOH HOH B . 
N 6 HOH 1  201 8   HOH HOH E . 
# 
loop_
_software.citation_id 
_software.classification 
_software.compiler_name 
_software.compiler_version 
_software.contact_author 
_software.contact_author_email 
_software.date 
_software.description 
_software.dependencies 
_software.hardware 
_software.language 
_software.location 
_software.mods 
_software.name 
_software.os 
_software.os_version 
_software.type 
_software.version 
_software.pdbx_ordinal 
? refinement       ? ? ? ? ? ? ? ? ? ? ? PHENIX   ? ? ? '(1.20.1_4487: ???)' 1 
? 'data scaling'   ? ? ? ? ? ? ? ? ? ? ? HKL-2000 ? ? ? .                    2 
? 'data reduction' ? ? ? ? ? ? ? ? ? ? ? HKL-2000 ? ? ? .                    3 
? phasing          ? ? ? ? ? ? ? ? ? ? ? PHENIX   ? ? ? .                    4 
# 
_cell.angle_alpha                  90.00 
_cell.angle_alpha_esd              ? 
_cell.angle_beta                   90.00 
_cell.angle_beta_esd               ? 
_cell.angle_gamma                  120.00 
_cell.angle_gamma_esd              ? 
_cell.entry_id                     8XPB 
_cell.details                      ? 
_cell.formula_units_Z              ? 
_cell.length_a                     46.317 
_cell.length_a_esd                 ? 
_cell.length_b                     46.317 
_cell.length_b_esd                 ? 
_cell.length_c                     47.971 
_cell.length_c_esd                 ? 
_cell.volume                       ? 
_cell.volume_esd                   ? 
_cell.Z_PDB                        12 
_cell.reciprocal_angle_alpha       ? 
_cell.reciprocal_angle_beta        ? 
_cell.reciprocal_angle_gamma       ? 
_cell.reciprocal_angle_alpha_esd   ? 
_cell.reciprocal_angle_beta_esd    ? 
_cell.reciprocal_angle_gamma_esd   ? 
_cell.reciprocal_length_a          ? 
_cell.reciprocal_length_b          ? 
_cell.reciprocal_length_c          ? 
_cell.reciprocal_length_a_esd      ? 
_cell.reciprocal_length_b_esd      ? 
_cell.reciprocal_length_c_esd      ? 
_cell.pdbx_unique_axis             ? 
_cell.pdbx_esd_method              ? 
# 
_symmetry.entry_id                         8XPB 
_symmetry.cell_setting                     ? 
_symmetry.Int_Tables_number                151 
_symmetry.space_group_name_Hall            ? 
_symmetry.space_group_name_H-M             'P 31 1 2' 
_symmetry.pdbx_full_space_group_name_H-M   ? 
# 
_exptl.absorpt_coefficient_mu     ? 
_exptl.absorpt_correction_T_max   ? 
_exptl.absorpt_correction_T_min   ? 
_exptl.absorpt_correction_type    ? 
_exptl.absorpt_process_details    ? 
_exptl.entry_id                   8XPB 
_exptl.crystals_number            1 
_exptl.details                    ? 
_exptl.method                     'X-RAY DIFFRACTION' 
_exptl.method_details             ? 
# 
_exptl_crystal.colour                       ? 
_exptl_crystal.density_diffrn               ? 
_exptl_crystal.density_Matthews             2.54 
_exptl_crystal.density_method               ? 
_exptl_crystal.density_percent_sol          51.52 
_exptl_crystal.description                  ? 
_exptl_crystal.F_000                        ? 
_exptl_crystal.id                           1 
_exptl_crystal.preparation                  ? 
_exptl_crystal.size_max                     ? 
_exptl_crystal.size_mid                     ? 
_exptl_crystal.size_min                     ? 
_exptl_crystal.size_rad                     ? 
_exptl_crystal.colour_lustre                ? 
_exptl_crystal.colour_modifier              ? 
_exptl_crystal.colour_primary               ? 
_exptl_crystal.density_meas                 ? 
_exptl_crystal.density_meas_esd             ? 
_exptl_crystal.density_meas_gt              ? 
_exptl_crystal.density_meas_lt              ? 
_exptl_crystal.density_meas_temp            ? 
_exptl_crystal.density_meas_temp_esd        ? 
_exptl_crystal.density_meas_temp_gt         ? 
_exptl_crystal.density_meas_temp_lt         ? 
_exptl_crystal.pdbx_crystal_image_url       ? 
_exptl_crystal.pdbx_crystal_image_format    ? 
_exptl_crystal.pdbx_mosaicity               ? 
_exptl_crystal.pdbx_mosaicity_esd           ? 
_exptl_crystal.pdbx_mosaic_method           ? 
_exptl_crystal.pdbx_mosaic_block_size       ? 
_exptl_crystal.pdbx_mosaic_block_size_esd   ? 
# 
_exptl_crystal_grow.apparatus       ? 
_exptl_crystal_grow.atmosphere      ? 
_exptl_crystal_grow.crystal_id      1 
_exptl_crystal_grow.details         ? 
_exptl_crystal_grow.method          'VAPOR DIFFUSION, SITTING DROP' 
_exptl_crystal_grow.method_ref      ? 
_exptl_crystal_grow.pH              ? 
_exptl_crystal_grow.pressure        ? 
_exptl_crystal_grow.pressure_esd    ? 
_exptl_crystal_grow.seeding         ? 
_exptl_crystal_grow.seeding_ref     ? 
_exptl_crystal_grow.temp_details    ? 
_exptl_crystal_grow.temp_esd        ? 
_exptl_crystal_grow.time            ? 
_exptl_crystal_grow.pdbx_details    '20mM MES (pH 6), 10mM Spermine HCl, 1% PEG 200, 10mM MnCl2' 
_exptl_crystal_grow.pdbx_pH_range   ? 
_exptl_crystal_grow.temp            293.15 
# 
_diffrn.ambient_environment              ? 
_diffrn.ambient_temp                     100 
_diffrn.ambient_temp_details             ? 
_diffrn.ambient_temp_esd                 ? 
_diffrn.crystal_id                       1 
_diffrn.crystal_support                  ? 
_diffrn.crystal_treatment                ? 
_diffrn.details                          ? 
_diffrn.id                               1 
_diffrn.ambient_pressure                 ? 
_diffrn.ambient_pressure_esd             ? 
_diffrn.ambient_pressure_gt              ? 
_diffrn.ambient_pressure_lt              ? 
_diffrn.ambient_temp_gt                  ? 
_diffrn.ambient_temp_lt                  ? 
_diffrn.pdbx_serial_crystal_experiment   N 
# 
_diffrn_detector.details                      ? 
_diffrn_detector.detector                     CCD 
_diffrn_detector.diffrn_id                    1 
_diffrn_detector.type                         'RAYONIX MX300HE' 
_diffrn_detector.area_resol_mean              ? 
_diffrn_detector.dtime                        ? 
_diffrn_detector.pdbx_frames_total            ? 
_diffrn_detector.pdbx_collection_time_total   ? 
_diffrn_detector.pdbx_collection_date         2018-05-20 
_diffrn_detector.pdbx_frequency               ? 
_diffrn_detector.id                           ? 
_diffrn_detector.number_of_axes               ? 
# 
_diffrn_radiation.collimation                      ? 
_diffrn_radiation.diffrn_id                        1 
_diffrn_radiation.filter_edge                      ? 
_diffrn_radiation.inhomogeneity                    ? 
_diffrn_radiation.monochromator                    ? 
_diffrn_radiation.polarisn_norm                    ? 
_diffrn_radiation.polarisn_ratio                   ? 
_diffrn_radiation.probe                            ? 
_diffrn_radiation.type                             ? 
_diffrn_radiation.xray_symbol                      ? 
_diffrn_radiation.wavelength_id                    1 
_diffrn_radiation.pdbx_monochromatic_or_laue_m_l   M 
_diffrn_radiation.pdbx_wavelength_list             ? 
_diffrn_radiation.pdbx_wavelength                  ? 
_diffrn_radiation.pdbx_diffrn_protocol             'SINGLE WAVELENGTH' 
_diffrn_radiation.pdbx_analyzer                    ? 
_diffrn_radiation.pdbx_scattering_type             x-ray 
# 
_diffrn_radiation_wavelength.id           1 
_diffrn_radiation_wavelength.wavelength   1.00000 
_diffrn_radiation_wavelength.wt           1.0 
# 
_diffrn_source.current                     ? 
_diffrn_source.details                     ? 
_diffrn_source.diffrn_id                   1 
_diffrn_source.power                       ? 
_diffrn_source.size                        ? 
_diffrn_source.source                      SYNCHROTRON 
_diffrn_source.target                      ? 
_diffrn_source.type                        'NSRRC BEAMLINE BL15A1' 
_diffrn_source.voltage                     ? 
_diffrn_source.take-off_angle              ? 
_diffrn_source.pdbx_wavelength_list        1.00000 
_diffrn_source.pdbx_wavelength             ? 
_diffrn_source.pdbx_synchrotron_beamline   BL15A1 
_diffrn_source.pdbx_synchrotron_site       NSRRC 
# 
_reflns.B_iso_Wilson_estimate                          ? 
_reflns.entry_id                                       8XPB 
_reflns.data_reduction_details                         ? 
_reflns.data_reduction_method                          ? 
_reflns.d_resolution_high                              2.00 
_reflns.d_resolution_low                               30.00 
_reflns.details                                        ? 
_reflns.limit_h_max                                    ? 
_reflns.limit_h_min                                    ? 
_reflns.limit_k_max                                    ? 
_reflns.limit_k_min                                    ? 
_reflns.limit_l_max                                    ? 
_reflns.limit_l_min                                    ? 
_reflns.number_all                                     ? 
_reflns.number_obs                                     4107 
_reflns.observed_criterion                             ? 
_reflns.observed_criterion_F_max                       ? 
_reflns.observed_criterion_F_min                       ? 
_reflns.observed_criterion_I_max                       ? 
_reflns.observed_criterion_I_min                       ? 
_reflns.observed_criterion_sigma_F                     ? 
_reflns.observed_criterion_sigma_I                     ? 
_reflns.percent_possible_obs                           100.0 
_reflns.R_free_details                                 ? 
_reflns.Rmerge_F_all                                   ? 
_reflns.Rmerge_F_obs                                   ? 
_reflns.Friedel_coverage                               ? 
_reflns.number_gt                                      ? 
_reflns.threshold_expression                           ? 
_reflns.pdbx_redundancy                                10.8 
_reflns.pdbx_netI_over_av_sigmaI                       ? 
_reflns.pdbx_netI_over_sigmaI                          11.6 
_reflns.pdbx_res_netI_over_av_sigmaI_2                 ? 
_reflns.pdbx_res_netI_over_sigmaI_2                    ? 
_reflns.pdbx_chi_squared                               ? 
_reflns.pdbx_scaling_rejects                           ? 
_reflns.pdbx_d_res_high_opt                            ? 
_reflns.pdbx_d_res_low_opt                             ? 
_reflns.pdbx_d_res_opt_method                          ? 
_reflns.phase_calculation_details                      ? 
_reflns.pdbx_Rrim_I_all                                ? 
_reflns.pdbx_Rpim_I_all                                ? 
_reflns.pdbx_d_opt                                     ? 
_reflns.pdbx_number_measured_all                       ? 
_reflns.pdbx_diffrn_id                                 1 
_reflns.pdbx_ordinal                                   1 
_reflns.pdbx_CC_half                                   ? 
_reflns.pdbx_CC_star                                   ? 
_reflns.pdbx_R_split                                   ? 
_reflns.pdbx_Rmerge_I_obs                              0.049 
_reflns.pdbx_Rmerge_I_all                              ? 
_reflns.pdbx_Rsym_value                                ? 
_reflns.pdbx_CC_split_method                           ? 
_reflns.pdbx_aniso_diffraction_limit_axis_1_ortho[1]   ? 
_reflns.pdbx_aniso_diffraction_limit_axis_1_ortho[2]   ? 
_reflns.pdbx_aniso_diffraction_limit_axis_1_ortho[3]   ? 
_reflns.pdbx_aniso_diffraction_limit_axis_2_ortho[1]   ? 
_reflns.pdbx_aniso_diffraction_limit_axis_2_ortho[2]   ? 
_reflns.pdbx_aniso_diffraction_limit_axis_2_ortho[3]   ? 
_reflns.pdbx_aniso_diffraction_limit_axis_3_ortho[1]   ? 
_reflns.pdbx_aniso_diffraction_limit_axis_3_ortho[2]   ? 
_reflns.pdbx_aniso_diffraction_limit_axis_3_ortho[3]   ? 
_reflns.pdbx_aniso_diffraction_limit_1                 ? 
_reflns.pdbx_aniso_diffraction_limit_2                 ? 
_reflns.pdbx_aniso_diffraction_limit_3                 ? 
_reflns.pdbx_aniso_B_tensor_eigenvector_1_ortho[1]     ? 
_reflns.pdbx_aniso_B_tensor_eigenvector_1_ortho[2]     ? 
_reflns.pdbx_aniso_B_tensor_eigenvector_1_ortho[3]     ? 
_reflns.pdbx_aniso_B_tensor_eigenvector_2_ortho[1]     ? 
_reflns.pdbx_aniso_B_tensor_eigenvector_2_ortho[2]     ? 
_reflns.pdbx_aniso_B_tensor_eigenvector_2_ortho[3]     ? 
_reflns.pdbx_aniso_B_tensor_eigenvector_3_ortho[1]     ? 
_reflns.pdbx_aniso_B_tensor_eigenvector_3_ortho[2]     ? 
_reflns.pdbx_aniso_B_tensor_eigenvector_3_ortho[3]     ? 
_reflns.pdbx_aniso_B_tensor_eigenvalue_1               ? 
_reflns.pdbx_aniso_B_tensor_eigenvalue_2               ? 
_reflns.pdbx_aniso_B_tensor_eigenvalue_3               ? 
_reflns.pdbx_orthogonalization_convention              ? 
_reflns.pdbx_percent_possible_ellipsoidal              ? 
_reflns.pdbx_percent_possible_spherical                ? 
_reflns.pdbx_percent_possible_ellipsoidal_anomalous    ? 
_reflns.pdbx_percent_possible_spherical_anomalous      ? 
_reflns.pdbx_redundancy_anomalous                      ? 
_reflns.pdbx_CC_half_anomalous                         ? 
_reflns.pdbx_absDiff_over_sigma_anomalous              ? 
_reflns.pdbx_percent_possible_anomalous                ? 
_reflns.pdbx_observed_signal_threshold                 ? 
_reflns.pdbx_signal_type                               ? 
_reflns.pdbx_signal_details                            ? 
_reflns.pdbx_signal_software_id                        ? 
# 
loop_
_reflns_shell.d_res_high 
_reflns_shell.d_res_low 
_reflns_shell.meanI_over_sigI_all 
_reflns_shell.meanI_over_sigI_obs 
_reflns_shell.number_measured_all 
_reflns_shell.number_measured_obs 
_reflns_shell.number_possible 
_reflns_shell.number_unique_all 
_reflns_shell.number_unique_obs 
_reflns_shell.percent_possible_obs 
_reflns_shell.Rmerge_F_all 
_reflns_shell.Rmerge_F_obs 
_reflns_shell.meanI_over_sigI_gt 
_reflns_shell.meanI_over_uI_all 
_reflns_shell.meanI_over_uI_gt 
_reflns_shell.number_measured_gt 
_reflns_shell.number_unique_gt 
_reflns_shell.percent_possible_gt 
_reflns_shell.Rmerge_F_gt 
_reflns_shell.Rmerge_I_gt 
_reflns_shell.pdbx_redundancy 
_reflns_shell.pdbx_chi_squared 
_reflns_shell.pdbx_netI_over_sigmaI_all 
_reflns_shell.pdbx_netI_over_sigmaI_obs 
_reflns_shell.pdbx_Rrim_I_all 
_reflns_shell.pdbx_Rpim_I_all 
_reflns_shell.pdbx_rejects 
_reflns_shell.pdbx_ordinal 
_reflns_shell.pdbx_diffrn_id 
_reflns_shell.pdbx_CC_half 
_reflns_shell.pdbx_CC_star 
_reflns_shell.pdbx_R_split 
_reflns_shell.percent_possible_all 
_reflns_shell.Rmerge_I_all 
_reflns_shell.Rmerge_I_obs 
_reflns_shell.pdbx_Rsym_value 
_reflns_shell.pdbx_percent_possible_ellipsoidal 
_reflns_shell.pdbx_percent_possible_spherical 
_reflns_shell.pdbx_percent_possible_ellipsoidal_anomalous 
_reflns_shell.pdbx_percent_possible_spherical_anomalous 
_reflns_shell.pdbx_redundancy_anomalous 
_reflns_shell.pdbx_CC_half_anomalous 
_reflns_shell.pdbx_absDiff_over_sigma_anomalous 
_reflns_shell.pdbx_percent_possible_anomalous 
2.00 2.07  ? ? ? ? ? ? 410 ? ? ? ? ? ? ? ? ? ? ? 10.4 1.089 ? ? 0.508 0.156 ? 1  1 0.978 0.994 ? 100.0 ? 0.483 ? ? ? ? ? ? ? ? ? 
2.07 2.15  ? ? ? ? ? ? 403 ? ? ? ? ? ? ? ? ? ? ? 10.8 1.131 ? ? 0.406 0.123 ? 2  1 0.980 0.995 ? 100.0 ? 0.387 ? ? ? ? ? ? ? ? ? 
2.15 2.25  ? ? ? ? ? ? 398 ? ? ? ? ? ? ? ? ? ? ? 11.1 1.141 ? ? 0.319 0.095 ? 3  1 0.990 0.998 ? 100.0 ? 0.304 ? ? ? ? ? ? ? ? ? 
2.25 2.37  ? ? ? ? ? ? 410 ? ? ? ? ? ? ? ? ? ? ? 11.1 1.147 ? ? 0.201 0.061 ? 4  1 0.995 0.999 ? 100.0 ? 0.191 ? ? ? ? ? ? ? ? ? 
2.37 2.52  ? ? ? ? ? ? 406 ? ? ? ? ? ? ? ? ? ? ? 11.0 1.179 ? ? 0.140 0.042 ? 5  1 0.998 1.000 ? 100.0 ? 0.133 ? ? ? ? ? ? ? ? ? 
2.52 2.71  ? ? ? ? ? ? 401 ? ? ? ? ? ? ? ? ? ? ? 11.1 1.091 ? ? 0.139 0.042 ? 6  1 0.997 0.999 ? 100.0 ? 0.133 ? ? ? ? ? ? ? ? ? 
2.71 2.99  ? ? ? ? ? ? 416 ? ? ? ? ? ? ? ? ? ? ? 11.0 0.989 ? ? 0.076 0.023 ? 7  1 0.999 1.000 ? 100.0 ? 0.072 ? ? ? ? ? ? ? ? ? 
2.99 3.42  ? ? ? ? ? ? 404 ? ? ? ? ? ? ? ? ? ? ? 10.9 1.057 ? ? 0.036 0.011 ? 8  1 1.000 1.000 ? 100.0 ? 0.035 ? ? ? ? ? ? ? ? ? 
3.42 4.31  ? ? ? ? ? ? 418 ? ? ? ? ? ? ? ? ? ? ? 10.8 0.906 ? ? 0.045 0.014 ? 9  1 0.999 1.000 ? 100.0 ? 0.043 ? ? ? ? ? ? ? ? ? 
4.31 30.00 ? ? ? ? ? ? 441 ? ? ? ? ? ? ? ? ? ? ? 10.2 0.969 ? ? 0.027 0.008 ? 10 1 1.000 1.000 ? 99.5  ? 0.026 ? ? ? ? ? ? ? ? ? 
# 
_refine.aniso_B[1][1]                            ? 
_refine.aniso_B[1][2]                            ? 
_refine.aniso_B[1][3]                            ? 
_refine.aniso_B[2][2]                            ? 
_refine.aniso_B[2][3]                            ? 
_refine.aniso_B[3][3]                            ? 
_refine.B_iso_max                                ? 
_refine.B_iso_mean                               ? 
_refine.B_iso_min                                ? 
_refine.correlation_coeff_Fo_to_Fc               ? 
_refine.correlation_coeff_Fo_to_Fc_free          ? 
_refine.details                                  ? 
_refine.diff_density_max                         ? 
_refine.diff_density_max_esd                     ? 
_refine.diff_density_min                         ? 
_refine.diff_density_min_esd                     ? 
_refine.diff_density_rms                         ? 
_refine.diff_density_rms_esd                     ? 
_refine.entry_id                                 8XPB 
_refine.pdbx_refine_id                           'X-RAY DIFFRACTION' 
_refine.ls_abs_structure_details                 ? 
_refine.ls_abs_structure_Flack                   ? 
_refine.ls_abs_structure_Flack_esd               ? 
_refine.ls_abs_structure_Rogers                  ? 
_refine.ls_abs_structure_Rogers_esd              ? 
_refine.ls_d_res_high                            2.00 
_refine.ls_d_res_low                             20.86 
_refine.ls_extinction_coef                       ? 
_refine.ls_extinction_coef_esd                   ? 
_refine.ls_extinction_expression                 ? 
_refine.ls_extinction_method                     ? 
_refine.ls_goodness_of_fit_all                   ? 
_refine.ls_goodness_of_fit_all_esd               ? 
_refine.ls_goodness_of_fit_obs                   ? 
_refine.ls_goodness_of_fit_obs_esd               ? 
_refine.ls_hydrogen_treatment                    ? 
_refine.ls_matrix_type                           ? 
_refine.ls_number_constraints                    ? 
_refine.ls_number_parameters                     ? 
_refine.ls_number_reflns_all                     ? 
_refine.ls_number_reflns_obs                     4052 
_refine.ls_number_reflns_R_free                  404 
_refine.ls_number_reflns_R_work                  ? 
_refine.ls_number_restraints                     ? 
_refine.ls_percent_reflns_obs                    98.90 
_refine.ls_percent_reflns_R_free                 9.97 
_refine.ls_R_factor_all                          ? 
_refine.ls_R_factor_obs                          0.2116 
_refine.ls_R_factor_R_free                       0.2159 
_refine.ls_R_factor_R_free_error                 ? 
_refine.ls_R_factor_R_free_error_details         ? 
_refine.ls_R_factor_R_work                       0.2107 
_refine.ls_R_Fsqd_factor_obs                     ? 
_refine.ls_R_I_factor_obs                        ? 
_refine.ls_redundancy_reflns_all                 ? 
_refine.ls_redundancy_reflns_obs                 ? 
_refine.ls_restrained_S_all                      ? 
_refine.ls_restrained_S_obs                      ? 
_refine.ls_shift_over_esd_max                    ? 
_refine.ls_shift_over_esd_mean                   ? 
_refine.ls_structure_factor_coef                 ? 
_refine.ls_weighting_details                     ? 
_refine.ls_weighting_scheme                      ? 
_refine.ls_wR_factor_all                         ? 
_refine.ls_wR_factor_obs                         ? 
_refine.ls_wR_factor_R_free                      ? 
_refine.ls_wR_factor_R_work                      ? 
_refine.occupancy_max                            ? 
_refine.occupancy_min                            ? 
_refine.solvent_model_details                    'FLAT BULK SOLVENT MODEL' 
_refine.solvent_model_param_bsol                 ? 
_refine.solvent_model_param_ksol                 ? 
_refine.pdbx_R_complete                          ? 
_refine.ls_R_factor_gt                           ? 
_refine.ls_goodness_of_fit_gt                    ? 
_refine.ls_goodness_of_fit_ref                   ? 
_refine.ls_shift_over_su_max                     ? 
_refine.ls_shift_over_su_max_lt                  ? 
_refine.ls_shift_over_su_mean                    ? 
_refine.ls_shift_over_su_mean_lt                 ? 
_refine.pdbx_ls_sigma_I                          ? 
_refine.pdbx_ls_sigma_F                          1.39 
_refine.pdbx_ls_sigma_Fsqd                       ? 
_refine.pdbx_data_cutoff_high_absF               ? 
_refine.pdbx_data_cutoff_high_rms_absF           ? 
_refine.pdbx_data_cutoff_low_absF                ? 
_refine.pdbx_isotropic_thermal_model             ? 
_refine.pdbx_ls_cross_valid_method               NONE 
_refine.pdbx_method_to_determine_struct          'MOLECULAR REPLACEMENT' 
_refine.pdbx_starting_model                      ? 
_refine.pdbx_stereochemistry_target_values       ML 
_refine.pdbx_R_Free_selection_details            ? 
_refine.pdbx_stereochem_target_val_spec_case     ? 
_refine.pdbx_overall_ESU_R                       ? 
_refine.pdbx_overall_ESU_R_Free                  ? 
_refine.pdbx_solvent_vdw_probe_radii             1.10 
_refine.pdbx_solvent_ion_probe_radii             ? 
_refine.pdbx_solvent_shrinkage_radii             0.90 
_refine.pdbx_real_space_R                        ? 
_refine.pdbx_density_correlation                 ? 
_refine.pdbx_pd_number_of_powder_patterns        ? 
_refine.pdbx_pd_number_of_points                 ? 
_refine.pdbx_pd_meas_number_of_points            ? 
_refine.pdbx_pd_proc_ls_prof_R_factor            ? 
_refine.pdbx_pd_proc_ls_prof_wR_factor           ? 
_refine.pdbx_pd_Marquardt_correlation_coeff      ? 
_refine.pdbx_pd_Fsqrd_R_factor                   ? 
_refine.pdbx_pd_ls_matrix_band_width             ? 
_refine.pdbx_overall_phase_error                 28.12 
_refine.pdbx_overall_SU_R_free_Cruickshank_DPI   ? 
_refine.pdbx_overall_SU_R_free_Blow_DPI          ? 
_refine.pdbx_overall_SU_R_Blow_DPI               ? 
_refine.pdbx_TLS_residual_ADP_flag               ? 
_refine.pdbx_diffrn_id                           1 
_refine.overall_SU_B                             ? 
_refine.overall_SU_ML                            0.22 
_refine.overall_SU_R_Cruickshank_DPI             ? 
_refine.overall_SU_R_free                        ? 
_refine.overall_FOM_free_R_set                   ? 
_refine.overall_FOM_work_R_set                   ? 
_refine.pdbx_average_fsc_overall                 ? 
_refine.pdbx_average_fsc_work                    ? 
_refine.pdbx_average_fsc_free                    ? 
# 
_refine_hist.pdbx_refine_id                   'X-RAY DIFFRACTION' 
_refine_hist.cycle_id                         LAST 
_refine_hist.details                          ? 
_refine_hist.d_res_high                       2.00 
_refine_hist.d_res_low                        20.86 
_refine_hist.number_atoms_solvent             20 
_refine_hist.number_atoms_total               458 
_refine_hist.number_reflns_all                ? 
_refine_hist.number_reflns_obs                ? 
_refine_hist.number_reflns_R_free             ? 
_refine_hist.number_reflns_R_work             ? 
_refine_hist.R_factor_all                     ? 
_refine_hist.R_factor_obs                     ? 
_refine_hist.R_factor_R_free                  ? 
_refine_hist.R_factor_R_work                  ? 
_refine_hist.pdbx_number_residues_total       ? 
_refine_hist.pdbx_B_iso_mean_ligand           ? 
_refine_hist.pdbx_B_iso_mean_solvent          ? 
_refine_hist.pdbx_number_atoms_protein        0 
_refine_hist.pdbx_number_atoms_nucleic_acid   281 
_refine_hist.pdbx_number_atoms_ligand         157 
_refine_hist.pdbx_number_atoms_lipid          ? 
_refine_hist.pdbx_number_atoms_carb           ? 
_refine_hist.pdbx_pseudo_atom_details         ? 
# 
loop_
_refine_ls_restr.pdbx_refine_id 
_refine_ls_restr.criterion 
_refine_ls_restr.dev_ideal 
_refine_ls_restr.dev_ideal_target 
_refine_ls_restr.number 
_refine_ls_restr.rejects 
_refine_ls_restr.type 
_refine_ls_restr.weight 
_refine_ls_restr.pdbx_restraint_function 
'X-RAY DIFFRACTION' ? 0.011  ? ?   ? f_bond_d           ? ? 
'X-RAY DIFFRACTION' ? 2.061  ? ?   ? f_angle_d          ? ? 
'X-RAY DIFFRACTION' ? 32.355 ? 146 ? f_dihedral_angle_d ? ? 
'X-RAY DIFFRACTION' ? 0.173  ? 72  ? f_chiral_restr     ? ? 
'X-RAY DIFFRACTION' ? 0.009  ? 38  ? f_plane_restr      ? ? 
# 
loop_
_refine_ls_shell.pdbx_refine_id 
_refine_ls_shell.d_res_high 
_refine_ls_shell.d_res_low 
_refine_ls_shell.number_reflns_all 
_refine_ls_shell.number_reflns_obs 
_refine_ls_shell.number_reflns_R_free 
_refine_ls_shell.number_reflns_R_work 
_refine_ls_shell.percent_reflns_obs 
_refine_ls_shell.percent_reflns_R_free 
_refine_ls_shell.R_factor_all 
_refine_ls_shell.R_factor_obs 
_refine_ls_shell.R_factor_R_free_error 
_refine_ls_shell.R_factor_R_work 
_refine_ls_shell.redundancy_reflns_all 
_refine_ls_shell.redundancy_reflns_obs 
_refine_ls_shell.wR_factor_all 
_refine_ls_shell.wR_factor_obs 
_refine_ls_shell.wR_factor_R_free 
_refine_ls_shell.wR_factor_R_work 
_refine_ls_shell.pdbx_R_complete 
_refine_ls_shell.pdbx_total_number_of_bins_used 
_refine_ls_shell.pdbx_phase_error 
_refine_ls_shell.pdbx_fsc_work 
_refine_ls_shell.pdbx_fsc_free 
_refine_ls_shell.R_factor_R_free 
'X-RAY DIFFRACTION' 2.00 2.29 . . 129 1213 99.00 . . . . 0.2693 . . . . . . . . . . . 0.3300 
'X-RAY DIFFRACTION' 2.29 2.88 . . 136 1206 99.00 . . . . 0.2709 . . . . . . . . . . . 0.2784 
'X-RAY DIFFRACTION' 2.89 10   . . 139 1229 98.00 . . . . 0.1763 . . . . . . . . . . . 0.1763 
# 
_struct.entry_id                     8XPB 
_struct.title                        'Crystal structure of d(ACGCCGT/ACGGCGT) in complex with Echinomycin' 
_struct.pdbx_model_details           ? 
_struct.pdbx_formula_weight          ? 
_struct.pdbx_formula_weight_method   ? 
_struct.pdbx_model_type_details      ? 
_struct.pdbx_CASP_flag               N 
# 
_struct_keywords.entry_id        8XPB 
_struct_keywords.text            'complex, DNA, DNA-ANTIBIOTIC complex' 
_struct_keywords.pdbx_keywords   DNA/ANTIBIOTIC 
# 
loop_
_struct_asym.id 
_struct_asym.pdbx_blank_PDB_chainid_flag 
_struct_asym.pdbx_modified 
_struct_asym.entity_id 
_struct_asym.details 
A N N 1 ? 
B N N 2 ? 
C N N 3 ? 
D N N 3 ? 
E N N 4 ? 
F N N 4 ? 
G N N 4 ? 
H N N 5 ? 
I N N 5 ? 
J N N 5 ? 
K N N 5 ? 
L N N 6 ? 
M N N 6 ? 
N N N 6 ? 
# 
loop_
_struct_ref.id 
_struct_ref.db_name 
_struct_ref.db_code 
_struct_ref.pdbx_db_accession 
_struct_ref.pdbx_db_isoform 
_struct_ref.entity_id 
_struct_ref.pdbx_seq_one_letter_code 
_struct_ref.pdbx_align_begin 
1 PDB 8XPB 8XPB ? 1 ? 1 
2 PDB 8XPB 8XPB ? 2 ? 1 
3 PDB 8XPB 8XPB ? 3 ? 1 
# 
loop_
_struct_ref_seq.align_id 
_struct_ref_seq.ref_id 
_struct_ref_seq.pdbx_PDB_id_code 
_struct_ref_seq.pdbx_strand_id 
_struct_ref_seq.seq_align_beg 
_struct_ref_seq.pdbx_seq_align_beg_ins_code 
_struct_ref_seq.seq_align_end 
_struct_ref_seq.pdbx_seq_align_end_ins_code 
_struct_ref_seq.pdbx_db_accession 
_struct_ref_seq.db_align_beg 
_struct_ref_seq.pdbx_db_align_beg_ins_code 
_struct_ref_seq.db_align_end 
_struct_ref_seq.pdbx_db_align_end_ins_code 
_struct_ref_seq.pdbx_auth_seq_align_beg 
_struct_ref_seq.pdbx_auth_seq_align_end 
1 1 8XPB A 1 ? 7 ? 8XPB 1 ? 7 ? 1 7 
2 2 8XPB B 1 ? 7 ? 8XPB 1 ? 7 ? 1 7 
3 3 8XPB D 1 ? 8 ? 8XPB 1 ? 8 ? 1 8 
4 3 8XPB E 1 ? 8 ? 8XPB 1 ? 8 ? 1 8 
# 
_pdbx_struct_assembly.id                   1 
_pdbx_struct_assembly.details              author_defined_assembly 
_pdbx_struct_assembly.method_details       ? 
_pdbx_struct_assembly.oligomeric_details   tetrameric 
_pdbx_struct_assembly.oligomeric_count     4 
# 
_pdbx_struct_assembly_gen.assembly_id       1 
_pdbx_struct_assembly_gen.oper_expression   1 
_pdbx_struct_assembly_gen.asym_id_list      A,B,C,D,E,F,G,H,I,J,K,L,M,N 
# 
_pdbx_struct_oper_list.id                   1 
_pdbx_struct_oper_list.type                 'identity operation' 
_pdbx_struct_oper_list.name                 1_555 
_pdbx_struct_oper_list.symmetry_operation   x,y,z 
_pdbx_struct_oper_list.matrix[1][1]         1.0000000000 
_pdbx_struct_oper_list.matrix[1][2]         0.0000000000 
_pdbx_struct_oper_list.matrix[1][3]         0.0000000000 
_pdbx_struct_oper_list.vector[1]            0.0000000000 
_pdbx_struct_oper_list.matrix[2][1]         0.0000000000 
_pdbx_struct_oper_list.matrix[2][2]         1.0000000000 
_pdbx_struct_oper_list.matrix[2][3]         0.0000000000 
_pdbx_struct_oper_list.vector[2]            0.0000000000 
_pdbx_struct_oper_list.matrix[3][1]         0.0000000000 
_pdbx_struct_oper_list.matrix[3][2]         0.0000000000 
_pdbx_struct_oper_list.matrix[3][3]         1.0000000000 
_pdbx_struct_oper_list.vector[3]            0.0000000000 
# 
loop_
_struct_conn.id 
_struct_conn.conn_type_id 
_struct_conn.pdbx_leaving_atom_flag 
_struct_conn.pdbx_PDB_id 
_struct_conn.ptnr1_label_asym_id 
_struct_conn.ptnr1_label_comp_id 
_struct_conn.ptnr1_label_seq_id 
_struct_conn.ptnr1_label_atom_id 
_struct_conn.pdbx_ptnr1_label_alt_id 
_struct_conn.pdbx_ptnr1_PDB_ins_code 
_struct_conn.pdbx_ptnr1_standard_comp_id 
_struct_conn.ptnr1_symmetry 
_struct_conn.ptnr2_label_asym_id 
_struct_conn.ptnr2_label_comp_id 
_struct_conn.ptnr2_label_seq_id 
_struct_conn.ptnr2_label_atom_id 
_struct_conn.pdbx_ptnr2_label_alt_id 
_struct_conn.pdbx_ptnr2_PDB_ins_code 
_struct_conn.ptnr1_auth_asym_id 
_struct_conn.ptnr1_auth_comp_id 
_struct_conn.ptnr1_auth_seq_id 
_struct_conn.ptnr2_auth_asym_id 
_struct_conn.ptnr2_auth_comp_id 
_struct_conn.ptnr2_auth_seq_id 
_struct_conn.ptnr2_symmetry 
_struct_conn.pdbx_ptnr3_label_atom_id 
_struct_conn.pdbx_ptnr3_label_seq_id 
_struct_conn.pdbx_ptnr3_label_comp_id 
_struct_conn.pdbx_ptnr3_label_asym_id 
_struct_conn.pdbx_ptnr3_label_alt_id 
_struct_conn.pdbx_ptnr3_PDB_ins_code 
_struct_conn.details 
_struct_conn.pdbx_dist_value 
_struct_conn.pdbx_value_order 
_struct_conn.pdbx_role 
disulf1  disulf ?    ? C N2C 3 SG ? ? ? 1_555 C NCY 7 SG ? ? D N2C 3   D NCY 7   1_555 ? ? ? ? ? ? ?            2.892 ? ? 
disulf2  disulf ?    ? D N2C 3 SG ? ? ? 1_555 D NCY 7 SG ? ? E N2C 3   E NCY 7   1_555 ? ? ? ? ? ? ?            2.900 ? ? 
covale1  covale both ? C DSN 1 C  ? ? ? 1_555 C ALA 2 N  ? ? D DSN 1   D ALA 2   1_555 ? ? ? ? ? ? ?            1.455 ? ? 
covale2  covale one  ? C DSN 1 OG ? ? ? 1_555 C MVA 8 C  ? ? D DSN 1   D MVA 8   1_555 ? ? ? ? ? ? ?            1.407 ? ? 
covale3  covale both ? C DSN 1 N  ? ? ? 1_555 H QUI . C  ? ? D DSN 1   D QUI 101 1_555 ? ? ? ? ? ? ?            1.458 ? ? 
covale4  covale both ? C ALA 2 C  ? ? ? 1_555 C N2C 3 N  ? ? D ALA 2   D N2C 3   1_555 ? ? ? ? ? ? ?            1.471 ? ? 
covale5  covale both ? C N2C 3 C  ? ? ? 1_555 C MVA 4 N  ? ? D N2C 3   D MVA 4   1_555 ? ? ? ? ? ? ?            1.480 ? ? 
covale6  covale both ? C N2C 3 CB ? ? ? 1_555 C NCY 7 SG ? ? D N2C 3   D NCY 7   1_555 ? ? ? ? ? ? ?            1.835 ? ? 
covale7  covale one  ? C MVA 4 C  ? ? ? 1_555 C DSN 5 OG ? ? D MVA 4   D DSN 5   1_555 ? ? ? ? ? ? ?            1.415 ? ? 
covale8  covale both ? C DSN 5 C  ? ? ? 1_555 C ALA 6 N  ? ? D DSN 5   D ALA 6   1_555 ? ? ? ? ? ? ?            1.459 ? ? 
covale9  covale both ? C DSN 5 N  ? ? ? 1_555 I QUI . C  ? ? D DSN 5   D QUI 102 1_555 ? ? ? ? ? ? ?            1.448 ? ? 
covale10 covale both ? C ALA 6 C  ? ? ? 1_555 C NCY 7 N  ? ? D ALA 6   D NCY 7   1_555 ? ? ? ? ? ? ?            1.454 ? ? 
covale11 covale both ? C NCY 7 C  ? ? ? 1_555 C MVA 8 N  ? ? D NCY 7   D MVA 8   1_555 ? ? ? ? ? ? ?            1.473 ? ? 
covale12 covale both ? D DSN 1 C  ? ? ? 1_555 D ALA 2 N  ? ? E DSN 1   E ALA 2   1_555 ? ? ? ? ? ? ?            1.463 ? ? 
covale13 covale one  ? D DSN 1 OG ? ? ? 1_555 D MVA 8 C  ? ? E DSN 1   E MVA 8   1_555 ? ? ? ? ? ? ?            1.414 ? ? 
covale14 covale both ? D DSN 1 N  ? ? ? 1_555 J QUI . C  ? ? E DSN 1   E QUI 101 1_555 ? ? ? ? ? ? ?            1.448 ? ? 
covale15 covale both ? D ALA 2 C  ? ? ? 1_555 D N2C 3 N  ? ? E ALA 2   E N2C 3   1_555 ? ? ? ? ? ? ?            1.474 ? ? 
covale16 covale both ? D N2C 3 C  ? ? ? 1_555 D MVA 4 N  ? ? E N2C 3   E MVA 4   1_555 ? ? ? ? ? ? ?            1.472 ? ? 
covale17 covale both ? D N2C 3 CB ? ? ? 1_555 D NCY 7 SG ? ? E N2C 3   E NCY 7   1_555 ? ? ? ? ? ? ?            1.834 ? ? 
covale18 covale one  ? D MVA 4 C  ? ? ? 1_555 D DSN 5 OG ? ? E MVA 4   E DSN 5   1_555 ? ? ? ? ? ? ?            1.411 ? ? 
covale19 covale both ? D DSN 5 C  ? ? ? 1_555 D ALA 6 N  ? ? E DSN 5   E ALA 6   1_555 ? ? ? ? ? ? ?            1.454 ? ? 
covale20 covale both ? D DSN 5 N  ? ? ? 1_555 K QUI . C  ? ? E DSN 5   E QUI 102 1_555 ? ? ? ? ? ? ?            1.454 ? ? 
covale21 covale both ? D ALA 6 C  ? ? ? 1_555 D NCY 7 N  ? ? E ALA 6   E NCY 7   1_555 ? ? ? ? ? ? ?            1.457 ? ? 
covale22 covale both ? D NCY 7 C  ? ? ? 1_555 D MVA 8 N  ? ? E NCY 7   E MVA 8   1_555 ? ? ? ? ? ? ?            1.475 ? ? 
metalc1  metalc ?    ? A DG  3 N7 ? ? ? 1_555 E MN  . MN ? ? A DG  3   A MN  101 1_555 ? ? ? ? ? ? ?            2.211 ? ? 
metalc2  metalc ?    ? A DG  6 N7 ? ? ? 1_555 F MN  . MN ? ? A DG  6   A MN  102 1_555 ? ? ? ? ? ? ?            2.329 ? ? 
metalc3  metalc ?    ? E MN  . MN ? ? ? 1_555 L HOH . O  ? ? A MN  101 A HOH 203 1_555 ? ? ? ? ? ? ?            2.173 ? ? 
metalc4  metalc ?    ? E MN  . MN ? ? ? 1_555 L HOH . O  ? ? A MN  101 A HOH 209 1_555 ? ? ? ? ? ? ?            2.393 ? ? 
metalc5  metalc ?    ? E MN  . MN ? ? ? 6_557 B DG  3 N7 ? ? A MN  101 B DG  3   1_555 ? ? ? ? ? ? ?            2.183 ? ? 
metalc6  metalc ?    ? E MN  . MN ? ? ? 1_555 M HOH . O  ? ? A MN  101 B HOH 202 6_557 ? ? ? ? ? ? ?            2.094 ? ? 
metalc7  metalc ?    ? E MN  . MN ? ? ? 1_555 M HOH . O  ? ? A MN  101 B HOH 207 6_557 ? ? ? ? ? ? ?            2.539 ? ? 
metalc8  metalc ?    ? B DG  6 N7 ? ? ? 1_555 G MN  . MN ? ? B DG  6   B MN  101 1_555 ? ? ? ? ? ? ?            2.330 ? ? 
hydrog1  hydrog ?    ? A DA  1 N1 ? ? ? 1_555 B DT  7 N3 ? ? A DA  1   B DT  7   1_555 ? ? ? ? ? ? WATSON-CRICK ?     ? ? 
hydrog2  hydrog ?    ? A DA  1 N6 ? ? ? 1_555 B DT  7 O4 ? ? A DA  1   B DT  7   1_555 ? ? ? ? ? ? WATSON-CRICK ?     ? ? 
hydrog3  hydrog ?    ? A DC  2 N3 ? ? ? 1_555 B DG  6 N1 ? ? A DC  2   B DG  6   1_555 ? ? ? ? ? ? WATSON-CRICK ?     ? ? 
hydrog4  hydrog ?    ? A DC  2 N4 ? ? ? 1_555 B DG  6 O6 ? ? A DC  2   B DG  6   1_555 ? ? ? ? ? ? WATSON-CRICK ?     ? ? 
hydrog5  hydrog ?    ? A DC  2 O2 ? ? ? 1_555 B DG  6 N2 ? ? A DC  2   B DG  6   1_555 ? ? ? ? ? ? WATSON-CRICK ?     ? ? 
hydrog6  hydrog ?    ? A DG  3 N1 ? ? ? 1_555 B DC  5 N3 ? ? A DG  3   B DC  5   1_555 ? ? ? ? ? ? WATSON-CRICK ?     ? ? 
hydrog7  hydrog ?    ? A DG  3 N2 ? ? ? 1_555 B DC  5 O2 ? ? A DG  3   B DC  5   1_555 ? ? ? ? ? ? WATSON-CRICK ?     ? ? 
hydrog8  hydrog ?    ? A DG  3 O6 ? ? ? 1_555 B DC  5 N4 ? ? A DG  3   B DC  5   1_555 ? ? ? ? ? ? WATSON-CRICK ?     ? ? 
hydrog9  hydrog ?    ? A DG  4 N1 ? ? ? 1_555 B DC  4 N3 ? ? A DG  4   B DC  4   1_555 ? ? ? ? ? ? WATSON-CRICK ?     ? ? 
hydrog10 hydrog ?    ? A DG  4 N2 ? ? ? 1_555 B DC  4 O2 ? ? A DG  4   B DC  4   1_555 ? ? ? ? ? ? WATSON-CRICK ?     ? ? 
hydrog11 hydrog ?    ? A DG  4 O6 ? ? ? 1_555 B DC  4 N4 ? ? A DG  4   B DC  4   1_555 ? ? ? ? ? ? WATSON-CRICK ?     ? ? 
hydrog12 hydrog ?    ? A DC  5 N3 ? ? ? 1_555 B DG  3 N1 ? ? A DC  5   B DG  3   1_555 ? ? ? ? ? ? WATSON-CRICK ?     ? ? 
hydrog13 hydrog ?    ? A DC  5 N4 ? ? ? 1_555 B DG  3 O6 ? ? A DC  5   B DG  3   1_555 ? ? ? ? ? ? WATSON-CRICK ?     ? ? 
hydrog14 hydrog ?    ? A DC  5 O2 ? ? ? 1_555 B DG  3 N2 ? ? A DC  5   B DG  3   1_555 ? ? ? ? ? ? WATSON-CRICK ?     ? ? 
hydrog15 hydrog ?    ? A DG  6 N1 ? ? ? 1_555 B DC  2 N3 ? ? A DG  6   B DC  2   1_555 ? ? ? ? ? ? WATSON-CRICK ?     ? ? 
hydrog16 hydrog ?    ? A DG  6 N2 ? ? ? 1_555 B DC  2 O2 ? ? A DG  6   B DC  2   1_555 ? ? ? ? ? ? WATSON-CRICK ?     ? ? 
hydrog17 hydrog ?    ? A DG  6 O6 ? ? ? 1_555 B DC  2 N4 ? ? A DG  6   B DC  2   1_555 ? ? ? ? ? ? WATSON-CRICK ?     ? ? 
hydrog18 hydrog ?    ? A DT  7 N3 ? ? ? 1_555 B DA  1 N1 ? ? A DT  7   B DA  1   1_555 ? ? ? ? ? ? WATSON-CRICK ?     ? ? 
hydrog19 hydrog ?    ? A DT  7 O4 ? ? ? 1_555 B DA  1 N6 ? ? A DT  7   B DA  1   1_555 ? ? ? ? ? ? WATSON-CRICK ?     ? ? 
# 
loop_
_struct_conn_type.id 
_struct_conn_type.criteria 
_struct_conn_type.reference 
disulf ? ? 
covale ? ? 
metalc ? ? 
hydrog ? ? 
# 
loop_
_pdbx_struct_conn_angle.id 
_pdbx_struct_conn_angle.ptnr1_label_atom_id 
_pdbx_struct_conn_angle.ptnr1_label_alt_id 
_pdbx_struct_conn_angle.ptnr1_label_asym_id 
_pdbx_struct_conn_angle.ptnr1_label_comp_id 
_pdbx_struct_conn_angle.ptnr1_label_seq_id 
_pdbx_struct_conn_angle.ptnr1_auth_atom_id 
_pdbx_struct_conn_angle.ptnr1_auth_asym_id 
_pdbx_struct_conn_angle.ptnr1_auth_comp_id 
_pdbx_struct_conn_angle.ptnr1_auth_seq_id 
_pdbx_struct_conn_angle.ptnr1_PDB_ins_code 
_pdbx_struct_conn_angle.ptnr1_symmetry 
_pdbx_struct_conn_angle.ptnr2_label_atom_id 
_pdbx_struct_conn_angle.ptnr2_label_alt_id 
_pdbx_struct_conn_angle.ptnr2_label_asym_id 
_pdbx_struct_conn_angle.ptnr2_label_comp_id 
_pdbx_struct_conn_angle.ptnr2_label_seq_id 
_pdbx_struct_conn_angle.ptnr2_auth_atom_id 
_pdbx_struct_conn_angle.ptnr2_auth_asym_id 
_pdbx_struct_conn_angle.ptnr2_auth_comp_id 
_pdbx_struct_conn_angle.ptnr2_auth_seq_id 
_pdbx_struct_conn_angle.ptnr2_PDB_ins_code 
_pdbx_struct_conn_angle.ptnr2_symmetry 
_pdbx_struct_conn_angle.ptnr3_label_atom_id 
_pdbx_struct_conn_angle.ptnr3_label_alt_id 
_pdbx_struct_conn_angle.ptnr3_label_asym_id 
_pdbx_struct_conn_angle.ptnr3_label_comp_id 
_pdbx_struct_conn_angle.ptnr3_label_seq_id 
_pdbx_struct_conn_angle.ptnr3_auth_atom_id 
_pdbx_struct_conn_angle.ptnr3_auth_asym_id 
_pdbx_struct_conn_angle.ptnr3_auth_comp_id 
_pdbx_struct_conn_angle.ptnr3_auth_seq_id 
_pdbx_struct_conn_angle.ptnr3_PDB_ins_code 
_pdbx_struct_conn_angle.ptnr3_symmetry 
_pdbx_struct_conn_angle.value 
_pdbx_struct_conn_angle.value_esd 
1  N7 ? A DG  3 ? A DG  3   ? 1_555 MN ? E MN . ? A MN 101 ? 1_555 O  ? L HOH . ? A HOH 203 ? 1_555 90.2  ? 
2  N7 ? A DG  3 ? A DG  3   ? 1_555 MN ? E MN . ? A MN 101 ? 1_555 O  ? L HOH . ? A HOH 209 ? 1_555 89.7  ? 
3  O  ? L HOH . ? A HOH 203 ? 1_555 MN ? E MN . ? A MN 101 ? 1_555 O  ? L HOH . ? A HOH 209 ? 1_555 177.0 ? 
4  N7 ? A DG  3 ? A DG  3   ? 1_555 MN ? E MN . ? A MN 101 ? 1_555 N7 ? B DG  3 ? B DG  3   ? 1_555 82.4  ? 
5  O  ? L HOH . ? A HOH 203 ? 1_555 MN ? E MN . ? A MN 101 ? 1_555 N7 ? B DG  3 ? B DG  3   ? 1_555 136.9 ? 
6  O  ? L HOH . ? A HOH 209 ? 1_555 MN ? E MN . ? A MN 101 ? 1_555 N7 ? B DG  3 ? B DG  3   ? 1_555 40.1  ? 
7  N7 ? A DG  3 ? A DG  3   ? 1_555 MN ? E MN . ? A MN 101 ? 1_555 O  ? M HOH . ? B HOH 202 ? 6_557 87.4  ? 
8  O  ? L HOH . ? A HOH 203 ? 1_555 MN ? E MN . ? A MN 101 ? 1_555 O  ? M HOH . ? B HOH 202 ? 6_557 95.0  ? 
9  O  ? L HOH . ? A HOH 209 ? 1_555 MN ? E MN . ? A MN 101 ? 1_555 O  ? M HOH . ? B HOH 202 ? 6_557 88.0  ? 
10 N7 ? B DG  3 ? B DG  3   ? 1_555 MN ? E MN . ? A MN 101 ? 1_555 O  ? M HOH . ? B HOH 202 ? 6_557 126.7 ? 
11 N7 ? A DG  3 ? A DG  3   ? 1_555 MN ? E MN . ? A MN 101 ? 1_555 O  ? M HOH . ? B HOH 207 ? 6_557 99.3  ? 
12 O  ? L HOH . ? A HOH 203 ? 1_555 MN ? E MN . ? A MN 101 ? 1_555 O  ? M HOH . ? B HOH 207 ? 6_557 99.8  ? 
13 O  ? L HOH . ? A HOH 209 ? 1_555 MN ? E MN . ? A MN 101 ? 1_555 O  ? M HOH . ? B HOH 207 ? 6_557 77.3  ? 
14 N7 ? B DG  3 ? B DG  3   ? 1_555 MN ? E MN . ? A MN 101 ? 1_555 O  ? M HOH . ? B HOH 207 ? 6_557 41.0  ? 
15 O  ? M HOH . ? B HOH 202 ? 6_557 MN ? E MN . ? A MN 101 ? 1_555 O  ? M HOH . ? B HOH 207 ? 6_557 163.7 ? 
# 
loop_
_pdbx_validate_rmsd_bond.id 
_pdbx_validate_rmsd_bond.PDB_model_num 
_pdbx_validate_rmsd_bond.auth_atom_id_1 
_pdbx_validate_rmsd_bond.auth_asym_id_1 
_pdbx_validate_rmsd_bond.auth_comp_id_1 
_pdbx_validate_rmsd_bond.auth_seq_id_1 
_pdbx_validate_rmsd_bond.PDB_ins_code_1 
_pdbx_validate_rmsd_bond.label_alt_id_1 
_pdbx_validate_rmsd_bond.auth_atom_id_2 
_pdbx_validate_rmsd_bond.auth_asym_id_2 
_pdbx_validate_rmsd_bond.auth_comp_id_2 
_pdbx_validate_rmsd_bond.auth_seq_id_2 
_pdbx_validate_rmsd_bond.PDB_ins_code_2 
_pdbx_validate_rmsd_bond.label_alt_id_2 
_pdbx_validate_rmsd_bond.bond_value 
_pdbx_validate_rmsd_bond.bond_target_value 
_pdbx_validate_rmsd_bond.bond_deviation 
_pdbx_validate_rmsd_bond.bond_standard_deviation 
_pdbx_validate_rmsd_bond.linker_flag 
1 1 C D N2C 3 ? ? N D MVA 4 ? ? 1.480 1.336 0.144 0.023 Y 
2 1 C E ALA 2 ? ? N E N2C 3 ? ? 1.474 1.336 0.138 0.023 Y 
3 1 C E NCY 7 ? ? N E MVA 8 ? ? 1.475 1.336 0.139 0.023 Y 
# 
_pdbx_molecule_features.prd_id    PRD_000491 
_pdbx_molecule_features.name      Echinomycin 
_pdbx_molecule_features.type      'Cyclic depsipeptide' 
_pdbx_molecule_features.class     Antibiotic 
_pdbx_molecule_features.details   
;ECHINOMYCIN IS A BICYCLIC OCTADEPSIPEPTIDE.
BICYCLIZATION IS ACHIEVED BY LINKING THE N- AND
THE C- TERMINI, AND A THIOACETAL BOND BETWEEN
RESIDUES 3 AND 7.
THE TWO QUINOXALINE CHROMOPHORES ARE LINKED
TO THE D-SERINE RESIDUES, RESIDUES 1 AND 5.
;
# 
loop_
_pdbx_molecule.instance_id 
_pdbx_molecule.prd_id 
_pdbx_molecule.asym_id 
1 PRD_000491 C 
1 PRD_000491 H 
1 PRD_000491 I 
2 PRD_000491 D 
2 PRD_000491 J 
2 PRD_000491 K 
# 
loop_
_pdbx_refine_tls.id 
_pdbx_refine_tls.pdbx_refine_id 
_pdbx_refine_tls.details 
_pdbx_refine_tls.method 
_pdbx_refine_tls.origin_x 
_pdbx_refine_tls.origin_y 
_pdbx_refine_tls.origin_z 
_pdbx_refine_tls.T[1][1] 
_pdbx_refine_tls.T[1][1]_esd 
_pdbx_refine_tls.T[1][2] 
_pdbx_refine_tls.T[1][2]_esd 
_pdbx_refine_tls.T[1][3] 
_pdbx_refine_tls.T[1][3]_esd 
_pdbx_refine_tls.T[2][2] 
_pdbx_refine_tls.T[2][2]_esd 
_pdbx_refine_tls.T[2][3] 
_pdbx_refine_tls.T[2][3]_esd 
_pdbx_refine_tls.T[3][3] 
_pdbx_refine_tls.T[3][3]_esd 
_pdbx_refine_tls.L[1][1] 
_pdbx_refine_tls.L[1][1]_esd 
_pdbx_refine_tls.L[1][2] 
_pdbx_refine_tls.L[1][2]_esd 
_pdbx_refine_tls.L[1][3] 
_pdbx_refine_tls.L[1][3]_esd 
_pdbx_refine_tls.L[2][2] 
_pdbx_refine_tls.L[2][2]_esd 
_pdbx_refine_tls.L[2][3] 
_pdbx_refine_tls.L[2][3]_esd 
_pdbx_refine_tls.L[3][3] 
_pdbx_refine_tls.L[3][3]_esd 
_pdbx_refine_tls.S[1][1] 
_pdbx_refine_tls.S[1][1]_esd 
_pdbx_refine_tls.S[1][2] 
_pdbx_refine_tls.S[1][2]_esd 
_pdbx_refine_tls.S[1][3] 
_pdbx_refine_tls.S[1][3]_esd 
_pdbx_refine_tls.S[2][1] 
_pdbx_refine_tls.S[2][1]_esd 
_pdbx_refine_tls.S[2][2] 
_pdbx_refine_tls.S[2][2]_esd 
_pdbx_refine_tls.S[2][3] 
_pdbx_refine_tls.S[2][3]_esd 
_pdbx_refine_tls.S[3][1] 
_pdbx_refine_tls.S[3][1]_esd 
_pdbx_refine_tls.S[3][2] 
_pdbx_refine_tls.S[3][2]_esd 
_pdbx_refine_tls.S[3][3] 
_pdbx_refine_tls.S[3][3]_esd 
1 'X-RAY DIFFRACTION' ? refined -0.2884 -1.5085 -6.5310 0.3220 ? 0.0390  ? -0.0028 ? 0.3412 ? 0.0909 ? 0.3980 ? 4.4528 ? 1.2502 ? -1.1441 ? 5.1094 ? -0.4307 ? 5.9490 ? -0.3665 ? 0.6399  ? 0.5285  ? -0.1366 ? 0.0722  ? -0.4428 ? -0.4178 ? -0.6204 ? 0.3852 ? 
2 'X-RAY DIFFRACTION' ? refined 1.6703  -6.2325 2.1092  0.3826 ? -0.0701 ? -0.0158 ? 0.4561 ? 0.0185 ? 0.2538 ? 5.7681 ? 0.3799 ? -1.8283 ? 5.0746 ? -1.0225 ? 4.6435 ? -0.4674 ? -0.6843 ? -0.3351 ? 0.4180  ? -0.2483 ? -0.4784 ? -0.0727 ? -0.3931 ? 0.7127 ? 
# 
loop_
_pdbx_refine_tls_group.id 
_pdbx_refine_tls_group.pdbx_refine_id 
_pdbx_refine_tls_group.refine_tls_id 
_pdbx_refine_tls_group.beg_label_asym_id 
_pdbx_refine_tls_group.beg_label_seq_id 
_pdbx_refine_tls_group.beg_auth_asym_id 
_pdbx_refine_tls_group.beg_auth_seq_id 
_pdbx_refine_tls_group.beg_PDB_ins_code 
_pdbx_refine_tls_group.end_label_asym_id 
_pdbx_refine_tls_group.end_label_seq_id 
_pdbx_refine_tls_group.end_auth_asym_id 
_pdbx_refine_tls_group.end_auth_seq_id 
_pdbx_refine_tls_group.end_PDB_ins_code 
_pdbx_refine_tls_group.selection 
_pdbx_refine_tls_group.selection_details 
1 'X-RAY DIFFRACTION' 1 ? ? ? ? ? ? ? ? ? ? ? 
;chain 'A' and (resid 1 through 7 )
;
2 'X-RAY DIFFRACTION' 2 ? ? ? ? ? ? ? ? ? ? ? 
;chain 'B' and (resid 1 through 7 )
;
# 
_pdbx_entry_details.entry_id                   8XPB 
_pdbx_entry_details.nonpolymer_details         ? 
_pdbx_entry_details.sequence_details           ? 
_pdbx_entry_details.compound_details           
;THE ECHINOMYCIN IS A BICYCLIC OCTADEPSIPEPTIDE, A MEMBER
OF THE QUINOXALINE CLASS OF ANTIBIOTICS.
HERE, ECHINOMYCIN IS REPRESENTED BY GROUPING TOGETHER THE
SEQUENCE (SEQRES) AND TWO LIGANDS (HET) QUI.
;
_pdbx_entry_details.source_details             ? 
_pdbx_entry_details.has_ligand_of_interest     N 
_pdbx_entry_details.has_protein_modification   ? 
# 
loop_
_chem_comp_atom.comp_id 
_chem_comp_atom.atom_id 
_chem_comp_atom.type_symbol 
_chem_comp_atom.pdbx_aromatic_flag 
_chem_comp_atom.pdbx_stereo_config 
_chem_comp_atom.pdbx_ordinal 
ALA N      N  N N 1   
ALA CA     C  N S 2   
ALA C      C  N N 3   
ALA O      O  N N 4   
ALA CB     C  N N 5   
ALA OXT    O  N N 6   
ALA H      H  N N 7   
ALA H2     H  N N 8   
ALA HA     H  N N 9   
ALA HB1    H  N N 10  
ALA HB2    H  N N 11  
ALA HB3    H  N N 12  
ALA HXT    H  N N 13  
DA  OP3    O  N N 14  
DA  P      P  N N 15  
DA  OP1    O  N N 16  
DA  OP2    O  N N 17  
DA  "O5'"  O  N N 18  
DA  "C5'"  C  N N 19  
DA  "C4'"  C  N R 20  
DA  "O4'"  O  N N 21  
DA  "C3'"  C  N S 22  
DA  "O3'"  O  N N 23  
DA  "C2'"  C  N N 24  
DA  "C1'"  C  N R 25  
DA  N9     N  Y N 26  
DA  C8     C  Y N 27  
DA  N7     N  Y N 28  
DA  C5     C  Y N 29  
DA  C6     C  Y N 30  
DA  N6     N  N N 31  
DA  N1     N  Y N 32  
DA  C2     C  Y N 33  
DA  N3     N  Y N 34  
DA  C4     C  Y N 35  
DA  HOP3   H  N N 36  
DA  HOP2   H  N N 37  
DA  "H5'"  H  N N 38  
DA  "H5''" H  N N 39  
DA  "H4'"  H  N N 40  
DA  "H3'"  H  N N 41  
DA  "HO3'" H  N N 42  
DA  "H2'"  H  N N 43  
DA  "H2''" H  N N 44  
DA  "H1'"  H  N N 45  
DA  H8     H  N N 46  
DA  H61    H  N N 47  
DA  H62    H  N N 48  
DA  H2     H  N N 49  
DC  OP3    O  N N 50  
DC  P      P  N N 51  
DC  OP1    O  N N 52  
DC  OP2    O  N N 53  
DC  "O5'"  O  N N 54  
DC  "C5'"  C  N N 55  
DC  "C4'"  C  N R 56  
DC  "O4'"  O  N N 57  
DC  "C3'"  C  N S 58  
DC  "O3'"  O  N N 59  
DC  "C2'"  C  N N 60  
DC  "C1'"  C  N R 61  
DC  N1     N  N N 62  
DC  C2     C  N N 63  
DC  O2     O  N N 64  
DC  N3     N  N N 65  
DC  C4     C  N N 66  
DC  N4     N  N N 67  
DC  C5     C  N N 68  
DC  C6     C  N N 69  
DC  HOP3   H  N N 70  
DC  HOP2   H  N N 71  
DC  "H5'"  H  N N 72  
DC  "H5''" H  N N 73  
DC  "H4'"  H  N N 74  
DC  "H3'"  H  N N 75  
DC  "HO3'" H  N N 76  
DC  "H2'"  H  N N 77  
DC  "H2''" H  N N 78  
DC  "H1'"  H  N N 79  
DC  H41    H  N N 80  
DC  H42    H  N N 81  
DC  H5     H  N N 82  
DC  H6     H  N N 83  
DG  OP3    O  N N 84  
DG  P      P  N N 85  
DG  OP1    O  N N 86  
DG  OP2    O  N N 87  
DG  "O5'"  O  N N 88  
DG  "C5'"  C  N N 89  
DG  "C4'"  C  N R 90  
DG  "O4'"  O  N N 91  
DG  "C3'"  C  N S 92  
DG  "O3'"  O  N N 93  
DG  "C2'"  C  N N 94  
DG  "C1'"  C  N R 95  
DG  N9     N  Y N 96  
DG  C8     C  Y N 97  
DG  N7     N  Y N 98  
DG  C5     C  Y N 99  
DG  C6     C  N N 100 
DG  O6     O  N N 101 
DG  N1     N  N N 102 
DG  C2     C  N N 103 
DG  N2     N  N N 104 
DG  N3     N  N N 105 
DG  C4     C  Y N 106 
DG  HOP3   H  N N 107 
DG  HOP2   H  N N 108 
DG  "H5'"  H  N N 109 
DG  "H5''" H  N N 110 
DG  "H4'"  H  N N 111 
DG  "H3'"  H  N N 112 
DG  "HO3'" H  N N 113 
DG  "H2'"  H  N N 114 
DG  "H2''" H  N N 115 
DG  "H1'"  H  N N 116 
DG  H8     H  N N 117 
DG  H1     H  N N 118 
DG  H21    H  N N 119 
DG  H22    H  N N 120 
DSN N      N  N N 121 
DSN CA     C  N R 122 
DSN C      C  N N 123 
DSN O      O  N N 124 
DSN OXT    O  N N 125 
DSN CB     C  N N 126 
DSN OG     O  N N 127 
DSN H      H  N N 128 
DSN H2     H  N N 129 
DSN HA     H  N N 130 
DSN HXT    H  N N 131 
DSN HB2    H  N N 132 
DSN HB3    H  N N 133 
DSN HG     H  N N 134 
DT  OP3    O  N N 135 
DT  P      P  N N 136 
DT  OP1    O  N N 137 
DT  OP2    O  N N 138 
DT  "O5'"  O  N N 139 
DT  "C5'"  C  N N 140 
DT  "C4'"  C  N R 141 
DT  "O4'"  O  N N 142 
DT  "C3'"  C  N S 143 
DT  "O3'"  O  N N 144 
DT  "C2'"  C  N N 145 
DT  "C1'"  C  N R 146 
DT  N1     N  N N 147 
DT  C2     C  N N 148 
DT  O2     O  N N 149 
DT  N3     N  N N 150 
DT  C4     C  N N 151 
DT  O4     O  N N 152 
DT  C5     C  N N 153 
DT  C7     C  N N 154 
DT  C6     C  N N 155 
DT  HOP3   H  N N 156 
DT  HOP2   H  N N 157 
DT  "H5'"  H  N N 158 
DT  "H5''" H  N N 159 
DT  "H4'"  H  N N 160 
DT  "H3'"  H  N N 161 
DT  "HO3'" H  N N 162 
DT  "H2'"  H  N N 163 
DT  "H2''" H  N N 164 
DT  "H1'"  H  N N 165 
DT  H3     H  N N 166 
DT  H71    H  N N 167 
DT  H72    H  N N 168 
DT  H73    H  N N 169 
DT  H6     H  N N 170 
HOH O      O  N N 171 
HOH H1     H  N N 172 
HOH H2     H  N N 173 
MN  MN     MN N N 174 
MVA N      N  N N 175 
MVA CN     C  N N 176 
MVA CA     C  N S 177 
MVA CB     C  N N 178 
MVA CG1    C  N N 179 
MVA CG2    C  N N 180 
MVA C      C  N N 181 
MVA O      O  N N 182 
MVA OXT    O  N N 183 
MVA H      H  N N 184 
MVA HN1    H  N N 185 
MVA HN2    H  N N 186 
MVA HN3    H  N N 187 
MVA HA     H  N N 188 
MVA HB     H  N N 189 
MVA HG11   H  N N 190 
MVA HG12   H  N N 191 
MVA HG13   H  N N 192 
MVA HG21   H  N N 193 
MVA HG22   H  N N 194 
MVA HG23   H  N N 195 
MVA HXT    H  N N 196 
N2C N      N  N N 197 
N2C CA     C  N R 198 
N2C CB     C  N N 199 
N2C SG     S  N N 200 
N2C CD     C  N N 201 
N2C CN     C  N N 202 
N2C C      C  N N 203 
N2C O      O  N N 204 
N2C OXT    O  N N 205 
N2C H      H  N N 206 
N2C HA     H  N N 207 
N2C HB2    H  N N 208 
N2C HB3    H  N N 209 
N2C HD1    H  N N 210 
N2C HD2    H  N N 211 
N2C HD3    H  N N 212 
N2C HN1    H  N N 213 
N2C HN2    H  N N 214 
N2C HN3    H  N N 215 
N2C HXT    H  N N 216 
NCY N      N  N N 217 
NCY CA     C  N R 218 
NCY CB     C  N N 219 
NCY SG     S  N N 220 
NCY CN     C  N N 221 
NCY C      C  N N 222 
NCY O      O  N N 223 
NCY OXT    O  N N 224 
NCY H      H  N N 225 
NCY HA     H  N N 226 
NCY HB2    H  N N 227 
NCY HB3    H  N N 228 
NCY HG     H  N N 229 
NCY HCN1   H  N N 230 
NCY HCN2   H  N N 231 
NCY HCN3   H  N N 232 
NCY HXT    H  N N 233 
QUI N1     N  Y N 234 
QUI C2     C  Y N 235 
QUI C3     C  Y N 236 
QUI N4     N  Y N 237 
QUI C5     C  Y N 238 
QUI C6     C  Y N 239 
QUI C7     C  Y N 240 
QUI C8     C  Y N 241 
QUI C9     C  Y N 242 
QUI C10    C  Y N 243 
QUI C      C  N N 244 
QUI O1     O  N N 245 
QUI O2     O  N N 246 
QUI H3     H  N N 247 
QUI H5     H  N N 248 
QUI H6     H  N N 249 
QUI H7     H  N N 250 
QUI H8     H  N N 251 
QUI HO2    H  N N 252 
# 
loop_
_chem_comp_bond.comp_id 
_chem_comp_bond.atom_id_1 
_chem_comp_bond.atom_id_2 
_chem_comp_bond.value_order 
_chem_comp_bond.pdbx_aromatic_flag 
_chem_comp_bond.pdbx_stereo_config 
_chem_comp_bond.pdbx_ordinal 
ALA N     CA     sing N N 1   
ALA N     H      sing N N 2   
ALA N     H2     sing N N 3   
ALA CA    C      sing N N 4   
ALA CA    CB     sing N N 5   
ALA CA    HA     sing N N 6   
ALA C     O      doub N N 7   
ALA C     OXT    sing N N 8   
ALA CB    HB1    sing N N 9   
ALA CB    HB2    sing N N 10  
ALA CB    HB3    sing N N 11  
ALA OXT   HXT    sing N N 12  
DA  OP3   P      sing N N 13  
DA  OP3   HOP3   sing N N 14  
DA  P     OP1    doub N N 15  
DA  P     OP2    sing N N 16  
DA  P     "O5'"  sing N N 17  
DA  OP2   HOP2   sing N N 18  
DA  "O5'" "C5'"  sing N N 19  
DA  "C5'" "C4'"  sing N N 20  
DA  "C5'" "H5'"  sing N N 21  
DA  "C5'" "H5''" sing N N 22  
DA  "C4'" "O4'"  sing N N 23  
DA  "C4'" "C3'"  sing N N 24  
DA  "C4'" "H4'"  sing N N 25  
DA  "O4'" "C1'"  sing N N 26  
DA  "C3'" "O3'"  sing N N 27  
DA  "C3'" "C2'"  sing N N 28  
DA  "C3'" "H3'"  sing N N 29  
DA  "O3'" "HO3'" sing N N 30  
DA  "C2'" "C1'"  sing N N 31  
DA  "C2'" "H2'"  sing N N 32  
DA  "C2'" "H2''" sing N N 33  
DA  "C1'" N9     sing N N 34  
DA  "C1'" "H1'"  sing N N 35  
DA  N9    C8     sing Y N 36  
DA  N9    C4     sing Y N 37  
DA  C8    N7     doub Y N 38  
DA  C8    H8     sing N N 39  
DA  N7    C5     sing Y N 40  
DA  C5    C6     sing Y N 41  
DA  C5    C4     doub Y N 42  
DA  C6    N6     sing N N 43  
DA  C6    N1     doub Y N 44  
DA  N6    H61    sing N N 45  
DA  N6    H62    sing N N 46  
DA  N1    C2     sing Y N 47  
DA  C2    N3     doub Y N 48  
DA  C2    H2     sing N N 49  
DA  N3    C4     sing Y N 50  
DC  OP3   P      sing N N 51  
DC  OP3   HOP3   sing N N 52  
DC  P     OP1    doub N N 53  
DC  P     OP2    sing N N 54  
DC  P     "O5'"  sing N N 55  
DC  OP2   HOP2   sing N N 56  
DC  "O5'" "C5'"  sing N N 57  
DC  "C5'" "C4'"  sing N N 58  
DC  "C5'" "H5'"  sing N N 59  
DC  "C5'" "H5''" sing N N 60  
DC  "C4'" "O4'"  sing N N 61  
DC  "C4'" "C3'"  sing N N 62  
DC  "C4'" "H4'"  sing N N 63  
DC  "O4'" "C1'"  sing N N 64  
DC  "C3'" "O3'"  sing N N 65  
DC  "C3'" "C2'"  sing N N 66  
DC  "C3'" "H3'"  sing N N 67  
DC  "O3'" "HO3'" sing N N 68  
DC  "C2'" "C1'"  sing N N 69  
DC  "C2'" "H2'"  sing N N 70  
DC  "C2'" "H2''" sing N N 71  
DC  "C1'" N1     sing N N 72  
DC  "C1'" "H1'"  sing N N 73  
DC  N1    C2     sing N N 74  
DC  N1    C6     sing N N 75  
DC  C2    O2     doub N N 76  
DC  C2    N3     sing N N 77  
DC  N3    C4     doub N N 78  
DC  C4    N4     sing N N 79  
DC  C4    C5     sing N N 80  
DC  N4    H41    sing N N 81  
DC  N4    H42    sing N N 82  
DC  C5    C6     doub N N 83  
DC  C5    H5     sing N N 84  
DC  C6    H6     sing N N 85  
DG  OP3   P      sing N N 86  
DG  OP3   HOP3   sing N N 87  
DG  P     OP1    doub N N 88  
DG  P     OP2    sing N N 89  
DG  P     "O5'"  sing N N 90  
DG  OP2   HOP2   sing N N 91  
DG  "O5'" "C5'"  sing N N 92  
DG  "C5'" "C4'"  sing N N 93  
DG  "C5'" "H5'"  sing N N 94  
DG  "C5'" "H5''" sing N N 95  
DG  "C4'" "O4'"  sing N N 96  
DG  "C4'" "C3'"  sing N N 97  
DG  "C4'" "H4'"  sing N N 98  
DG  "O4'" "C1'"  sing N N 99  
DG  "C3'" "O3'"  sing N N 100 
DG  "C3'" "C2'"  sing N N 101 
DG  "C3'" "H3'"  sing N N 102 
DG  "O3'" "HO3'" sing N N 103 
DG  "C2'" "C1'"  sing N N 104 
DG  "C2'" "H2'"  sing N N 105 
DG  "C2'" "H2''" sing N N 106 
DG  "C1'" N9     sing N N 107 
DG  "C1'" "H1'"  sing N N 108 
DG  N9    C8     sing Y N 109 
DG  N9    C4     sing Y N 110 
DG  C8    N7     doub Y N 111 
DG  C8    H8     sing N N 112 
DG  N7    C5     sing Y N 113 
DG  C5    C6     sing N N 114 
DG  C5    C4     doub Y N 115 
DG  C6    O6     doub N N 116 
DG  C6    N1     sing N N 117 
DG  N1    C2     sing N N 118 
DG  N1    H1     sing N N 119 
DG  C2    N2     sing N N 120 
DG  C2    N3     doub N N 121 
DG  N2    H21    sing N N 122 
DG  N2    H22    sing N N 123 
DG  N3    C4     sing N N 124 
DSN N     CA     sing N N 125 
DSN N     H      sing N N 126 
DSN N     H2     sing N N 127 
DSN CA    C      sing N N 128 
DSN CA    CB     sing N N 129 
DSN CA    HA     sing N N 130 
DSN C     O      doub N N 131 
DSN C     OXT    sing N N 132 
DSN OXT   HXT    sing N N 133 
DSN CB    OG     sing N N 134 
DSN CB    HB2    sing N N 135 
DSN CB    HB3    sing N N 136 
DSN OG    HG     sing N N 137 
DT  OP3   P      sing N N 138 
DT  OP3   HOP3   sing N N 139 
DT  P     OP1    doub N N 140 
DT  P     OP2    sing N N 141 
DT  P     "O5'"  sing N N 142 
DT  OP2   HOP2   sing N N 143 
DT  "O5'" "C5'"  sing N N 144 
DT  "C5'" "C4'"  sing N N 145 
DT  "C5'" "H5'"  sing N N 146 
DT  "C5'" "H5''" sing N N 147 
DT  "C4'" "O4'"  sing N N 148 
DT  "C4'" "C3'"  sing N N 149 
DT  "C4'" "H4'"  sing N N 150 
DT  "O4'" "C1'"  sing N N 151 
DT  "C3'" "O3'"  sing N N 152 
DT  "C3'" "C2'"  sing N N 153 
DT  "C3'" "H3'"  sing N N 154 
DT  "O3'" "HO3'" sing N N 155 
DT  "C2'" "C1'"  sing N N 156 
DT  "C2'" "H2'"  sing N N 157 
DT  "C2'" "H2''" sing N N 158 
DT  "C1'" N1     sing N N 159 
DT  "C1'" "H1'"  sing N N 160 
DT  N1    C2     sing N N 161 
DT  N1    C6     sing N N 162 
DT  C2    O2     doub N N 163 
DT  C2    N3     sing N N 164 
DT  N3    C4     sing N N 165 
DT  N3    H3     sing N N 166 
DT  C4    O4     doub N N 167 
DT  C4    C5     sing N N 168 
DT  C5    C7     sing N N 169 
DT  C5    C6     doub N N 170 
DT  C7    H71    sing N N 171 
DT  C7    H72    sing N N 172 
DT  C7    H73    sing N N 173 
DT  C6    H6     sing N N 174 
HOH O     H1     sing N N 175 
HOH O     H2     sing N N 176 
MVA N     CN     sing N N 177 
MVA N     CA     sing N N 178 
MVA N     H      sing N N 179 
MVA CN    HN1    sing N N 180 
MVA CN    HN2    sing N N 181 
MVA CN    HN3    sing N N 182 
MVA CA    CB     sing N N 183 
MVA CA    C      sing N N 184 
MVA CA    HA     sing N N 185 
MVA CB    CG1    sing N N 186 
MVA CB    CG2    sing N N 187 
MVA CB    HB     sing N N 188 
MVA CG1   HG11   sing N N 189 
MVA CG1   HG12   sing N N 190 
MVA CG1   HG13   sing N N 191 
MVA CG2   HG21   sing N N 192 
MVA CG2   HG22   sing N N 193 
MVA CG2   HG23   sing N N 194 
MVA C     O      doub N N 195 
MVA C     OXT    sing N N 196 
MVA OXT   HXT    sing N N 197 
N2C N     CA     sing N N 198 
N2C N     CN     sing N N 199 
N2C N     H      sing N N 200 
N2C CA    CB     sing N N 201 
N2C CA    C      sing N N 202 
N2C CA    HA     sing N N 203 
N2C CB    SG     sing N N 204 
N2C CB    HB2    sing N N 205 
N2C CB    HB3    sing N N 206 
N2C SG    CD     sing N N 207 
N2C CD    HD1    sing N N 208 
N2C CD    HD2    sing N N 209 
N2C CD    HD3    sing N N 210 
N2C CN    HN1    sing N N 211 
N2C CN    HN2    sing N N 212 
N2C CN    HN3    sing N N 213 
N2C C     O      doub N N 214 
N2C C     OXT    sing N N 215 
N2C OXT   HXT    sing N N 216 
NCY N     CA     sing N N 217 
NCY N     CN     sing N N 218 
NCY N     H      sing N N 219 
NCY CA    CB     sing N N 220 
NCY CA    C      sing N N 221 
NCY CA    HA     sing N N 222 
NCY CB    SG     sing N N 223 
NCY CB    HB2    sing N N 224 
NCY CB    HB3    sing N N 225 
NCY SG    HG     sing N N 226 
NCY CN    HCN1   sing N N 227 
NCY CN    HCN2   sing N N 228 
NCY CN    HCN3   sing N N 229 
NCY C     O      doub N N 230 
NCY C     OXT    sing N N 231 
NCY OXT   HXT    sing N N 232 
QUI N1    C2     doub Y N 233 
QUI N1    C9     sing Y N 234 
QUI C2    C3     sing Y N 235 
QUI C2    C      sing N N 236 
QUI C3    N4     doub Y N 237 
QUI C3    H3     sing N N 238 
QUI N4    C10    sing Y N 239 
QUI C5    C6     doub Y N 240 
QUI C5    C10    sing Y N 241 
QUI C5    H5     sing N N 242 
QUI C6    C7     sing Y N 243 
QUI C6    H6     sing N N 244 
QUI C7    C8     doub Y N 245 
QUI C7    H7     sing N N 246 
QUI C8    C9     sing Y N 247 
QUI C8    H8     sing N N 248 
QUI C9    C10    doub Y N 249 
QUI C     O1     doub N N 250 
QUI C     O2     sing N N 251 
QUI O2    HO2    sing N N 252 
# 
_ndb_struct_conf_na.entry_id   8XPB 
_ndb_struct_conf_na.feature    'double helix' 
# 
loop_
_ndb_struct_na_base_pair.model_number 
_ndb_struct_na_base_pair.i_label_asym_id 
_ndb_struct_na_base_pair.i_label_comp_id 
_ndb_struct_na_base_pair.i_label_seq_id 
_ndb_struct_na_base_pair.i_symmetry 
_ndb_struct_na_base_pair.j_label_asym_id 
_ndb_struct_na_base_pair.j_label_comp_id 
_ndb_struct_na_base_pair.j_label_seq_id 
_ndb_struct_na_base_pair.j_symmetry 
_ndb_struct_na_base_pair.shear 
_ndb_struct_na_base_pair.stretch 
_ndb_struct_na_base_pair.stagger 
_ndb_struct_na_base_pair.buckle 
_ndb_struct_na_base_pair.propeller 
_ndb_struct_na_base_pair.opening 
_ndb_struct_na_base_pair.pair_number 
_ndb_struct_na_base_pair.pair_name 
_ndb_struct_na_base_pair.i_auth_asym_id 
_ndb_struct_na_base_pair.i_auth_seq_id 
_ndb_struct_na_base_pair.i_PDB_ins_code 
_ndb_struct_na_base_pair.j_auth_asym_id 
_ndb_struct_na_base_pair.j_auth_seq_id 
_ndb_struct_na_base_pair.j_PDB_ins_code 
_ndb_struct_na_base_pair.hbond_type_28 
_ndb_struct_na_base_pair.hbond_type_12 
1 A DA 1 1_555 B DT 7 1_555 0.008  -0.339 0.144  3.293   2.437 -2.266 1 A_DA1:DT7_B A 1 ? B 7 ? 20 1 
1 A DC 2 1_555 B DG 6 1_555 0.262  -0.265 -0.192 -13.786 4.862 -0.849 2 A_DC2:DG6_B A 2 ? B 6 ? 19 1 
1 A DG 3 1_555 B DC 5 1_555 -0.303 -0.170 0.032  17.779  4.078 -3.259 3 A_DG3:DC5_B A 3 ? B 5 ? 19 1 
1 A DG 4 1_555 B DC 4 1_555 0.069  -0.399 0.235  1.018   2.269 -1.825 4 A_DG4:DC4_B A 4 ? B 4 ? 19 1 
1 A DC 5 1_555 B DG 3 1_555 0.161  -0.210 0.003  -18.991 2.770 -3.426 5 A_DC5:DG3_B A 5 ? B 3 ? 19 1 
1 A DG 6 1_555 B DC 2 1_555 -0.241 -0.204 0.111  17.479  4.160 -3.635 6 A_DG6:DC2_B A 6 ? B 2 ? 19 1 
1 A DT 7 1_555 B DA 1 1_555 -0.095 -0.320 0.022  -3.003  3.187 -1.800 7 A_DT7:DA1_B A 7 ? B 1 ? 20 1 
# 
loop_
_ndb_struct_na_base_pair_step.model_number 
_ndb_struct_na_base_pair_step.i_label_asym_id_1 
_ndb_struct_na_base_pair_step.i_label_comp_id_1 
_ndb_struct_na_base_pair_step.i_label_seq_id_1 
_ndb_struct_na_base_pair_step.i_symmetry_1 
_ndb_struct_na_base_pair_step.j_label_asym_id_1 
_ndb_struct_na_base_pair_step.j_label_comp_id_1 
_ndb_struct_na_base_pair_step.j_label_seq_id_1 
_ndb_struct_na_base_pair_step.j_symmetry_1 
_ndb_struct_na_base_pair_step.i_label_asym_id_2 
_ndb_struct_na_base_pair_step.i_label_comp_id_2 
_ndb_struct_na_base_pair_step.i_label_seq_id_2 
_ndb_struct_na_base_pair_step.i_symmetry_2 
_ndb_struct_na_base_pair_step.j_label_asym_id_2 
_ndb_struct_na_base_pair_step.j_label_comp_id_2 
_ndb_struct_na_base_pair_step.j_label_seq_id_2 
_ndb_struct_na_base_pair_step.j_symmetry_2 
_ndb_struct_na_base_pair_step.shift 
_ndb_struct_na_base_pair_step.slide 
_ndb_struct_na_base_pair_step.rise 
_ndb_struct_na_base_pair_step.tilt 
_ndb_struct_na_base_pair_step.roll 
_ndb_struct_na_base_pair_step.twist 
_ndb_struct_na_base_pair_step.x_displacement 
_ndb_struct_na_base_pair_step.y_displacement 
_ndb_struct_na_base_pair_step.helical_rise 
_ndb_struct_na_base_pair_step.inclination 
_ndb_struct_na_base_pair_step.tip 
_ndb_struct_na_base_pair_step.helical_twist 
_ndb_struct_na_base_pair_step.step_number 
_ndb_struct_na_base_pair_step.step_name 
_ndb_struct_na_base_pair_step.i_auth_asym_id_1 
_ndb_struct_na_base_pair_step.i_auth_seq_id_1 
_ndb_struct_na_base_pair_step.i_PDB_ins_code_1 
_ndb_struct_na_base_pair_step.j_auth_asym_id_1 
_ndb_struct_na_base_pair_step.j_auth_seq_id_1 
_ndb_struct_na_base_pair_step.j_PDB_ins_code_1 
_ndb_struct_na_base_pair_step.i_auth_asym_id_2 
_ndb_struct_na_base_pair_step.i_auth_seq_id_2 
_ndb_struct_na_base_pair_step.i_PDB_ins_code_2 
_ndb_struct_na_base_pair_step.j_auth_asym_id_2 
_ndb_struct_na_base_pair_step.j_auth_seq_id_2 
_ndb_struct_na_base_pair_step.j_PDB_ins_code_2 
1 A DA 1 1_555 B DT 7 1_555 A DC 2 1_555 B DG 6 1_555 0.480  1.018 6.708 12.024  -1.458 16.525 4.224  9.856  5.635 -4.385  -36.170 
20.464 1 AA_DA1DC2:DG6DT7_BB A 1 ? B 7 ? A 2 ? B 6 ? 
1 A DC 2 1_555 B DG 6 1_555 A DG 3 1_555 B DC 5 1_555 -0.055 2.789 2.744 -0.644  1.493  11.779 11.699 -0.495 3.070 7.227   3.117   
11.891 2 AA_DC2DG3:DC5DG6_BB A 2 ? B 6 ? A 3 ? B 5 ? 
1 A DG 3 1_555 B DC 5 1_555 A DG 4 1_555 B DC 4 1_555 -0.483 1.008 6.905 -12.103 -5.560 17.193 7.336  -8.863 5.490 -15.861 34.526  
21.717 3 AA_DG3DG4:DC4DC5_BB A 3 ? B 5 ? A 4 ? B 4 ? 
1 A DG 4 1_555 B DC 4 1_555 A DC 5 1_555 B DG 3 1_555 0.611  0.889 6.954 12.667  -2.123 16.160 4.516  10.422 5.744 -6.394  -38.155 
20.616 4 AA_DG4DC5:DG3DC4_BB A 4 ? B 4 ? A 5 ? B 3 ? 
1 A DC 5 1_555 B DG 3 1_555 A DG 6 1_555 B DC 2 1_555 -0.056 2.700 2.638 -1.486  -0.749 10.999 14.814 -1.466 2.435 -3.877  7.695   
11.124 5 AA_DC5DG6:DC2DG3_BB A 5 ? B 3 ? A 6 ? B 2 ? 
1 A DG 6 1_555 B DC 2 1_555 A DT 7 1_555 B DA 1 1_555 -0.233 0.895 6.813 -9.297  0.156  17.356 2.460  -8.754 6.134 0.476   28.319  
19.673 6 AA_DG6DT7:DA1DC2_BB A 6 ? B 2 ? A 7 ? B 1 ? 
# 
_pdbx_audit_support.funding_organization   'Ministry of Science and Technology (MoST, Taiwan)' 
_pdbx_audit_support.country                Taiwan 
_pdbx_audit_support.grant_number           ? 
_pdbx_audit_support.ordinal                1 
# 
_pdbx_initial_refinement_model.id               1 
_pdbx_initial_refinement_model.entity_id_list   ? 
_pdbx_initial_refinement_model.type             'experimental model' 
_pdbx_initial_refinement_model.source_name      PDB 
_pdbx_initial_refinement_model.accession_code   5YTZ 
_pdbx_initial_refinement_model.details          ? 
# 
_atom_sites.entry_id                    8XPB 
_atom_sites.Cartn_transf_matrix[1][1]   ? 
_atom_sites.Cartn_transf_matrix[1][2]   ? 
_atom_sites.Cartn_transf_matrix[1][3]   ? 
_atom_sites.Cartn_transf_matrix[2][1]   ? 
_atom_sites.Cartn_transf_matrix[2][2]   ? 
_atom_sites.Cartn_transf_matrix[2][3]   ? 
_atom_sites.Cartn_transf_matrix[3][1]   ? 
_atom_sites.Cartn_transf_matrix[3][2]   ? 
_atom_sites.Cartn_transf_matrix[3][3]   ? 
_atom_sites.Cartn_transf_vector[1]      ? 
_atom_sites.Cartn_transf_vector[2]      ? 
_atom_sites.Cartn_transf_vector[3]      ? 
_atom_sites.Cartn_transform_axes        ? 
_atom_sites.fract_transf_matrix[1][1]   -0.00437848 
_atom_sites.fract_transf_matrix[1][2]   -0.01301495 
_atom_sites.fract_transf_matrix[1][3]   0.02080731 
_atom_sites.fract_transf_matrix[2][1]   0.00110772 
_atom_sites.fract_transf_matrix[2][2]   -0.02490203 
_atom_sites.fract_transf_matrix[2][3]   -0.00040833 
_atom_sites.fract_transf_matrix[3][1]   0.02027357 
_atom_sites.fract_transf_matrix[3][2]   0.00082343 
_atom_sites.fract_transf_matrix[3][3]   0.00478122 
_atom_sites.fract_transf_vector[1]      0.999409 
_atom_sites.fract_transf_vector[2]      0.266525 
_atom_sites.fract_transf_vector[3]      1.000170 
_atom_sites.solution_primary            ? 
_atom_sites.solution_secondary          ? 
_atom_sites.solution_hydrogens          ? 
_atom_sites.special_details             ? 
# 
loop_
_atom_type.symbol 
C  
MN 
N  
O  
P  
S  
# 
loop_
_atom_site.group_PDB 
_atom_site.id 
_atom_site.type_symbol 
_atom_site.label_atom_id 
_atom_site.label_alt_id 
_atom_site.label_comp_id 
_atom_site.label_asym_id 
_atom_site.label_entity_id 
_atom_site.label_seq_id 
_atom_site.pdbx_PDB_ins_code 
_atom_site.Cartn_x 
_atom_site.Cartn_y 
_atom_site.Cartn_z 
_atom_site.occupancy 
_atom_site.B_iso_or_equiv 
_atom_site.pdbx_formal_charge 
_atom_site.auth_seq_id 
_atom_site.auth_comp_id 
_atom_site.auth_asym_id 
_atom_site.auth_atom_id 
_atom_site.pdbx_PDB_model_num 
ATOM   1   O  "O5'" . DA  A 1 1 ? -16.706 -10.206 -5.762  0.29 49.61 ? 1   DA  A "O5'" 1 
ATOM   2   C  "C5'" . DA  A 1 1 ? -17.334 -9.111  -6.474  1.00 62.69 ? 1   DA  A "C5'" 1 
ATOM   3   C  "C4'" . DA  A 1 1 ? -16.962 -7.792  -5.839  1.00 52.09 ? 1   DA  A "C4'" 1 
ATOM   4   O  "O4'" . DA  A 1 1 ? -17.038 -7.906  -4.403  1.00 49.32 ? 1   DA  A "O4'" 1 
ATOM   5   C  "C3'" . DA  A 1 1 ? -15.552 -7.305  -6.151  1.00 50.45 ? 1   DA  A "C3'" 1 
ATOM   6   O  "O3'" . DA  A 1 1 ? -15.530 -5.884  -6.221  1.00 52.61 ? 1   DA  A "O3'" 1 
ATOM   7   C  "C2'" . DA  A 1 1 ? -14.758 -7.792  -4.949  1.00 50.36 ? 1   DA  A "C2'" 1 
ATOM   8   C  "C1'" . DA  A 1 1 ? -15.768 -7.604  -3.835  1.00 47.54 ? 1   DA  A "C1'" 1 
ATOM   9   N  N9    . DA  A 1 1 ? -15.563 -8.504  -2.710  1.00 47.56 ? 1   DA  A N9    1 
ATOM   10  C  C8    . DA  A 1 1 ? -15.465 -9.871  -2.724  1.00 47.95 ? 1   DA  A C8    1 
ATOM   11  N  N7    . DA  A 1 1 ? -15.283 -10.387 -1.538  1.00 45.20 ? 1   DA  A N7    1 
ATOM   12  C  C5    . DA  A 1 1 ? -15.259 -9.291  -0.690  1.00 47.90 ? 1   DA  A C5    1 
ATOM   13  C  C6    . DA  A 1 1 ? -15.099 -9.180  0.701   1.00 44.38 ? 1   DA  A C6    1 
ATOM   14  N  N6    . DA  A 1 1 ? -14.923 -10.221 1.504   1.00 47.51 ? 1   DA  A N6    1 
ATOM   15  N  N1    . DA  A 1 1 ? -15.117 -7.937  1.230   1.00 48.65 ? 1   DA  A N1    1 
ATOM   16  C  C2    . DA  A 1 1 ? -15.297 -6.893  0.414   1.00 47.29 ? 1   DA  A C2    1 
ATOM   17  N  N3    . DA  A 1 1 ? -15.461 -6.877  -0.903  1.00 43.56 ? 1   DA  A N3    1 
ATOM   18  C  C4    . DA  A 1 1 ? -15.432 -8.122  -1.399  1.00 44.73 ? 1   DA  A C4    1 
ATOM   19  P  P     . DC  A 1 2 ? -14.513 -5.107  -7.190  1.00 56.03 ? 2   DC  A P     1 
ATOM   20  O  OP1   . DC  A 1 2 ? -14.860 -3.646  -7.300  1.00 56.16 ? 2   DC  A OP1   1 
ATOM   21  O  OP2   . DC  A 1 2 ? -14.341 -5.816  -8.514  1.00 48.45 ? 2   DC  A OP2   1 
ATOM   22  O  "O5'" . DC  A 1 2 ? -13.106 -5.169  -6.414  1.00 43.03 ? 2   DC  A "O5'" 1 
ATOM   23  C  "C5'" . DC  A 1 2 ? -12.090 -6.087  -6.871  1.00 39.22 ? 2   DC  A "C5'" 1 
ATOM   24  C  "C4'" . DC  A 1 2 ? -10.738 -5.584  -6.431  1.00 36.21 ? 2   DC  A "C4'" 1 
ATOM   25  O  "O4'" . DC  A 1 2 ? -10.532 -5.857  -5.031  1.00 34.58 ? 2   DC  A "O4'" 1 
ATOM   26  C  "C3'" . DC  A 1 2 ? -9.562  -6.255  -7.119  1.00 34.50 ? 2   DC  A "C3'" 1 
ATOM   27  O  "O3'" . DC  A 1 2 ? -9.310  -5.611  -8.362  1.00 36.78 ? 2   DC  A "O3'" 1 
ATOM   28  C  "C2'" . DC  A 1 2 ? -8.436  -6.033  -6.119  1.00 31.82 ? 2   DC  A "C2'" 1 
ATOM   29  C  "C1'" . DC  A 1 2 ? -9.146  -5.964  -4.773  1.00 31.96 ? 2   DC  A "C1'" 1 
ATOM   30  N  N1    . DC  A 1 2 ? -8.951  -7.152  -3.913  1.00 31.79 ? 2   DC  A N1    1 
ATOM   31  C  C2    . DC  A 1 2 ? -8.873  -6.977  -2.531  1.00 32.04 ? 2   DC  A C2    1 
ATOM   32  O  O2    . DC  A 1 2 ? -8.946  -5.830  -2.072  1.00 33.73 ? 2   DC  A O2    1 
ATOM   33  N  N3    . DC  A 1 2 ? -8.709  -8.061  -1.741  1.00 35.32 ? 2   DC  A N3    1 
ATOM   34  C  C4    . DC  A 1 2 ? -8.628  -9.281  -2.277  1.00 33.02 ? 2   DC  A C4    1 
ATOM   35  N  N4    . DC  A 1 2 ? -8.463  -10.309 -1.462  1.00 36.97 ? 2   DC  A N4    1 
ATOM   36  C  C5    . DC  A 1 2 ? -8.712  -9.476  -3.680  1.00 35.89 ? 2   DC  A C5    1 
ATOM   37  C  C6    . DC  A 1 2 ? -8.873  -8.394  -4.453  1.00 31.07 ? 2   DC  A C6    1 
ATOM   38  P  P     . DG  A 1 3 ? -8.309  -6.261  -9.433  1.00 35.17 ? 3   DG  A P     1 
ATOM   39  O  OP1   . DG  A 1 3 ? -8.776  -6.083  -10.849 1.00 38.01 ? 3   DG  A OP1   1 
ATOM   40  O  OP2   . DG  A 1 3 ? -7.906  -7.666  -9.094  1.00 35.54 ? 3   DG  A OP2   1 
ATOM   41  O  "O5'" . DG  A 1 3 ? -7.022  -5.333  -9.268  1.00 33.36 ? 3   DG  A "O5'" 1 
ATOM   42  C  "C5'" . DG  A 1 3 ? -7.188  -3.909  -9.401  1.00 35.59 ? 3   DG  A "C5'" 1 
ATOM   43  C  "C4'" . DG  A 1 3 ? -6.067  -3.229  -8.662  1.00 32.50 ? 3   DG  A "C4'" 1 
ATOM   44  O  "O4'" . DG  A 1 3 ? -6.207  -3.526  -7.261  1.00 31.00 ? 3   DG  A "O4'" 1 
ATOM   45  C  "C3'" . DG  A 1 3 ? -4.679  -3.702  -9.076  1.00 31.21 ? 3   DG  A "C3'" 1 
ATOM   46  O  "O3'" . DG  A 1 3 ? -4.197  -2.843  -10.108 1.00 32.63 ? 3   DG  A "O3'" 1 
ATOM   47  C  "C2'" . DG  A 1 3 ? -3.889  -3.589  -7.777  1.00 31.13 ? 3   DG  A "C2'" 1 
ATOM   48  C  "C1'" . DG  A 1 3 ? -4.936  -3.830  -6.696  1.00 29.26 ? 3   DG  A "C1'" 1 
ATOM   49  N  N9    . DG  A 1 3 ? -4.980  -5.193  -6.169  1.00 28.97 ? 3   DG  A N9    1 
ATOM   50  C  C8    . DG  A 1 3 ? -4.816  -6.385  -6.827  1.00 29.78 ? 3   DG  A C8    1 
ATOM   51  N  N7    . DG  A 1 3 ? -4.916  -7.431  -6.044  1.00 27.42 ? 3   DG  A N7    1 
ATOM   52  C  C5    . DG  A 1 3 ? -5.164  -6.893  -4.789  1.00 30.76 ? 3   DG  A C5    1 
ATOM   53  C  C6    . DG  A 1 3 ? -5.361  -7.537  -3.542  1.00 31.09 ? 3   DG  A C6    1 
ATOM   54  O  O6    . DG  A 1 3 ? -5.362  -8.749  -3.299  1.00 29.97 ? 3   DG  A O6    1 
ATOM   55  N  N1    . DG  A 1 3 ? -5.581  -6.614  -2.521  1.00 29.31 ? 3   DG  A N1    1 
ATOM   56  C  C2    . DG  A 1 3 ? -5.610  -5.252  -2.679  1.00 32.03 ? 3   DG  A C2    1 
ATOM   57  N  N2    . DG  A 1 3 ? -5.840  -4.524  -1.578  1.00 27.11 ? 3   DG  A N2    1 
ATOM   58  N  N3    . DG  A 1 3 ? -5.426  -4.642  -3.846  1.00 32.83 ? 3   DG  A N3    1 
ATOM   59  C  C4    . DG  A 1 3 ? -5.208  -5.518  -4.853  1.00 34.74 ? 3   DG  A C4    1 
ATOM   60  P  P     . DG  A 1 4 ? -2.727  -2.943  -10.761 1.00 41.13 ? 4   DG  A P     1 
ATOM   61  O  OP1   . DG  A 1 4 ? -2.817  -2.243  -12.045 1.00 40.78 ? 4   DG  A OP1   1 
ATOM   62  O  OP2   . DG  A 1 4 ? -2.115  -4.313  -10.623 1.00 33.12 ? 4   DG  A OP2   1 
ATOM   63  O  "O5'" . DG  A 1 4 ? -1.848  -2.014  -9.773  1.00 36.19 ? 4   DG  A "O5'" 1 
ATOM   64  C  "C5'" . DG  A 1 4 ? -2.166  -0.658  -9.647  1.00 34.51 ? 4   DG  A "C5'" 1 
ATOM   65  C  "C4'" . DG  A 1 4 ? -1.432  -0.086  -8.485  1.00 31.38 ? 4   DG  A "C4'" 1 
ATOM   66  O  "O4'" . DG  A 1 4 ? -1.696  -0.898  -7.346  1.00 36.44 ? 4   DG  A "O4'" 1 
ATOM   67  C  "C3'" . DG  A 1 4 ? 0.084   -0.087  -8.626  1.00 33.05 ? 4   DG  A "C3'" 1 
ATOM   68  O  "O3'" . DG  A 1 4 ? 0.495   1.112   -9.316  1.00 41.12 ? 4   DG  A "O3'" 1 
ATOM   69  C  "C2'" . DG  A 1 4 ? 0.532   -0.088  -7.166  1.00 36.82 ? 4   DG  A "C2'" 1 
ATOM   70  C  "C1'" . DG  A 1 4 ? -0.548  -0.954  -6.506  1.00 32.34 ? 4   DG  A "C1'" 1 
ATOM   71  N  N9    . DG  A 1 4 ? -0.156  -2.341  -6.364  1.00 30.47 ? 4   DG  A N9    1 
ATOM   72  C  C8    . DG  A 1 4 ? -0.030  -3.292  -7.365  1.00 31.92 ? 4   DG  A C8    1 
ATOM   73  N  N7    . DG  A 1 4 ? 0.315   -4.482  -6.918  1.00 32.14 ? 4   DG  A N7    1 
ATOM   74  C  C5    . DG  A 1 4 ? 0.442   -4.295  -5.564  1.00 32.84 ? 4   DG  A C5    1 
ATOM   75  C  C6    . DG  A 1 4 ? 0.838   -5.206  -4.606  1.00 40.21 ? 4   DG  A C6    1 
ATOM   76  O  O6    . DG  A 1 4 ? 1.115   -6.412  -4.791  1.00 40.77 ? 4   DG  A O6    1 
ATOM   77  N  N1    . DG  A 1 4 ? 0.864   -4.634  -3.296  1.00 38.19 ? 4   DG  A N1    1 
ATOM   78  C  C2    . DG  A 1 4 ? 0.522   -3.303  -3.024  1.00 39.43 ? 4   DG  A C2    1 
ATOM   79  N  N2    . DG  A 1 4 ? 0.562   -2.921  -1.740  1.00 37.17 ? 4   DG  A N2    1 
ATOM   80  N  N3    . DG  A 1 4 ? 0.162   -2.411  -3.975  1.00 33.09 ? 4   DG  A N3    1 
ATOM   81  C  C4    . DG  A 1 4 ? 0.166   -2.976  -5.201  1.00 33.68 ? 4   DG  A C4    1 
ATOM   82  P  P     . DC  A 1 5 ? 1.868   1.187   -10.149 1.00 41.09 ? 5   DC  A P     1 
ATOM   83  O  OP1   . DC  A 1 5 ? 1.915   2.446   -10.971 1.00 43.70 ? 5   DC  A OP1   1 
ATOM   84  O  OP2   . DC  A 1 5 ? 2.198   -0.053  -10.940 1.00 40.01 ? 5   DC  A OP2   1 
ATOM   85  O  "O5'" . DC  A 1 5 ? 3.009   1.322   -9.028  1.00 42.17 ? 5   DC  A "O5'" 1 
ATOM   86  C  "C5'" . DC  A 1 5 ? 2.873   2.329   -8.003  1.00 40.02 ? 5   DC  A "C5'" 1 
ATOM   87  C  "C4'" . DC  A 1 5 ? 4.226   2.589   -7.396  1.00 35.91 ? 5   DC  A "C4'" 1 
ATOM   88  O  "O4'" . DC  A 1 5 ? 4.638   1.466   -6.594  1.00 39.16 ? 5   DC  A "O4'" 1 
ATOM   89  C  "C3'" . DC  A 1 5 ? 5.342   2.757   -8.411  1.00 35.93 ? 5   DC  A "C3'" 1 
ATOM   90  O  "O3'" . DC  A 1 5 ? 5.377   4.117   -8.826  1.00 38.46 ? 5   DC  A "O3'" 1 
ATOM   91  C  "C2'" . DC  A 1 5 ? 6.576   2.379   -7.604  1.00 39.91 ? 5   DC  A "C2'" 1 
ATOM   92  C  "C1'" . DC  A 1 5 ? 6.049   1.415   -6.551  1.00 35.13 ? 5   DC  A "C1'" 1 
ATOM   93  N  N1    . DC  A 1 5 ? 6.442   0.007   -6.768  1.00 33.82 ? 5   DC  A N1    1 
ATOM   94  C  C2    . DC  A 1 5 ? 6.733   -0.786  -5.659  1.00 31.28 ? 5   DC  A C2    1 
ATOM   95  O  O2    . DC  A 1 5 ? 6.657   -0.281  -4.531  1.00 32.46 ? 5   DC  A O2    1 
ATOM   96  N  N3    . DC  A 1 5 ? 7.087   -2.076  -5.853  1.00 30.81 ? 5   DC  A N3    1 
ATOM   97  C  C4    . DC  A 1 5 ? 7.152   -2.578  -7.089  1.00 32.41 ? 5   DC  A C4    1 
ATOM   98  N  N4    . DC  A 1 5 ? 7.504   -3.845  -7.224  1.00 32.83 ? 5   DC  A N4    1 
ATOM   99  C  C5    . DC  A 1 5 ? 6.856   -1.784  -8.228  1.00 32.31 ? 5   DC  A C5    1 
ATOM   100 C  C6    . DC  A 1 5 ? 6.508   -0.507  -8.021  1.00 32.77 ? 5   DC  A C6    1 
ATOM   101 P  P     . DG  A 1 6 ? 6.174   4.582   -10.143 1.00 41.93 ? 6   DG  A P     1 
ATOM   102 O  OP1   . DG  A 1 6 ? 5.430   5.695   -10.829 1.00 45.63 ? 6   DG  A OP1   1 
ATOM   103 O  OP2   . DG  A 1 6 ? 6.631   3.496   -11.088 1.00 49.12 ? 6   DG  A OP2   1 
ATOM   104 O  "O5'" . DG  A 1 6 ? 7.500   5.234   -9.515  1.00 42.88 ? 6   DG  A "O5'" 1 
ATOM   105 C  "C5'" . DG  A 1 6 ? 7.357   6.370   -8.634  1.00 44.11 ? 6   DG  A "C5'" 1 
ATOM   106 C  "C4'" . DG  A 1 6 ? 8.499   6.386   -7.652  1.00 44.67 ? 6   DG  A "C4'" 1 
ATOM   107 O  "O4'" . DG  A 1 6 ? 8.485   5.151   -6.910  1.00 42.79 ? 6   DG  A "O4'" 1 
ATOM   108 C  "C3'" . DG  A 1 6 ? 9.879   6.487   -8.289  1.00 47.15 ? 6   DG  A "C3'" 1 
ATOM   109 O  "O3'" . DG  A 1 6 ? 10.249  7.862   -8.428  1.00 50.68 ? 6   DG  A "O3'" 1 
ATOM   110 C  "C2'" . DG  A 1 6 ? 10.756  5.740   -7.288  1.00 46.41 ? 6   DG  A "C2'" 1 
ATOM   111 C  "C1'" . DG  A 1 6 ? 9.818   4.719   -6.652  1.00 42.78 ? 6   DG  A "C1'" 1 
ATOM   112 N  N9    . DG  A 1 6 ? 9.954   3.357   -7.166  1.00 41.11 ? 6   DG  A N9    1 
ATOM   113 C  C8    . DG  A 1 6 ? 10.122  2.980   -8.474  1.00 41.73 ? 6   DG  A C8    1 
ATOM   114 N  N7    . DG  A 1 6 ? 10.205  1.683   -8.633  1.00 40.32 ? 6   DG  A N7    1 
ATOM   115 C  C5    . DG  A 1 6 ? 10.081  1.173   -7.348  1.00 38.61 ? 6   DG  A C5    1 
ATOM   116 C  C6    . DG  A 1 6 ? 10.098  -0.171  -6.901  1.00 37.03 ? 6   DG  A C6    1 
ATOM   117 O  O6    . DG  A 1 6 ? 10.227  -1.198  -7.576  1.00 37.28 ? 6   DG  A O6    1 
ATOM   118 N  N1    . DG  A 1 6 ? 9.944   -0.249  -5.520  1.00 39.13 ? 6   DG  A N1    1 
ATOM   119 C  C2    . DG  A 1 6 ? 9.789   0.823   -4.680  1.00 36.61 ? 6   DG  A C2    1 
ATOM   120 N  N2    . DG  A 1 6 ? 9.650   0.546   -3.379  1.00 35.93 ? 6   DG  A N2    1 
ATOM   121 N  N3    . DG  A 1 6 ? 9.773   2.090   -5.094  1.00 38.18 ? 6   DG  A N3    1 
ATOM   122 C  C4    . DG  A 1 6 ? 9.922   2.191   -6.435  1.00 39.06 ? 6   DG  A C4    1 
ATOM   123 P  P     . DT  A 1 7 ? 11.617  8.362   -9.121  1.00 54.52 ? 7   DT  A P     1 
ATOM   124 O  OP1   . DT  A 1 7 ? 11.396  9.723   -9.663  1.00 57.85 ? 7   DT  A OP1   1 
ATOM   125 O  OP2   . DT  A 1 7 ? 12.137  7.310   -10.048 1.00 53.99 ? 7   DT  A OP2   1 
ATOM   126 O  "O5'" . DT  A 1 7 ? 12.648  8.387   -7.856  1.00 55.53 ? 7   DT  A "O5'" 1 
ATOM   127 C  "C5'" . DT  A 1 7 ? 12.355  9.229   -6.732  1.00 56.35 ? 7   DT  A "C5'" 1 
ATOM   128 C  "C4'" . DT  A 1 7 ? 13.177  8.826   -5.525  1.00 56.59 ? 7   DT  A "C4'" 1 
ATOM   129 O  "O4'" . DT  A 1 7 ? 13.003  7.416   -5.299  1.00 53.06 ? 7   DT  A "O4'" 1 
ATOM   130 C  "C3'" . DT  A 1 7 ? 14.677  9.008   -5.696  1.00 60.30 ? 7   DT  A "C3'" 1 
ATOM   131 O  "O3'" . DT  A 1 7 ? 15.053  10.347  -5.400  1.00 64.38 ? 7   DT  A "O3'" 1 
ATOM   132 C  "C2'" . DT  A 1 7 ? 15.237  8.017   -4.687  1.00 59.24 ? 7   DT  A "C2'" 1 
ATOM   133 C  "C1'" . DT  A 1 7 ? 14.234  6.864   -4.817  1.00 54.50 ? 7   DT  A "C1'" 1 
ATOM   134 N  N1    . DT  A 1 7 ? 14.668  5.798   -5.746  1.00 53.68 ? 7   DT  A N1    1 
ATOM   135 C  C2    . DT  A 1 7 ? 15.146  4.657   -5.206  1.00 52.78 ? 7   DT  A C2    1 
ATOM   136 O  O2    . DT  A 1 7 ? 15.181  4.484   -3.998  1.00 52.48 ? 7   DT  A O2    1 
ATOM   137 N  N3    . DT  A 1 7 ? 15.459  3.664   -6.127  1.00 52.30 ? 7   DT  A N3    1 
ATOM   138 C  C4    . DT  A 1 7 ? 15.383  3.760   -7.518  1.00 52.85 ? 7   DT  A C4    1 
ATOM   139 O  O4    . DT  A 1 7 ? 15.697  2.840   -8.266  1.00 52.85 ? 7   DT  A O4    1 
ATOM   140 C  C5    . DT  A 1 7 ? 14.897  5.019   -8.023  1.00 53.89 ? 7   DT  A C5    1 
ATOM   141 C  C7    . DT  A 1 7 ? 14.801  5.236   -9.498  1.00 55.10 ? 7   DT  A C7    1 
ATOM   142 C  C6    . DT  A 1 7 ? 14.546  5.962   -7.127  1.00 54.20 ? 7   DT  A C6    1 
ATOM   143 O  "O5'" . DA  B 2 1 ? 19.440  -5.158  -3.425  0.23 48.55 ? 1   DA  B "O5'" 1 
ATOM   144 C  "C5'" . DA  B 2 1 ? 19.841  -5.199  -2.032  1.00 56.19 ? 1   DA  B "C5'" 1 
ATOM   145 C  "C4'" . DA  B 2 1 ? 19.090  -4.158  -1.235  1.00 49.41 ? 1   DA  B "C4'" 1 
ATOM   146 O  "O4'" . DA  B 2 1 ? 18.968  -2.944  -2.005  1.00 48.94 ? 1   DA  B "O4'" 1 
ATOM   147 C  "C3'" . DA  B 2 1 ? 17.670  -4.547  -0.843  1.00 53.17 ? 1   DA  B "C3'" 1 
ATOM   148 O  "O3'" . DA  B 2 1 ? 17.343  -3.933  0.396   1.00 53.33 ? 1   DA  B "O3'" 1 
ATOM   149 C  "C2'" . DA  B 2 1 ? 16.843  -3.946  -1.970  1.00 45.48 ? 1   DA  B "C2'" 1 
ATOM   150 C  "C1'" . DA  B 2 1 ? 17.590  -2.650  -2.217  1.00 44.58 ? 1   DA  B "C1'" 1 
ATOM   151 N  N9    . DA  B 2 1 ? 17.455  -2.150  -3.576  1.00 44.34 ? 1   DA  B N9    1 
ATOM   152 C  C8    . DA  B 2 1 ? 17.722  -2.811  -4.746  1.00 45.80 ? 1   DA  B C8    1 
ATOM   153 N  N7    . DA  B 2 1 ? 17.509  -2.084  -5.810  1.00 44.45 ? 1   DA  B N7    1 
ATOM   154 C  C5    . DA  B 2 1 ? 17.078  -0.866  -5.309  1.00 48.35 ? 1   DA  B C5    1 
ATOM   155 C  C6    . DA  B 2 1 ? 16.692  0.327   -5.940  1.00 44.19 ? 1   DA  B C6    1 
ATOM   156 N  N6    . DA  B 2 1 ? 16.679  0.488   -7.257  1.00 44.91 ? 1   DA  B N6    1 
ATOM   157 N  N1    . DA  B 2 1 ? 16.310  1.353   -5.147  1.00 49.01 ? 1   DA  B N1    1 
ATOM   158 C  C2    . DA  B 2 1 ? 16.327  1.181   -3.821  1.00 45.22 ? 1   DA  B C2    1 
ATOM   159 N  N3    . DA  B 2 1 ? 16.671  0.109   -3.119  1.00 42.95 ? 1   DA  B N3    1 
ATOM   160 C  C4    . DA  B 2 1 ? 17.041  -0.891  -3.932  1.00 42.76 ? 1   DA  B C4    1 
ATOM   161 P  P     . DC  B 2 2 ? 16.318  -4.613  1.427   1.00 52.58 ? 2   DC  B P     1 
ATOM   162 O  OP1   . DC  B 2 2 ? 16.322  -3.869  2.736   1.00 59.44 ? 2   DC  B OP1   1 
ATOM   163 O  OP2   . DC  B 2 2 ? 16.508  -6.106  1.555   1.00 46.25 ? 2   DC  B OP2   1 
ATOM   164 O  "O5'" . DC  B 2 2 ? 14.865  -4.366  0.784   1.00 42.85 ? 2   DC  B "O5'" 1 
ATOM   165 C  "C5'" . DC  B 2 2 ? 14.191  -5.465  0.135   1.00 39.35 ? 2   DC  B "C5'" 1 
ATOM   166 C  "C4'" . DC  B 2 2 ? 12.705  -5.219  0.167   1.00 36.58 ? 2   DC  B "C4'" 1 
ATOM   167 O  "O4'" . DC  B 2 2 ? 12.348  -4.173  -0.759  1.00 35.02 ? 2   DC  B "O4'" 1 
ATOM   168 C  "C3'" . DC  B 2 2 ? 11.860  -6.401  -0.277  1.00 35.38 ? 2   DC  B "C3'" 1 
ATOM   169 O  "O3'" . DC  B 2 2 ? 11.687  -7.327  0.791   1.00 36.24 ? 2   DC  B "O3'" 1 
ATOM   170 C  "C2'" . DC  B 2 2 ? 10.556  -5.718  -0.669  1.00 32.59 ? 2   DC  B "C2'" 1 
ATOM   171 C  "C1'" . DC  B 2 2 ? 11.009  -4.356  -1.174  1.00 32.63 ? 2   DC  B "C1'" 1 
ATOM   172 N  N1    . DC  B 2 2 ? 10.976  -4.211  -2.645  1.00 36.01 ? 2   DC  B N1    1 
ATOM   173 C  C2    . DC  B 2 2 ? 10.550  -2.998  -3.190  1.00 33.59 ? 2   DC  B C2    1 
ATOM   174 O  O2    . DC  B 2 2 ? 10.203  -2.091  -2.422  1.00 34.98 ? 2   DC  B O2    1 
ATOM   175 N  N3    . DC  B 2 2 ? 10.514  -2.858  -4.532  1.00 35.74 ? 2   DC  B N3    1 
ATOM   176 C  C4    . DC  B 2 2 ? 10.895  -3.863  -5.325  1.00 32.88 ? 2   DC  B C4    1 
ATOM   177 N  N4    . DC  B 2 2 ? 10.846  -3.670  -6.631  1.00 31.56 ? 2   DC  B N4    1 
ATOM   178 C  C5    . DC  B 2 2 ? 11.335  -5.102  -4.788  1.00 35.17 ? 2   DC  B C5    1 
ATOM   179 C  C6    . DC  B 2 2 ? 11.361  -5.230  -3.454  1.00 33.59 ? 2   DC  B C6    1 
ATOM   180 P  P     . DG  B 2 3 ? 11.004  -8.769  0.596   1.00 35.88 ? 3   DG  B P     1 
ATOM   181 O  OP1   . DG  B 2 3 ? 11.576  -9.761  1.566   1.00 38.63 ? 3   DG  B OP1   1 
ATOM   182 O  OP2   . DG  B 2 3 ? 10.905  -9.282  -0.814  1.00 37.57 ? 3   DG  B OP2   1 
ATOM   183 O  "O5'" . DG  B 2 3 ? 9.513   -8.490  1.094   1.00 34.11 ? 3   DG  B "O5'" 1 
ATOM   184 C  "C5'" . DG  B 2 3 ? 9.325   -7.929  2.409   1.00 36.09 ? 3   DG  B "C5'" 1 
ATOM   185 C  "C4'" . DG  B 2 3 ? 7.977   -7.258  2.457   1.00 33.15 ? 3   DG  B "C4'" 1 
ATOM   186 O  "O4'" . DG  B 2 3 ? 7.968   -6.187  1.496   1.00 31.63 ? 3   DG  B "O4'" 1 
ATOM   187 C  "C3'" . DG  B 2 3 ? 6.820   -8.181  2.098   1.00 32.06 ? 3   DG  B "C3'" 1 
ATOM   188 O  "O3'" . DG  B 2 3 ? 6.284   -8.716  3.303   1.00 33.41 ? 3   DG  B "O3'" 1 
ATOM   189 C  "C2'" . DG  B 2 3 ? 5.843   -7.249  1.388   1.00 34.21 ? 3   DG  B "C2'" 1 
ATOM   190 C  "C1'" . DG  B 2 3 ? 6.734   -6.171  0.787   1.00 30.71 ? 3   DG  B "C1'" 1 
ATOM   191 N  N9    . DG  B 2 3 ? 7.025   -6.328  -0.637  1.00 28.88 ? 3   DG  B N9    1 
ATOM   192 C  C8    . DG  B 2 3 ? 7.251   -7.475  -1.354  1.00 32.35 ? 3   DG  B C8    1 
ATOM   193 N  N7    . DG  B 2 3 ? 7.498   -7.256  -2.622  1.00 28.66 ? 3   DG  B N7    1 
ATOM   194 C  C5    . DG  B 2 3 ? 7.433   -5.875  -2.746  1.00 30.25 ? 3   DG  B C5    1 
ATOM   195 C  C6    . DG  B 2 3 ? 7.612   -5.055  -3.886  1.00 30.57 ? 3   DG  B C6    1 
ATOM   196 O  O6    . DG  B 2 3 ? 7.873   -5.400  -5.045  1.00 30.37 ? 3   DG  B O6    1 
ATOM   197 N  N1    . DG  B 2 3 ? 7.457   -3.706  -3.572  1.00 31.98 ? 3   DG  B N1    1 
ATOM   198 C  C2    . DG  B 2 3 ? 7.173   -3.213  -2.324  1.00 32.44 ? 3   DG  B C2    1 
ATOM   199 N  N2    . DG  B 2 3 ? 7.066   -1.883  -2.215  1.00 31.17 ? 3   DG  B N2    1 
ATOM   200 N  N3    . DG  B 2 3 ? 7.004   -3.979  -1.249  1.00 33.88 ? 3   DG  B N3    1 
ATOM   201 C  C4    . DG  B 2 3 ? 7.146   -5.293  -1.533  1.00 33.67 ? 3   DG  B C4    1 
ATOM   202 P  P     . DC  B 2 4 ? 5.055   -9.746  3.310   1.00 40.62 ? 4   DC  B P     1 
ATOM   203 O  OP1   . DC  B 2 4 ? 5.081   -10.621 4.531   1.00 39.10 ? 4   DC  B OP1   1 
ATOM   204 O  OP2   . DC  B 2 4 ? 4.867   -10.502 2.022   1.00 33.76 ? 4   DC  B OP2   1 
ATOM   205 O  "O5'" . DC  B 2 4 ? 3.787   -8.783  3.474   1.00 35.48 ? 4   DC  B "O5'" 1 
ATOM   206 C  "C5'" . DC  B 2 4 ? 3.736   -7.889  4.605   1.00 33.05 ? 4   DC  B "C5'" 1 
ATOM   207 C  "C4'" . DC  B 2 4 ? 2.658   -6.862  4.371   1.00 31.88 ? 4   DC  B "C4'" 1 
ATOM   208 O  "O4'" . DC  B 2 4 ? 2.905   -6.179  3.125   1.00 36.04 ? 4   DC  B "O4'" 1 
ATOM   209 C  "C3'" . DC  B 2 4 ? 1.252   -7.429  4.245   1.00 31.63 ? 4   DC  B "C3'" 1 
ATOM   210 O  "O3'" . DC  B 2 4 ? 0.623   -7.498  5.518   1.00 40.92 ? 4   DC  B "O3'" 1 
ATOM   211 C  "C2'" . DC  B 2 4 ? 0.564   -6.389  3.374   1.00 33.26 ? 4   DC  B "C2'" 1 
ATOM   212 C  "C1'" . DC  B 2 4 ? 1.683   -5.852  2.498   1.00 29.09 ? 4   DC  B "C1'" 1 
ATOM   213 N  N1    . DC  B 2 4 ? 1.696   -6.421  1.132   1.00 31.48 ? 4   DC  B N1    1 
ATOM   214 C  C2    . DC  B 2 4 ? 1.298   -5.612  0.069   1.00 32.47 ? 4   DC  B C2    1 
ATOM   215 O  O2    . DC  B 2 4 ? 0.976   -4.441  0.300   1.00 36.68 ? 4   DC  B O2    1 
ATOM   216 N  N3    . DC  B 2 4 ? 1.302   -6.122  -1.181  1.00 36.05 ? 4   DC  B N3    1 
ATOM   217 C  C4    . DC  B 2 4 ? 1.671   -7.387  -1.391  1.00 32.07 ? 4   DC  B C4    1 
ATOM   218 N  N4    . DC  B 2 4 ? 1.650   -7.835  -2.635  1.00 39.90 ? 4   DC  B N4    1 
ATOM   219 C  C5    . DC  B 2 4 ? 2.067   -8.227  -0.321  1.00 30.59 ? 4   DC  B C5    1 
ATOM   220 C  C6    . DC  B 2 4 ? 2.063   -7.708  0.913   1.00 31.54 ? 4   DC  B C6    1 
ATOM   221 P  P     . DC  B 2 5 ? -0.523  -8.578  5.824   1.00 38.16 ? 5   DC  B P     1 
ATOM   222 O  OP1   . DC  B 2 5 ? -0.734  -8.736  7.304   1.00 39.05 ? 5   DC  B OP1   1 
ATOM   223 O  OP2   . DC  B 2 5 ? -0.334  -9.879  5.100   1.00 40.16 ? 5   DC  B OP2   1 
ATOM   224 O  "O5'" . DC  B 2 5 ? -1.851  -7.916  5.221   1.00 41.68 ? 5   DC  B "O5'" 1 
ATOM   225 C  "C5'" . DC  B 2 5 ? -2.167  -6.548  5.551   1.00 41.18 ? 5   DC  B "C5'" 1 
ATOM   226 C  "C4'" . DC  B 2 5 ? -3.623  -6.296  5.258   1.00 34.25 ? 5   DC  B "C4'" 1 
ATOM   227 O  "O4'" . DC  B 2 5 ? -3.847  -6.246  3.836   1.00 38.28 ? 5   DC  B "O4'" 1 
ATOM   228 C  "C3'" . DC  B 2 5 ? -4.555  -7.389  5.746   1.00 35.74 ? 5   DC  B "C3'" 1 
ATOM   229 O  "O3'" . DC  B 2 5 ? -4.893  -7.104  7.097   1.00 38.02 ? 5   DC  B "O3'" 1 
ATOM   230 C  "C2'" . DC  B 2 5 ? -5.756  -7.234  4.826   1.00 39.60 ? 5   DC  B "C2'" 1 
ATOM   231 C  "C1'" . DC  B 2 5 ? -5.180  -6.621  3.558   1.00 35.20 ? 5   DC  B "C1'" 1 
ATOM   232 N  N1    . DC  B 2 5 ? -5.144  -7.544  2.406   1.00 33.53 ? 5   DC  B N1    1 
ATOM   233 C  C2    . DC  B 2 5 ? -5.375  -7.033  1.129   1.00 32.31 ? 5   DC  B C2    1 
ATOM   234 O  O2    . DC  B 2 5 ? -5.608  -5.824  1.005   1.00 33.64 ? 5   DC  B O2    1 
ATOM   235 N  N3    . DC  B 2 5 ? -5.339  -7.875  0.074   1.00 31.94 ? 5   DC  B N3    1 
ATOM   236 C  C4    . DC  B 2 5 ? -5.079  -9.173  0.253   1.00 32.39 ? 5   DC  B C4    1 
ATOM   237 N  N4    . DC  B 2 5 ? -5.054  -9.952  -0.813  1.00 32.19 ? 5   DC  B N4    1 
ATOM   238 C  C5    . DC  B 2 5 ? -4.838  -9.706  1.546   1.00 33.49 ? 5   DC  B C5    1 
ATOM   239 C  C6    . DC  B 2 5 ? -4.882  -8.862  2.585   1.00 34.23 ? 5   DC  B C6    1 
ATOM   240 P  P     . DG  B 2 6 ? -5.596  -8.164  8.078   1.00 43.23 ? 6   DG  B P     1 
ATOM   241 O  OP1   . DG  B 2 6 ? -5.035  -7.797  9.382   1.00 48.87 ? 6   DG  B OP1   1 
ATOM   242 O  OP2   . DG  B 2 6 ? -5.568  -9.553  7.587   1.00 51.04 ? 6   DG  B OP2   1 
ATOM   243 O  "O5'" . DG  B 2 6 ? -7.142  -7.691  8.049   1.00 44.27 ? 6   DG  B "O5'" 1 
ATOM   244 C  "C5'" . DG  B 2 6 ? -7.415  -6.367  8.491   1.00 42.79 ? 6   DG  B "C5'" 1 
ATOM   245 C  "C4'" . DG  B 2 6 ? -8.683  -5.865  7.882   1.00 43.27 ? 6   DG  B "C4'" 1 
ATOM   246 O  "O4'" . DG  B 2 6 ? -8.500  -5.718  6.460   1.00 40.82 ? 6   DG  B "O4'" 1 
ATOM   247 C  "C3'" . DG  B 2 6 ? -9.858  -6.775  8.099   1.00 45.43 ? 6   DG  B "C3'" 1 
ATOM   248 O  "O3'" . DG  B 2 6 ? -10.500 -6.355  9.362   1.00 48.68 ? 6   DG  B "O3'" 1 
ATOM   249 C  "C2'" . DG  B 2 6 ? -10.718 -6.484  6.871   1.00 44.84 ? 6   DG  B "C2'" 1 
ATOM   250 C  "C1'" . DG  B 2 6 ? -9.670  -6.101  5.791   1.00 41.56 ? 6   DG  B "C1'" 1 
ATOM   251 N  N9    . DG  B 2 6 ? -9.325  -7.181  4.902   1.00 40.12 ? 6   DG  B N9    1 
ATOM   252 C  C8    . DG  B 2 6 ? -9.147  -8.489  5.250   1.00 40.77 ? 6   DG  B C8    1 
ATOM   253 N  N7    . DG  B 2 6 ? -8.832  -9.257  4.222   1.00 39.60 ? 6   DG  B N7    1 
ATOM   254 C  C5    . DG  B 2 6 ? -8.767  -8.399  3.131   1.00 37.98 ? 6   DG  B C5    1 
ATOM   255 C  C6    . DG  B 2 6 ? -8.497  -8.682  1.777   1.00 36.74 ? 6   DG  B C6    1 
ATOM   256 O  O6    . DG  B 2 6 ? -8.209  -9.775  1.254   1.00 37.46 ? 6   DG  B O6    1 
ATOM   257 N  N1    . DG  B 2 6 ? -8.567  -7.531  0.990   1.00 39.62 ? 6   DG  B N1    1 
ATOM   258 C  C2    . DG  B 2 6 ? -8.887  -6.274  1.456   1.00 36.20 ? 6   DG  B C2    1 
ATOM   259 N  N2    . DG  B 2 6 ? -8.853  -5.288  0.561   1.00 35.56 ? 6   DG  B N2    1 
ATOM   260 N  N3    . DG  B 2 6 ? -9.132  -6.002  2.731   1.00 37.43 ? 6   DG  B N3    1 
ATOM   261 C  C4    . DG  B 2 6 ? -9.061  -7.112  3.510   1.00 38.38 ? 6   DG  B C4    1 
ATOM   262 P  P     . DT  B 2 7 ? -11.873 -6.980  9.902   1.00 52.13 ? 7   DT  B P     1 
ATOM   263 O  OP1   . DT  B 2 7 ? -11.937 -6.671  11.349  1.00 55.23 ? 7   DT  B OP1   1 
ATOM   264 O  OP2   . DT  B 2 7 ? -12.128 -8.388  9.522   1.00 52.26 ? 7   DT  B OP2   1 
ATOM   265 O  "O5'" . DT  B 2 7 ? -12.982 -6.153  9.076   1.00 52.61 ? 7   DT  B "O5'" 1 
ATOM   266 C  "C5'" . DT  B 2 7 ? -13.188 -4.793  9.375   1.00 53.70 ? 7   DT  B "C5'" 1 
ATOM   267 C  "C4'" . DT  B 2 7 ? -14.082 -4.176  8.335   1.00 53.92 ? 7   DT  B "C4'" 1 
ATOM   268 O  "O4'" . DT  B 2 7 ? -13.570 -4.553  7.033   1.00 50.68 ? 7   DT  B "O4'" 1 
ATOM   269 C  "C3'" . DT  B 2 7 ? -15.509 -4.691  8.349   1.00 57.11 ? 7   DT  B "C3'" 1 
ATOM   270 O  "O3'" . DT  B 2 7 ? -16.302 -3.998  9.333   1.00 60.95 ? 7   DT  B "O3'" 1 
ATOM   271 C  "C2'" . DT  B 2 7 ? -15.952 -4.388  6.927   1.00 56.16 ? 7   DT  B "C2'" 1 
ATOM   272 C  "C1'" . DT  B 2 7 ? -14.669 -4.724  6.144   1.00 51.92 ? 7   DT  B "C1'" 1 
ATOM   273 N  N1    . DT  B 2 7 ? -14.650 -6.111  5.605   1.00 51.15 ? 7   DT  B N1    1 
ATOM   274 C  C2    . DT  B 2 7 ? -14.913 -6.291  4.271   1.00 50.43 ? 7   DT  B C2    1 
ATOM   275 O  O2    . DT  B 2 7 ? -15.088 -5.351  3.506   1.00 50.19 ? 7   DT  B O2    1 
ATOM   276 N  N3    . DT  B 2 7 ? -14.838 -7.607  3.837   1.00 50.18 ? 7   DT  B N3    1 
ATOM   277 C  C4    . DT  B 2 7 ? -14.593 -8.729  4.628   1.00 50.76 ? 7   DT  B C4    1 
ATOM   278 O  O4    . DT  B 2 7 ? -14.532 -9.860  4.165   1.00 50.91 ? 7   DT  B O4    1 
ATOM   279 C  C5    . DT  B 2 7 ? -14.347 -8.463  6.025   1.00 51.54 ? 7   DT  B C5    1 
ATOM   280 C  C7    . DT  B 2 7 ? -14.073 -9.599  6.966   1.00 52.73 ? 7   DT  B C7    1 
ATOM   281 C  C6    . DT  B 2 7 ? -14.396 -7.183  6.444   1.00 51.73 ? 7   DT  B C6    1 
HETATM 282 N  N     . DSN C 3 1 ? -12.115 -4.572  2.179   1.00 30.61 ? 1   DSN D N     1 
HETATM 283 C  CA    . DSN C 3 1 ? -12.261 -3.420  3.042   1.00 39.36 ? 1   DSN D CA    1 
HETATM 284 C  C     . DSN C 3 1 ? -10.959 -2.678  3.333   1.00 37.29 ? 1   DSN D C     1 
HETATM 285 O  O     . DSN C 3 1 ? -10.959 -1.490  3.358   1.00 36.03 ? 1   DSN D O     1 
HETATM 286 C  CB    . DSN C 3 1 ? -13.134 -2.446  2.256   1.00 43.38 ? 1   DSN D CB    1 
HETATM 287 O  OG    . DSN C 3 1 ? -12.417 -2.212  1.049   1.00 39.06 ? 1   DSN D OG    1 
ATOM   288 N  N     . ALA C 3 2 ? -9.725  -3.407  3.587   1.00 39.09 ? 2   ALA D N     1 
ATOM   289 C  CA    . ALA C 3 2 ? -8.496  -2.661  3.868   1.00 37.05 ? 2   ALA D CA    1 
ATOM   290 C  C     . ALA C 3 2 ? -8.049  -1.889  2.626   1.00 35.52 ? 2   ALA D C     1 
ATOM   291 O  O     . ALA C 3 2 ? -8.358  -2.261  1.552   1.00 42.43 ? 2   ALA D O     1 
ATOM   292 C  CB    . ALA C 3 2 ? -7.418  -3.674  4.174   1.00 32.87 ? 2   ALA D CB    1 
HETATM 293 N  N     . N2C C 3 3 ? -7.234  -0.669  2.741   1.00 39.58 ? 3   N2C D N     1 
HETATM 294 C  CA    . N2C C 3 3 ? -6.801  -0.004  1.526   1.00 38.84 ? 3   N2C D CA    1 
HETATM 295 C  CB    . N2C C 3 3 ? -7.382  1.404   1.387   1.00 42.75 ? 3   N2C D CB    1 
HETATM 296 S  SG    . N2C C 3 3 ? -9.122  1.412   1.906   1.00 55.49 ? 3   N2C D SG    1 
HETATM 297 C  CD    . N2C C 3 3 ? -9.676  3.131   2.124   1.00 68.52 ? 3   N2C D CD    1 
HETATM 298 C  CN    . N2C C 3 3 ? -6.803  -0.173  4.051   1.00 46.81 ? 3   N2C D CN    1 
HETATM 299 C  C     . N2C C 3 3 ? -5.278  0.037   1.682   1.00 39.88 ? 3   N2C D C     1 
HETATM 300 O  O     . N2C C 3 3 ? -4.740  1.047   1.982   1.00 43.74 ? 3   N2C D O     1 
HETATM 301 N  N     . MVA C 3 4 ? -4.470  -1.192  1.523   1.00 38.32 ? 4   MVA D N     1 
HETATM 302 C  CN    . MVA C 3 4 ? -5.081  -2.456  1.151   1.00 36.73 ? 4   MVA D CN    1 
HETATM 303 C  CA    . MVA C 3 4 ? -3.030  -1.084  1.713   1.00 38.37 ? 4   MVA D CA    1 
HETATM 304 C  CB    . MVA C 3 4 ? -2.439  -2.405  2.259   1.00 37.51 ? 4   MVA D CB    1 
HETATM 305 C  CG1   . MVA C 3 4 ? -0.900  -2.381  2.293   1.00 41.24 ? 4   MVA D CG1   1 
HETATM 306 C  CG2   . MVA C 3 4 ? -2.936  -2.746  3.669   1.00 42.57 ? 4   MVA D CG2   1 
HETATM 307 C  C     . MVA C 3 4 ? -2.426  -0.645  0.366   1.00 40.63 ? 4   MVA D C     1 
HETATM 308 O  O     . MVA C 3 4 ? -1.340  -0.207  0.303   1.00 52.01 ? 4   MVA D O     1 
HETATM 309 N  N     . DSN C 3 5 ? -2.928  -2.461  -2.655  1.00 35.09 ? 5   DSN D N     1 
HETATM 310 C  CA    . DSN C 3 5 ? -3.124  -1.139  -3.134  1.00 32.10 ? 5   DSN D CA    1 
HETATM 311 C  C     . DSN C 3 5 ? -4.597  -0.781  -3.344  1.00 33.63 ? 5   DSN D C     1 
HETATM 312 O  O     . DSN C 3 5 ? -4.941  0.341   -3.178  1.00 34.44 ? 5   DSN D O     1 
HETATM 313 C  CB    . DSN C 3 5 ? -2.587  -0.234  -2.007  1.00 37.14 ? 5   DSN D CB    1 
HETATM 314 O  OG    . DSN C 3 5 ? -3.194  -0.733  -0.820  1.00 36.27 ? 5   DSN D OG    1 
ATOM   315 N  N     . ALA C 3 6 ? -5.577  -1.787  -3.744  1.00 33.12 ? 6   ALA D N     1 
ATOM   316 C  CA    . ALA C 3 6 ? -6.961  -1.385  -3.921  1.00 36.12 ? 6   ALA D CA    1 
ATOM   317 C  C     . ALA C 3 6 ? -7.556  -1.101  -2.548  1.00 36.13 ? 6   ALA D C     1 
ATOM   318 O  O     . ALA C 3 6 ? -7.113  -1.627  -1.577  1.00 36.02 ? 6   ALA D O     1 
ATOM   319 C  CB    . ALA C 3 6 ? -7.773  -2.493  -4.600  1.00 28.50 ? 6   ALA D CB    1 
HETATM 320 N  N     . NCY C 3 7 ? -8.673  -0.174  -2.458  1.00 33.32 ? 7   NCY D N     1 
HETATM 321 C  CA    . NCY C 3 7 ? -9.265  0.121   -1.180  1.00 34.05 ? 7   NCY D CA    1 
HETATM 322 C  CB    . NCY C 3 7 ? -9.115  1.614   -0.985  1.00 39.16 ? 7   NCY D CB    1 
HETATM 323 S  SG    . NCY C 3 7 ? -7.417  1.917   -0.374  1.00 50.90 ? 7   NCY D SG    1 
HETATM 324 C  CN    . NCY C 3 7 ? -9.214  0.472   -3.642  1.00 37.65 ? 7   NCY D CN    1 
HETATM 325 C  C     . NCY C 3 7 ? -10.760 -0.230  -1.286  1.00 39.91 ? 7   NCY D C     1 
HETATM 326 O  O     . NCY C 3 7 ? -11.559 0.626   -1.377  1.00 39.07 ? 7   NCY D O     1 
HETATM 327 N  N     . MVA C 3 8 ? -11.194 -1.638  -1.304  1.00 37.42 ? 8   MVA D N     1 
HETATM 328 C  CN    . MVA C 3 8 ? -10.186 -2.682  -1.183  1.00 33.92 ? 8   MVA D CN    1 
HETATM 329 C  CA    . MVA C 3 8 ? -12.638 -1.854  -1.436  1.00 40.61 ? 8   MVA D CA    1 
HETATM 330 C  CB    . MVA C 3 8 ? -13.052 -3.046  -2.315  1.00 45.04 ? 8   MVA D CB    1 
HETATM 331 C  CG1   . MVA C 3 8 ? -12.448 -3.110  -3.715  1.00 35.86 ? 8   MVA D CG1   1 
HETATM 332 C  CG2   . MVA C 3 8 ? -13.110 -4.388  -1.592  1.00 51.33 ? 8   MVA D CG2   1 
HETATM 333 C  C     . MVA C 3 8 ? -13.258 -1.993  -0.058  1.00 44.36 ? 8   MVA D C     1 
HETATM 334 O  O     . MVA C 3 8 ? -14.427 -1.919  0.083   1.00 46.26 ? 8   MVA D O     1 
HETATM 335 N  N     . DSN D 3 1 ? 3.842   -2.644  -0.298  1.00 34.96 ? 1   DSN E N     1 
HETATM 336 C  CA    . DSN D 3 1 ? 3.767   -2.420  1.120   1.00 32.73 ? 1   DSN E CA    1 
HETATM 337 C  C     . DSN D 3 1 ? 5.102   -2.012  1.721   1.00 30.27 ? 1   DSN E C     1 
HETATM 338 O  O     . DSN D 3 1 ? 5.097   -1.205  2.586   1.00 34.90 ? 1   DSN E O     1 
HETATM 339 C  CB    . DSN D 3 1 ? 2.862   -1.195  1.253   1.00 33.65 ? 1   DSN E CB    1 
HETATM 340 O  OG    . DSN D 3 1 ? 3.386   -0.261  0.308   1.00 32.19 ? 1   DSN E OG    1 
ATOM   341 N  N     . ALA D 3 2 ? 6.364   -2.594  1.265   1.00 33.61 ? 2   ALA E N     1 
ATOM   342 C  CA    . ALA D 3 2 ? 7.606   -2.139  1.883   1.00 33.92 ? 2   ALA E CA    1 
ATOM   343 C  C     . ALA D 3 2 ? 7.871   -0.685  1.471   1.00 37.01 ? 2   ALA E C     1 
ATOM   344 O  O     . ALA D 3 2 ? 7.405   -0.246  0.474   1.00 40.15 ? 2   ALA E O     1 
ATOM   345 C  CB    . ALA D 3 2 ? 8.752   -3.004  1.377   1.00 27.25 ? 2   ALA E CB    1 
HETATM 346 N  N     . N2C D 3 3 ? 8.706   0.175   2.329   1.00 34.69 ? 3   N2C E N     1 
HETATM 347 C  CA    . N2C D 3 3 ? 8.991   1.545   1.930   1.00 36.27 ? 3   N2C E CA    1 
HETATM 348 C  CB    . N2C D 3 3 ? 8.402   2.599   2.871   1.00 42.81 ? 3   N2C E CB    1 
HETATM 349 S  SG    . N2C D 3 3 ? 6.781   2.071   3.493   1.00 50.74 ? 3   N2C E SG    1 
HETATM 350 C  CD    . N2C D 3 3 ? 6.890   1.549   5.228   1.00 52.05 ? 3   N2C E CD    1 
HETATM 351 C  CN    . N2C D 3 3 ? 9.299   -0.372  3.547   1.00 40.38 ? 3   N2C E CN    1 
HETATM 352 C  C     . N2C D 3 3 ? 10.517  1.622   1.966   1.00 37.85 ? 3   N2C E C     1 
HETATM 353 O  O     . N2C D 3 3 ? 11.065  2.143   2.868   1.00 35.32 ? 3   N2C E O     1 
HETATM 354 N  N     . MVA D 3 4 ? 11.315  1.010   0.891   1.00 36.91 ? 4   MVA E N     1 
HETATM 355 C  CN    . MVA D 3 4 ? 10.648  0.365   -0.220  1.00 35.25 ? 4   MVA E CN    1 
HETATM 356 C  CA    . MVA D 3 4 ? 12.764  1.096   0.990   1.00 38.35 ? 4   MVA E CA    1 
HETATM 357 C  CB    . MVA D 3 4 ? 13.430  -0.129  0.334   1.00 39.02 ? 4   MVA E CB    1 
HETATM 358 C  CG1   . MVA D 3 4 ? 14.952  0.063   0.183   1.00 47.77 ? 4   MVA E CG1   1 
HETATM 359 C  CG2   . MVA D 3 4 ? 13.203  -1.389  1.172   1.00 37.80 ? 4   MVA E CG2   1 
HETATM 360 C  C     . MVA D 3 4 ? 13.198  2.430   0.367   1.00 44.86 ? 4   MVA E C     1 
HETATM 361 O  O     . MVA D 3 4 ? 14.183  2.971   0.708   1.00 45.80 ? 4   MVA E O     1 
HETATM 362 N  N     . DSN D 3 5 ? 12.434  2.905   -3.126  1.00 30.68 ? 5   DSN E N     1 
HETATM 363 C  CA    . DSN D 3 5 ? 12.148  4.189   -2.578  1.00 37.39 ? 5   DSN E CA    1 
HETATM 364 C  C     . DSN D 3 5 ? 10.668  4.453   -2.283  1.00 38.44 ? 5   DSN E C     1 
HETATM 365 O  O     . DSN D 3 5 ? 10.369  5.050   -1.300  1.00 36.05 ? 5   DSN E O     1 
HETATM 366 C  CB    . DSN D 3 5 ? 12.877  4.183   -1.232  1.00 41.34 ? 5   DSN E CB    1 
HETATM 367 O  OG    . DSN D 3 5 ? 12.365  3.024   -0.604  1.00 40.14 ? 5   DSN E OG    1 
ATOM   368 N  N     . ALA D 3 6 ? 9.631   3.992   -3.192  1.00 39.10 ? 6   ALA E N     1 
ATOM   369 C  CA    . ALA D 3 6 ? 8.230   4.268   -2.884  1.00 38.47 ? 6   ALA E CA    1 
ATOM   370 C  C     . ALA D 3 6 ? 7.772   3.496   -1.649  1.00 36.53 ? 6   ALA E C     1 
ATOM   371 O  O     . ALA D 3 6 ? 8.345   2.519   -1.325  1.00 39.01 ? 6   ALA E O     1 
ATOM   372 C  CB    . ALA D 3 6 ? 7.389   3.788   -4.057  1.00 35.32 ? 6   ALA E CB    1 
HETATM 373 N  N     . NCY D 3 7 ? 6.627   3.945   -0.867  1.00 41.09 ? 7   NCY E N     1 
HETATM 374 C  CA    . NCY D 3 7 ? 6.199   3.183   0.281   1.00 37.35 ? 7   NCY E CA    1 
HETATM 375 C  CB    . NCY D 3 7 ? 6.310   4.079   1.492   1.00 40.31 ? 7   NCY E CB    1 
HETATM 376 S  SG    . NCY D 3 7 ? 8.082   4.149   1.944   1.00 50.87 ? 7   NCY E SG    1 
HETATM 377 C  CN    . NCY D 3 7 ? 5.875   5.142   -1.226  1.00 43.46 ? 7   NCY E CN    1 
HETATM 378 C  C     . NCY D 3 7 ? 4.711   2.874   0.019   1.00 38.42 ? 7   NCY E C     1 
HETATM 379 O  O     . NCY D 3 7 ? 3.878   3.442   0.626   1.00 43.15 ? 7   NCY E O     1 
HETATM 380 N  N     . MVA D 3 8 ? 4.305   1.910   -1.022  1.00 37.01 ? 8   MVA E N     1 
HETATM 381 C  CN    . MVA D 3 8 ? 5.282   1.173   -1.807  1.00 35.78 ? 8   MVA E CN    1 
HETATM 382 C  CA    . MVA D 3 8 ? 2.872   1.704   -1.221  1.00 37.33 ? 8   MVA E CA    1 
HETATM 383 C  CB    . MVA D 3 8 ? 2.588   1.365   -2.698  1.00 39.11 ? 8   MVA E CB    1 
HETATM 384 C  CG1   . MVA D 3 8 ? 2.881   2.537   -3.638  1.00 42.26 ? 8   MVA E CG1   1 
HETATM 385 C  CG2   . MVA D 3 8 ? 1.135   0.931   -2.901  1.00 39.87 ? 8   MVA E CG2   1 
HETATM 386 C  C     . MVA D 3 8 ? 2.424   0.614   -0.249  1.00 38.85 ? 8   MVA E C     1 
HETATM 387 O  O     . MVA D 3 8 ? 1.294   0.494   0.077   1.00 46.81 ? 8   MVA E O     1 
HETATM 388 MN MN    . MN  E 4 . ? -4.575  -9.459  -6.857  1.00 28.50 ? 101 MN  A MN    1 
HETATM 389 MN MN    . MN  F 4 . ? 10.593  0.909   -10.795 0.74 55.88 ? 102 MN  A MN    1 
HETATM 390 MN MN    . MN  G 4 . ? -8.906  -11.581 4.373   0.49 46.84 ? 101 MN  B MN    1 
HETATM 391 N  N1    . QUI H 5 . ? -12.039 -6.898  0.450   1.00 34.31 ? 101 QUI D N1    1 
HETATM 392 C  C2    . QUI H 5 . ? -11.991 -7.124  1.750   1.00 33.08 ? 101 QUI D C2    1 
HETATM 393 C  C3    . QUI H 5 . ? -11.937 -8.433  2.209   1.00 33.51 ? 101 QUI D C3    1 
HETATM 394 N  N4    . QUI H 5 . ? -11.903 -9.432  1.335   1.00 37.79 ? 101 QUI D N4    1 
HETATM 395 C  C5    . QUI H 5 . ? -11.892 -10.271 -0.937  1.00 40.56 ? 101 QUI D C5    1 
HETATM 396 C  C6    . QUI H 5 . ? -11.920 -10.023 -2.299  1.00 34.64 ? 101 QUI D C6    1 
HETATM 397 C  C7    . QUI H 5 . ? -11.991 -8.715  -2.764  1.00 32.75 ? 101 QUI D C7    1 
HETATM 398 C  C8    . QUI H 5 . ? -12.026 -7.659  -1.863  1.00 36.15 ? 101 QUI D C8    1 
HETATM 399 C  C9    . QUI H 5 . ? -12.000 -7.915  -0.459  1.00 32.76 ? 101 QUI D C9    1 
HETATM 400 C  C10   . QUI H 5 . ? -11.934 -9.184  -0.005  1.00 34.79 ? 101 QUI D C10   1 
HETATM 401 C  C     . QUI H 5 . ? -12.075 -5.923  2.728   1.00 36.16 ? 101 QUI D C     1 
HETATM 402 O  O1    . QUI H 5 . ? -12.144 -6.079  3.902   1.00 36.42 ? 101 QUI D O1    1 
HETATM 403 N  N1    . QUI I 5 . ? -2.390  -5.058  -1.611  1.00 33.45 ? 102 QUI D N1    1 
HETATM 404 C  C2    . QUI I 5 . ? -2.422  -4.930  -2.936  1.00 30.52 ? 102 QUI D C2    1 
HETATM 405 C  C3    . QUI I 5 . ? -2.140  -6.017  -3.786  1.00 31.24 ? 102 QUI D C3    1 
HETATM 406 N  N4    . QUI I 5 . ? -1.876  -7.212  -3.299  1.00 32.05 ? 102 QUI D N4    1 
HETATM 407 C  C5    . QUI I 5 . ? -1.571  -8.631  -1.457  1.00 36.57 ? 102 QUI D C5    1 
HETATM 408 C  C6    . QUI I 5 . ? -1.558  -8.772  -0.072  1.00 31.25 ? 102 QUI D C6    1 
HETATM 409 C  C7    . QUI I 5 . ? -1.815  -7.686  0.779   1.00 33.92 ? 102 QUI D C7    1 
HETATM 410 C  C8    . QUI I 5 . ? -2.100  -6.420  0.272   1.00 33.83 ? 102 QUI D C8    1 
HETATM 411 C  C9    . QUI I 5 . ? -2.102  -6.294  -1.142  1.00 30.21 ? 102 QUI D C9    1 
HETATM 412 C  C10   . QUI I 5 . ? -1.857  -7.325  -1.948  1.00 35.59 ? 102 QUI D C10   1 
HETATM 413 C  C     . QUI I 5 . ? -2.689  -3.586  -3.536  1.00 32.79 ? 102 QUI D C     1 
HETATM 414 O  O1    . QUI I 5 . ? -2.691  -3.426  -4.707  1.00 32.46 ? 102 QUI D O1    1 
HETATM 415 N  N1    . QUI J 5 . ? 3.880   -3.082  -3.150  1.00 33.54 ? 101 QUI E N1    1 
HETATM 416 C  C2    . QUI J 5 . ? 4.046   -4.135  -2.375  1.00 29.78 ? 101 QUI E C2    1 
HETATM 417 C  C3    . QUI J 5 . ? 4.142   -5.403  -2.931  1.00 29.68 ? 101 QUI E C3    1 
HETATM 418 N  N4    . QUI J 5 . ? 4.104   -5.535  -4.248  1.00 34.00 ? 101 QUI E N4    1 
HETATM 419 C  C5    . QUI J 5 . ? 3.906   -4.621  -6.468  1.00 36.37 ? 101 QUI E C5    1 
HETATM 420 C  C6    . QUI J 5 . ? 3.747   -3.515  -7.286  1.00 36.40 ? 101 QUI E C6    1 
HETATM 421 C  C7    . QUI J 5 . ? 3.636   -2.237  -6.733  1.00 38.07 ? 101 QUI E C7    1 
HETATM 422 C  C8    . QUI J 5 . ? 3.674   -2.070  -5.357  1.00 33.81 ? 101 QUI E C8    1 
HETATM 423 C  C9    . QUI J 5 . ? 3.832   -3.208  -4.509  1.00 30.49 ? 101 QUI E C9    1 
HETATM 424 C  C10   . QUI J 5 . ? 3.948   -4.446  -5.047  1.00 38.06 ? 101 QUI E C10   1 
HETATM 425 C  C     . QUI J 5 . ? 4.057   -3.966  -0.849  1.00 33.23 ? 101 QUI E C     1 
HETATM 426 O  O1    . QUI J 5 . ? 4.209   -4.885  -0.132  1.00 33.80 ? 101 QUI E O1    1 
HETATM 427 N  N1    . QUI K 5 . ? 13.136  0.393   -4.150  1.00 33.33 ? 102 QUI E N1    1 
HETATM 428 C  C2    . QUI K 5 . ? 12.978  1.349   -5.054  1.00 29.62 ? 102 QUI E C2    1 
HETATM 429 C  C3    . QUI K 5 . ? 13.230  1.126   -6.426  1.00 32.89 ? 102 QUI E C3    1 
HETATM 430 N  N4    . QUI K 5 . ? 13.600  -0.065  -6.863  1.00 36.79 ? 102 QUI E N4    1 
HETATM 431 C  C5    . QUI K 5 . ? 14.128  -2.313  -6.402  1.00 37.39 ? 102 QUI E C5    1 
HETATM 432 C  C6    . QUI K 5 . ? 14.265  -3.322  -5.455  1.00 31.33 ? 102 QUI E C6    1 
HETATM 433 C  C7    . QUI K 5 . ? 14.029  -3.082  -4.094  1.00 32.67 ? 102 QUI E C7    1 
HETATM 434 C  C8    . QUI K 5 . ? 13.640  -1.824  -3.632  1.00 34.56 ? 102 QUI E C8    1 
HETATM 435 C  C9    . QUI K 5 . ? 13.506  -0.812  -4.622  1.00 32.90 ? 102 QUI E C9    1 
HETATM 436 C  C10   . QUI K 5 . ? 13.734  -1.034  -5.916  1.00 35.16 ? 102 QUI E C10   1 
HETATM 437 C  C     . QUI K 5 . ? 12.597  2.712   -4.558  1.00 36.22 ? 102 QUI E C     1 
HETATM 438 O  O1    . QUI K 5 . ? 12.462  3.628   -5.306  1.00 37.89 ? 102 QUI E O1    1 
HETATM 439 O  O     . HOH L 6 . ? -10.646 -7.514  -11.791 1.00 39.99 ? 201 HOH A O     1 
HETATM 440 O  O     . HOH L 6 . ? -10.513 -4.288  -11.307 1.00 50.76 ? 202 HOH A O     1 
HETATM 441 O  O     . HOH L 6 . ? -5.757  -8.962  -8.611  1.00 32.11 ? 203 HOH A O     1 
HETATM 442 O  O     . HOH L 6 . ? -9.487  -9.606  -8.174  1.00 31.61 ? 204 HOH A O     1 
HETATM 443 O  O     . HOH L 6 . ? 2.518   -2.583  -10.077 1.00 47.14 ? 205 HOH A O     1 
HETATM 444 O  O     . HOH L 6 . ? 0.539   -4.855  -10.702 1.00 43.39 ? 206 HOH A O     1 
HETATM 445 O  O     . HOH L 6 . ? 2.720   5.602   -10.533 1.00 52.69 ? 207 HOH A O     1 
HETATM 446 O  O     . HOH L 6 . ? 2.750   3.200   -13.710 1.00 55.89 ? 208 HOH A O     1 
HETATM 447 O  O     . HOH L 6 . ? -3.172  -9.959  -4.984  1.00 37.29 ? 209 HOH A O     1 
HETATM 448 O  O     . HOH L 6 . ? -13.276 -4.390  -11.768 1.00 55.58 ? 210 HOH A O     1 
HETATM 449 O  O     . HOH M 6 . ? 13.905  -10.719 1.141   1.00 40.46 ? 201 HOH B O     1 
HETATM 450 O  O     . HOH M 6 . ? 8.932   -9.977  -2.452  1.00 31.74 ? 202 HOH B O     1 
HETATM 451 O  O     . HOH M 6 . ? 13.103  -8.924  3.689   1.00 50.01 ? 203 HOH B O     1 
HETATM 452 O  O     . HOH M 6 . ? -4.687  -5.151  10.213  1.00 57.65 ? 204 HOH B O     1 
HETATM 453 O  O     . HOH M 6 . ? 11.685  -5.669  -8.548  1.00 47.46 ? 205 HOH B O     1 
HETATM 454 O  O     . HOH M 6 . ? 2.432   -11.689 0.964   1.00 43.58 ? 206 HOH B O     1 
HETATM 455 O  O     . HOH M 6 . ? 6.000   -7.861  -5.274  1.00 38.01 ? 207 HOH B O     1 
HETATM 456 O  O     . HOH M 6 . ? 14.765  -10.501 -1.277  1.00 42.06 ? 208 HOH B O     1 
HETATM 457 O  O     . HOH M 6 . ? -2.672  -13.020 2.243   1.00 50.67 ? 209 HOH B O     1 
HETATM 458 O  O     . HOH N 6 . ? 3.692   -8.059  -5.616  1.00 42.23 ? 201 HOH E O     1 
# 
loop_
_atom_site_anisotrop.id 
_atom_site_anisotrop.type_symbol 
_atom_site_anisotrop.pdbx_label_atom_id 
_atom_site_anisotrop.pdbx_label_alt_id 
_atom_site_anisotrop.pdbx_label_comp_id 
_atom_site_anisotrop.pdbx_label_asym_id 
_atom_site_anisotrop.pdbx_label_seq_id 
_atom_site_anisotrop.pdbx_PDB_ins_code 
_atom_site_anisotrop.U[1][1] 
_atom_site_anisotrop.U[2][2] 
_atom_site_anisotrop.U[3][3] 
_atom_site_anisotrop.U[1][2] 
_atom_site_anisotrop.U[1][3] 
_atom_site_anisotrop.U[2][3] 
_atom_site_anisotrop.pdbx_auth_seq_id 
_atom_site_anisotrop.pdbx_auth_comp_id 
_atom_site_anisotrop.pdbx_auth_asym_id 
_atom_site_anisotrop.pdbx_auth_atom_id 
1   O "O5'" . DA A 1 ? 0.3567 1.1151 0.4130 -0.1630 0.0801  -0.1060 1 DA A "O5'" 
2   C "C5'" . DA A 1 ? 0.4792 1.3324 0.5702 -0.1368 0.0567  -0.0893 1 DA A "C5'" 
3   C "C4'" . DA A 1 ? 0.3377 1.1821 0.4592 -0.0786 0.0513  -0.0713 1 DA A "C4'" 
4   O "O4'" . DA A 1 ? 0.3170 1.1167 0.4402 -0.0656 0.0717  -0.0813 1 DA A "O4'" 
5   C "C3'" . DA A 1 ? 0.3413 1.1280 0.4475 -0.0623 0.0489  -0.0584 1 DA A "C3'" 
6   O "O3'" . DA A 1 ? 0.3571 1.1517 0.4902 -0.0089 0.0260  -0.0352 1 DA A "O3'" 
7   C "C2'" . DA A 1 ? 0.3812 1.0710 0.4611 -0.0628 0.0731  -0.0699 1 DA A "C2'" 
8   C "C1'" . DA A 1 ? 0.3290 1.0450 0.4324 -0.0455 0.0801  -0.0771 1 DA A "C1'" 
9   N N9    . DA A 1 ? 0.3623 1.0075 0.4374 -0.0641 0.1025  -0.0910 1 DA A N9    
10  C C8    . DA A 1 ? 0.3922 0.9929 0.4370 -0.1082 0.1148  -0.1026 1 DA A C8    
11  N N7    . DA A 1 ? 0.3837 0.9241 0.4096 -0.1106 0.1323  -0.1072 1 DA A N7    
12  C C5    . DA A 1 ? 0.4118 0.9571 0.4511 -0.0688 0.1324  -0.1018 1 DA A C5    
13  C C6    . DA A 1 ? 0.3887 0.8869 0.4106 -0.0527 0.1468  -0.1041 1 DA A C6    
14  N N6    . DA A 1 ? 0.4587 0.8983 0.4480 -0.0761 0.1633  -0.1073 1 DA A N6    
15  N N1    . DA A 1 ? 0.4338 0.9451 0.4697 -0.0094 0.1432  -0.1023 1 DA A N1    
16  C C2    . DA A 1 ? 0.3861 0.9532 0.4574 0.0197  0.1255  -0.0952 1 DA A C2    
17  N N3    . DA A 1 ? 0.3143 0.9337 0.4069 0.0097  0.1095  -0.0874 1 DA A N3    
18  C C4    . DA A 1 ? 0.3404 0.9470 0.4122 -0.0379 0.1145  -0.0930 1 DA A C4    
19  P P     . DC A 2 ? 0.4244 1.1675 0.5369 0.0077  0.0040  -0.0107 2 DC A P     
20  O OP1   . DC A 2 ? 0.4080 1.1729 0.5528 0.0615  -0.0207 0.0147  2 DC A OP1   
21  O OP2   . DC A 2 ? 0.3311 1.0959 0.4137 -0.0362 -0.0007 -0.0111 2 DC A OP2   
22  O "O5'" . DC A 2 ? 0.3094 0.9330 0.3926 0.0137  0.0189  -0.0146 2 DC A "O5'" 
23  C "C5'" . DC A 2 ? 0.2922 0.8600 0.3381 -0.0226 0.0322  -0.0215 2 DC A "C5'" 
24  C "C4'" . DC A 2 ? 0.2891 0.7628 0.3240 -0.0013 0.0318  -0.0118 2 DC A "C4'" 
25  O "O4'" . DC A 2 ? 0.2842 0.7125 0.3173 0.0067  0.0461  -0.0246 2 DC A "O4'" 
26  C "C3'" . DC A 2 ? 0.2944 0.7155 0.3011 -0.0285 0.0428  -0.0122 2 DC A "C3'" 
27  O "O3'" . DC A 2 ? 0.3204 0.7556 0.3214 -0.0264 0.0272  0.0069  2 DC A "O3'" 
28  C "C2'" . DC A 2 ? 0.2877 0.6269 0.2946 -0.0097 0.0467  -0.0098 2 DC A "C2'" 
29  C "C1'" . DC A 2 ? 0.2839 0.6297 0.3009 0.0065  0.0497  -0.0206 2 DC A "C1'" 
30  N N1    . DC A 2 ? 0.2986 0.6115 0.2977 -0.0150 0.0723  -0.0374 2 DC A N1    
31  C C2    . DC A 2 ? 0.3147 0.5924 0.3102 0.0030  0.0742  -0.0416 2 DC A C2    
32  O O2    . DC A 2 ? 0.3342 0.6061 0.3412 0.0355  0.0587  -0.0350 2 DC A O2    
33  N N3    . DC A 2 ? 0.3741 0.6194 0.3485 -0.0163 0.0934  -0.0524 2 DC A N3    
34  C C4    . DC A 2 ? 0.3507 0.5928 0.3113 -0.0508 0.1121  -0.0601 2 DC A C4    
35  N N4    . DC A 2 ? 0.4216 0.6232 0.3599 -0.0666 0.1310  -0.0673 2 DC A N4    
36  C C5    . DC A 2 ? 0.3748 0.6502 0.3385 -0.0705 0.1124  -0.0606 2 DC A C5    
37  C C6    . DC A 2 ? 0.2954 0.6082 0.2769 -0.0524 0.0914  -0.0485 2 DC A C6    
38  P P     . DG A 3 ? 0.3211 0.7238 0.2912 -0.0580 0.0412  0.0060  3 DG A P     
39  O OP1   . DG A 3 ? 0.3453 0.8026 0.2963 -0.0744 0.0291  0.0158  3 DG A OP1   
40  O OP2   . DG A 3 ? 0.3432 0.7107 0.2966 -0.0886 0.0707  -0.0185 3 DG A OP2   
41  O "O5'" . DG A 3 ? 0.3178 0.6531 0.2966 -0.0316 0.0346  0.0263  3 DG A "O5'" 
42  C "C5'" . DG A 3 ? 0.3392 0.6806 0.3327 0.0013  0.0092  0.0513  3 DG A "C5'" 
43  C "C4'" . DG A 3 ? 0.3194 0.5891 0.3264 0.0223  0.0066  0.0602  3 DG A "C4'" 
44  O "O4'" . DG A 3 ? 0.3033 0.5530 0.3215 0.0328  0.0114  0.0432  3 DG A "O4'" 
45  C "C3'" . DG A 3 ? 0.3211 0.5444 0.3203 0.0021  0.0233  0.0614  3 DG A "C3'" 
46  O "O3'" . DG A 3 ? 0.3435 0.5601 0.3361 0.0038  0.0148  0.0859  3 DG A "O3'" 
47  C "C2'" . DG A 3 ? 0.3319 0.5003 0.3504 0.0169  0.0229  0.0568  3 DG A "C2'" 
48  C "C1'" . DG A 3 ? 0.3011 0.4893 0.3215 0.0280  0.0203  0.0405  3 DG A "C1'" 
49  N N9    . DG A 3 ? 0.3014 0.4868 0.3127 0.0075  0.0412  0.0196  3 DG A N9    
50  C C8    . DG A 3 ? 0.3146 0.5062 0.3109 -0.0227 0.0633  0.0085  3 DG A C8    
51  N N7    . DG A 3 ? 0.2923 0.4683 0.2814 -0.0338 0.0793  -0.0078 3 DG A N7    
52  C C5    . DG A 3 ? 0.3360 0.4995 0.3334 -0.0105 0.0665  -0.0072 3 DG A C5    
53  C C6    . DG A 3 ? 0.3500 0.4928 0.3384 -0.0108 0.0748  -0.0185 3 DG A C6    
54  O O6    . DG A 3 ? 0.3456 0.4738 0.3192 -0.0314 0.0952  -0.0294 3 DG A O6    
55  N N1    . DG A 3 ? 0.3293 0.4627 0.3220 0.0156  0.0583  -0.0159 3 DG A N1    
56  C C2    . DG A 3 ? 0.3576 0.4951 0.3641 0.0403  0.0375  -0.0049 3 DG A C2    
57  N N2    . DG A 3 ? 0.3024 0.4215 0.3061 0.0633  0.0272  -0.0083 3 DG A N2    
58  N N3    . DG A 3 ? 0.3590 0.5122 0.3763 0.0417  0.0290  0.0087  3 DG A N3    
59  C C4    . DG A 3 ? 0.3802 0.5485 0.3912 0.0151  0.0439  0.0073  3 DG A C4    
60  P P     . DG A 4 ? 0.4653 0.6417 0.4556 -0.0132 0.0314  0.0946  4 DG A P     
61  O OP1   . DG A 4 ? 0.4624 0.6564 0.4305 -0.0184 0.0242  0.1181  4 DG A OP1   
62  O OP2   . DG A 4 ? 0.3685 0.5318 0.3581 -0.0356 0.0601  0.0722  4 DG A OP2   
63  O "O5'" . DG A 4 ? 0.4107 0.5326 0.4318 0.0091  0.0187  0.1054  4 DG A "O5'" 
64  C "C5'" . DG A 4 ? 0.3923 0.5011 0.4180 0.0334  -0.0052 0.1248  4 DG A "C5'" 
65  C "C4'" . DG A 4 ? 0.3622 0.4185 0.4115 0.0474  -0.0147 0.1232  4 DG A "C4'" 
66  O "O4'" . DG A 4 ? 0.4240 0.4822 0.4784 0.0502  -0.0105 0.0991  4 DG A "O4'" 
67  C "C3'" . DG A 4 ? 0.3887 0.4104 0.4567 0.0309  -0.0055 0.1308  4 DG A "C3'" 
68  O "O3'" . DG A 4 ? 0.4992 0.4971 0.5663 0.0320  -0.0146 0.1574  4 DG A "O3'" 
69  C "C2'" . DG A 4 ? 0.4410 0.4291 0.5290 0.0405  -0.0154 0.1175  4 DG A "C2'" 
70  C "C1'" . DG A 4 ? 0.3799 0.3954 0.4535 0.0475  -0.0115 0.0955  4 DG A "C1'" 
71  N N9    . DG A 4 ? 0.3520 0.3770 0.4286 0.0307  0.0086  0.0811  4 DG A N9    
72  C C8    . DG A 4 ? 0.3650 0.4140 0.4341 0.0101  0.0324  0.0780  4 DG A C8    
73  N N7    . DG A 4 ? 0.3684 0.4109 0.4420 0.0014  0.0491  0.0636  4 DG A N7    
74  C C5    . DG A 4 ? 0.3824 0.3995 0.4658 0.0162  0.0329  0.0600  4 DG A C5    
75  C C6    . DG A 4 ? 0.4803 0.4784 0.5691 0.0162  0.0381  0.0509  4 DG A C6    
76  O O6    . DG A 4 ? 0.4877 0.4847 0.5769 0.0050  0.0608  0.0437  4 DG A O6    
77  N N1    . DG A 4 ? 0.4628 0.4367 0.5516 0.0315  0.0147  0.0503  4 DG A N1    
78  C C2    . DG A 4 ? 0.4830 0.4478 0.5675 0.0452  -0.0073 0.0545  4 DG A C2    
79  N N2    . DG A 4 ? 0.4664 0.4034 0.5427 0.0563  -0.0253 0.0486  4 DG A N2    
80  N N3    . DG A 4 ? 0.3984 0.3764 0.4824 0.0481  -0.0106 0.0644  4 DG A N3    
81  C C4    . DG A 4 ? 0.3967 0.4026 0.4803 0.0329  0.0086  0.0684  4 DG A C4    
82  P P     . DC A 5 ? 0.4991 0.4828 0.5792 0.0075  0.0016  0.1734  5 DC A P     
83  O OP1   . DC A 5 ? 0.5442 0.5063 0.6100 0.0084  -0.0077 0.2038  5 DC A OP1   
84  O OP2   . DC A 5 ? 0.4764 0.4935 0.5504 -0.0149 0.0312  0.1637  5 DC A OP2   
85  O "O5'" . DC A 5 ? 0.5115 0.4593 0.6317 0.0059  -0.0048 0.1669  5 DC A "O5'" 
86  C "C5'" . DC A 5 ? 0.4963 0.4031 0.6213 0.0227  -0.0308 0.1666  5 DC A "C5'" 
87  C "C4'" . DC A 5 ? 0.4416 0.3198 0.6031 0.0089  -0.0364 0.1679  5 DC A "C4'" 
88  O "O4'" . DC A 5 ? 0.4701 0.3659 0.6519 0.0065  -0.0319 0.1493  5 DC A "O4'" 
89  C "C3'" . DC A 5 ? 0.4327 0.3157 0.6166 -0.0157 -0.0198 0.1879  5 DC A "C3'" 
90  O "O3'" . DC A 5 ? 0.4814 0.3256 0.6542 -0.0179 -0.0307 0.2099  5 DC A "O3'" 
91  C "C2'" . DC A 5 ? 0.4671 0.3503 0.6990 -0.0276 -0.0225 0.1803  5 DC A "C2'" 
92  C "C1'" . DC A 5 ? 0.4048 0.2995 0.6306 -0.0115 -0.0288 0.1565  5 DC A "C1'" 
93  N N1    . DC A 5 ? 0.3698 0.3009 0.6144 -0.0164 -0.0046 0.1484  5 DC A N1    
94  C C2    . DC A 5 ? 0.3311 0.2642 0.5932 -0.0094 -0.0126 0.1352  5 DC A C2    
95  O O2    . DC A 5 ? 0.3559 0.2640 0.6133 -0.0021 -0.0404 0.1295  5 DC A O2    
96  N N3    . DC A 5 ? 0.3112 0.2689 0.5905 -0.0105 0.0110  0.1293  5 DC A N3    
97  C C4    . DC A 5 ? 0.3251 0.3042 0.6021 -0.0200 0.0435  0.1317  5 DC A C4    
98  N N4    . DC A 5 ? 0.3204 0.3143 0.6127 -0.0193 0.0690  0.1231  5 DC A N4    
99  C C5    . DC A 5 ? 0.3308 0.3119 0.5848 -0.0303 0.0512  0.1435  5 DC A C5    
100 C C6    . DC A 5 ? 0.3495 0.3065 0.5891 -0.0271 0.0255  0.1538  5 DC A C6    
101 P P     . DG A 6 ? 0.5242 0.3681 0.7011 -0.0430 -0.0118 0.2381  6 DG A P     
102 O OP1   . DG A 6 ? 0.5951 0.4071 0.7315 -0.0337 -0.0210 0.2624  6 DG A OP1   
103 O OP2   . DG A 6 ? 0.5966 0.4895 0.7801 -0.0599 0.0213  0.2373  6 DG A OP2   
104 O "O5'" . DG A 6 ? 0.5307 0.3444 0.7543 -0.0633 -0.0212 0.2423  6 DG A "O5'" 
105 C "C5'" . DG A 6 ? 0.5676 0.3276 0.7809 -0.0551 -0.0489 0.2364  6 DG A "C5'" 
106 C "C4'" . DG A 6 ? 0.5604 0.3206 0.8161 -0.0717 -0.0606 0.2211  6 DG A "C4'" 
107 O "O4'" . DG A 6 ? 0.5175 0.3116 0.7967 -0.0632 -0.0626 0.2051  6 DG A "O4'" 
108 C "C3'" . DG A 6 ? 0.5702 0.3540 0.8674 -0.1029 -0.0443 0.2337  6 DG A "C3'" 
109 O "O3'" . DG A 6 ? 0.6349 0.3728 0.9181 -0.1176 -0.0518 0.2423  6 DG A "O3'" 
110 C "C2'" . DG A 6 ? 0.5321 0.3486 0.8828 -0.1095 -0.0546 0.2184  6 DG A "C2'" 
111 C "C1'" . DG A 6 ? 0.4880 0.3136 0.8239 -0.0837 -0.0600 0.2039  6 DG A "C1'" 
112 N N9    . DG A 6 ? 0.4422 0.3193 0.8003 -0.0809 -0.0328 0.2038  6 DG A N9    
113 C C8    . DG A 6 ? 0.4402 0.3460 0.7992 -0.0901 0.0015  0.2161  6 DG A C8    
114 N N7    . DG A 6 ? 0.4047 0.3505 0.7768 -0.0830 0.0238  0.2049  6 DG A N7    
115 C C5    . DG A 6 ? 0.3805 0.3243 0.7621 -0.0674 0.0012  0.1879  6 DG A C5    
116 C C6    . DG A 6 ? 0.3476 0.3172 0.7423 -0.0538 0.0107  0.1735  6 DG A C6    
117 O O6    . DG A 6 ? 0.3390 0.3360 0.7415 -0.0524 0.0431  0.1699  6 DG A O6    
118 N N1    . DG A 6 ? 0.3799 0.3340 0.7729 -0.0418 -0.0207 0.1625  6 DG A N1    
119 C C2    . DG A 6 ? 0.3649 0.2832 0.7429 -0.0437 -0.0549 0.1610  6 DG A C2    
120 N N2    . DG A 6 ? 0.3628 0.2700 0.7323 -0.0330 -0.0802 0.1483  6 DG A N2    
121 N N3    . DG A 6 ? 0.3981 0.2874 0.7652 -0.0559 -0.0624 0.1715  6 DG A N3    
122 C C4    . DG A 6 ? 0.4030 0.3073 0.7738 -0.0668 -0.0339 0.1865  6 DG A C4    
123 P P     . DT A 7 ? 0.6688 0.4184 0.9844 -0.1527 -0.0358 0.2566  7 DT A P     
124 O OP1   . DT A 7 ? 0.7455 0.4345 1.0181 -0.1594 -0.0355 0.2718  7 DT A OP1   
125 O OP2   . DT A 7 ? 0.6320 0.4437 0.9756 -0.1609 -0.0039 0.2641  7 DT A OP2   
126 O "O5'" . DT A 7 ? 0.6606 0.4215 1.0279 -0.1679 -0.0589 0.2397  7 DT A "O5'" 
127 C "C5'" . DT A 7 ? 0.6964 0.4035 1.0411 -0.1645 -0.0895 0.2248  7 DT A "C5'" 
128 C "C4'" . DT A 7 ? 0.6750 0.4090 1.0662 -0.1756 -0.1138 0.2089  7 DT A "C4'" 
129 O "O4'" . DT A 7 ? 0.6046 0.3905 1.0209 -0.1575 -0.1106 0.2040  7 DT A "O4'" 
130 C "C3'" . DT A 7 ? 0.6901 0.4611 1.1401 -0.2098 -0.1103 0.2170  7 DT A "C3'" 
131 O "O3'" . DT A 7 ? 0.7647 0.4829 1.1985 -0.2341 -0.1236 0.2146  7 DT A "O3'" 
132 C "C2'" . DT A 7 ? 0.6423 0.4649 1.1436 -0.2069 -0.1308 0.2063  7 DT A "C2'" 
133 C "C1'" . DT A 7 ? 0.5829 0.4212 1.0666 -0.1738 -0.1191 0.2036  7 DT A "C1'" 
134 N N1    . DT A 7 ? 0.5381 0.4387 1.0626 -0.1699 -0.0858 0.2149  7 DT A N1    
135 C C2    . DT A 7 ? 0.4933 0.4440 1.0679 -0.1609 -0.0895 0.2113  7 DT A C2    
136 O O2    . DT A 7 ? 0.4877 0.4343 1.0718 -0.1575 -0.1225 0.2016  7 DT A O2    
137 N N3    . DT A 7 ? 0.4610 0.4611 1.0649 -0.1530 -0.0522 0.2183  7 DT A N3    
138 C C4    . DT A 7 ? 0.4735 0.4780 1.0564 -0.1578 -0.0140 0.2270  7 DT A C4    
139 O O4    . DT A 7 ? 0.4535 0.4983 1.0561 -0.1510 0.0196  0.2280  7 DT A O4    
140 C C5    . DT A 7 ? 0.5215 0.4743 1.0517 -0.1708 -0.0164 0.2342  7 DT A C5    
141 C C7    . DT A 7 ? 0.5474 0.4994 1.0469 -0.1795 0.0195  0.2471  7 DT A C7    
142 C C6    . DT A 7 ? 0.5505 0.4532 1.0558 -0.1740 -0.0509 0.2284  7 DT A C6    
143 O "O5'" . DA B 1 ? 0.3750 0.4925 0.9771 -0.0722 0.0125  0.3151  1 DA B "O5'" 
144 C "C5'" . DA B 1 ? 0.4411 0.6037 1.0901 -0.0805 -0.0308 0.3481  1 DA B "C5'" 
145 C "C4'" . DA B 1 ? 0.3721 0.5298 0.9757 -0.1082 -0.0782 0.3327  1 DA B "C4'" 
146 O "O4'" . DA B 1 ? 0.3869 0.5122 0.9601 -0.1205 -0.0789 0.3049  1 DA B "O4'" 
147 C "C3'" . DA B 1 ? 0.4518 0.5841 0.9844 -0.1089 -0.0771 0.3146  1 DA B "C3'" 
148 O "O3'" . DA B 1 ? 0.4601 0.6100 0.9564 -0.1212 -0.1303 0.3043  1 DA B "O3'" 
149 C "C2'" . DA B 1 ? 0.3928 0.4736 0.8613 -0.1087 -0.0532 0.2753  1 DA B "C2'" 
150 C "C1'" . DA B 1 ? 0.3727 0.4554 0.8659 -0.1243 -0.0753 0.2730  1 DA B "C1'" 
151 N N9    . DA B 1 ? 0.3913 0.4382 0.8553 -0.1193 -0.0431 0.2522  1 DA B N9    
152 C C8    . DA B 1 ? 0.4133 0.4496 0.8773 -0.1024 0.0042  0.2493  1 DA B C8    
153 N N7    . DA B 1 ? 0.4179 0.4240 0.8469 -0.1060 0.0202  0.2328  1 DA B N7    
154 C C5    . DA B 1 ? 0.4784 0.4712 0.8875 -0.1228 -0.0162 0.2246  1 DA B C5    
155 C C6    . DA B 1 ? 0.4490 0.4075 0.8226 -0.1314 -0.0193 0.2110  1 DA B C6    
156 N N6    . DA B 1 ? 0.4739 0.4098 0.8225 -0.1262 0.0142  0.2067  1 DA B N6    
157 N N1    . DA B 1 ? 0.5185 0.4634 0.8802 -0.1463 -0.0597 0.2024  1 DA B N1    
158 C C2    . DA B 1 ? 0.4574 0.4248 0.8361 -0.1557 -0.0969 0.2054  1 DA B C2    
159 N N3    . DA B 1 ? 0.4050 0.4109 0.8161 -0.1513 -0.1000 0.2224  1 DA B N3    
160 C C4    . DA B 1 ? 0.3936 0.4094 0.8219 -0.1324 -0.0564 0.2329  1 DA B C4    
161 P P     . DC B 2 ? 0.4722 0.6237 0.9019 -0.1099 -0.1409 0.2954  2 DC B P     
162 O OP1   . DC B 2 ? 0.5612 0.7387 0.9585 -0.1226 -0.1982 0.2858  2 DC B OP1   
163 O OP2   . DC B 2 ? 0.3754 0.5421 0.8400 -0.0901 -0.1099 0.3295  2 DC B OP2   
164 O "O5'" . DC B 2 ? 0.3937 0.4930 0.7416 -0.1071 -0.1182 0.2527  2 DC B "O5'" 
165 C "C5'" . DC B 2 ? 0.3617 0.4383 0.6951 -0.0935 -0.0710 0.2512  2 DC B "C5'" 
166 C "C4'" . DC B 2 ? 0.3629 0.4133 0.6137 -0.0929 -0.0708 0.2129  2 DC B "C4'" 
167 O "O4'" . DC B 2 ? 0.3610 0.3828 0.5866 -0.0995 -0.0698 0.1865  2 DC B "O4'" 
168 C "C3'" . DC B 2 ? 0.3605 0.3931 0.5908 -0.0840 -0.0285 0.2073  2 DC B "C3'" 
169 O "O3'" . DC B 2 ? 0.3659 0.4175 0.5935 -0.0766 -0.0306 0.2253  2 DC B "O3'" 
170 C "C2'" . DC B 2 ? 0.3548 0.3656 0.5176 -0.0871 -0.0313 0.1670  2 DC B "C2'" 
171 C "C1'" . DC B 2 ? 0.3573 0.3577 0.5248 -0.0944 -0.0519 0.1584  2 DC B "C1'" 
172 N N1    . DC B 2 ? 0.4081 0.3829 0.5773 -0.0959 -0.0218 0.1511  2 DC B N1    
173 C C2    . DC B 2 ? 0.3946 0.3500 0.5316 -0.0988 -0.0351 0.1312  2 DC B C2    
174 O O2    . DC B 2 ? 0.4207 0.3763 0.5319 -0.0994 -0.0691 0.1173  2 DC B O2    
175 N N3    . DC B 2 ? 0.4306 0.3650 0.5621 -0.0997 -0.0090 0.1282  2 DC B N3    
176 C C4    . DC B 2 ? 0.3882 0.3189 0.5423 -0.0997 0.0306  0.1390  2 DC B C4    
177 N N4    . DC B 2 ? 0.3834 0.2939 0.5218 -0.1017 0.0553  0.1341  2 DC B N4    
178 C C5    . DC B 2 ? 0.4001 0.3451 0.5909 -0.0964 0.0475  0.1560  2 DC B C5    
179 C C6    . DC B 2 ? 0.3699 0.3376 0.5687 -0.0938 0.0196  0.1641  2 DC B C6    
180 P P     . DG B 3 ? 0.3692 0.4035 0.5907 -0.0695 0.0142  0.2285  3 DG B P     
181 O OP1   . DG B 3 ? 0.3851 0.4406 0.6421 -0.0588 0.0154  0.2698  3 DG B OP1   
182 O OP2   . DG B 3 ? 0.3975 0.3984 0.6315 -0.0714 0.0607  0.2163  3 DG B OP2   
183 O "O5'" . DG B 3 ? 0.3725 0.4043 0.5192 -0.0732 0.0028  0.1952  3 DG B "O5'" 
184 C "C5'" . DG B 3 ? 0.4002 0.4574 0.5137 -0.0723 -0.0371 0.1957  3 DG B "C5'" 
185 C "C4'" . DG B 3 ? 0.3866 0.4369 0.4359 -0.0751 -0.0444 0.1555  3 DG B "C4'" 
186 O "O4'" . DG B 3 ? 0.3744 0.4075 0.4197 -0.0793 -0.0516 0.1319  3 DG B "O4'" 
187 C "C3'" . DG B 3 ? 0.3829 0.4227 0.4126 -0.0758 -0.0078 0.1420  3 DG B "C3'" 
188 O "O3'" . DG B 3 ? 0.4029 0.4601 0.4063 -0.0725 -0.0102 0.1515  3 DG B "O3'" 
189 C "C2'" . DG B 3 ? 0.4251 0.4566 0.4178 -0.0786 -0.0126 0.1026  3 DG B "C2'" 
190 C "C1'" . DG B 3 ? 0.3783 0.3992 0.3894 -0.0796 -0.0327 0.1023  3 DG B "C1'" 
191 N N9    . DG B 3 ? 0.3542 0.3545 0.3887 -0.0835 -0.0070 0.1006  3 DG B N9    
192 C C8    . DG B 3 ? 0.3931 0.3812 0.4547 -0.0867 0.0314  0.1105  3 DG B C8    
193 N N7    . DG B 3 ? 0.3501 0.3199 0.4188 -0.0906 0.0480  0.1031  3 DG B N7    
194 C C5    . DG B 3 ? 0.3769 0.3470 0.4256 -0.0892 0.0179  0.0916  3 DG B C5    
195 C C6    . DG B 3 ? 0.3881 0.3418 0.4316 -0.0912 0.0196  0.0846  3 DG B C6    
196 O O6    . DG B 3 ? 0.3884 0.3268 0.4389 -0.0953 0.0483  0.0853  3 DG B O6    
197 N N1    . DG B 3 ? 0.4127 0.3652 0.4372 -0.0877 -0.0143 0.0760  3 DG B N1    
198 C C2    . DG B 3 ? 0.4198 0.3842 0.4287 -0.0837 -0.0448 0.0698  3 DG B C2    
199 N N2    . DG B 3 ? 0.4135 0.3659 0.4049 -0.0810 -0.0713 0.0583  3 DG B N2    
200 N N3    . DG B 3 ? 0.4321 0.4158 0.4396 -0.0825 -0.0470 0.0749  3 DG B N3    
201 C C4    . DG B 3 ? 0.4213 0.4073 0.4508 -0.0850 -0.0152 0.0881  3 DG B C4    
202 P P     . DC B 4 ? 0.5017 0.5548 0.4867 -0.0762 0.0256  0.1424  4 DC B P     
203 O OP1   . DC B 4 ? 0.4794 0.5460 0.4601 -0.0715 0.0307  0.1739  4 DC B OP1   
204 O OP2   . DC B 4 ? 0.4146 0.4423 0.4259 -0.0846 0.0643  0.1327  4 DC B OP2   
205 O "O5'" . DC B 4 ? 0.4497 0.5161 0.3821 -0.0767 0.0102  0.1033  4 DC B "O5'" 
206 C "C5'" . DC B 4 ? 0.4259 0.5102 0.3199 -0.0698 -0.0234 0.0986  4 DC B "C5'" 
207 C "C4'" . DC B 4 ? 0.4217 0.5095 0.2800 -0.0667 -0.0321 0.0593  4 DC B "C4'" 
208 O "O4'" . DC B 4 ? 0.4744 0.5439 0.3512 -0.0681 -0.0363 0.0451  4 DC B "O4'" 
209 C "C3'" . DC B 4 ? 0.4183 0.5201 0.2635 -0.0693 -0.0041 0.0425  4 DC B "C3'" 
210 O "O3'" . DC B 4 ? 0.5410 0.6641 0.3495 -0.0643 -0.0051 0.0427  4 DC B "O3'" 
211 C "C2'" . DC B 4 ? 0.4421 0.5435 0.2780 -0.0649 -0.0129 0.0097  4 DC B "C2'" 
212 C "C1'" . DC B 4 ? 0.3898 0.4656 0.2498 -0.0661 -0.0268 0.0162  4 DC B "C1'" 
213 N N1    . DC B 4 ? 0.4148 0.4794 0.3018 -0.0753 -0.0038 0.0152  4 DC B N1    
214 C C2    . DC B 4 ? 0.4309 0.4912 0.3115 -0.0727 -0.0098 -0.0045 4 DC B C2    
215 O O2    . DC B 4 ? 0.4907 0.5527 0.3504 -0.0610 -0.0326 -0.0183 4 DC B O2    
216 N N3    . DC B 4 ? 0.4744 0.5261 0.3695 -0.0826 0.0102  -0.0073 4 DC B N3    
217 C C4    . DC B 4 ? 0.4196 0.4617 0.3373 -0.0950 0.0385  0.0048  4 DC B C4    
218 N N4    . DC B 4 ? 0.5206 0.5508 0.4447 -0.1059 0.0591  -0.0037 4 DC B N4    
219 C C5    . DC B 4 ? 0.3964 0.4385 0.3275 -0.0954 0.0472  0.0267  4 DC B C5    
220 C C6    . DC B 4 ? 0.4094 0.4659 0.3232 -0.0854 0.0240  0.0330  4 DC B C6    
221 P P     . DC B 5 ? 0.5007 0.6430 0.3064 -0.0709 0.0306  0.0445  5 DC B P     
222 O OP1   . DC B 5 ? 0.5190 0.6792 0.2857 -0.0652 0.0293  0.0583  5 DC B OP1   
223 O OP2   . DC B 5 ? 0.5171 0.6439 0.3649 -0.0847 0.0620  0.0616  5 DC B OP2   
224 O "O5'" . DC B 5 ? 0.5414 0.7030 0.3393 -0.0686 0.0347  0.0063  5 DC B "O5'" 
225 C "C5'" . DC B 5 ? 0.5435 0.7115 0.3097 -0.0528 0.0100  -0.0177 5 DC B "C5'" 
226 C "C4'" . DC B 5 ? 0.4456 0.6444 0.2113 -0.0483 0.0236  -0.0441 5 DC B "C4'" 
227 O "O4'" . DC B 5 ? 0.4866 0.6849 0.2830 -0.0542 0.0251  -0.0554 5 DC B "O4'" 
228 C "C3'" . DC B 5 ? 0.4525 0.6813 0.2239 -0.0588 0.0561  -0.0380 5 DC B "C3'" 
229 O "O3'" . DC B 5 ? 0.4901 0.7335 0.2210 -0.0474 0.0572  -0.0379 5 DC B "O3'" 
230 C "C2'" . DC B 5 ? 0.4827 0.7433 0.2786 -0.0609 0.0655  -0.0627 5 DC B "C2'" 
231 C "C1'" . DC B 5 ? 0.4299 0.6677 0.2400 -0.0593 0.0447  -0.0703 5 DC B "C1'" 
232 N N1    . DC B 5 ? 0.3993 0.6336 0.2413 -0.0812 0.0598  -0.0684 5 DC B N1    
233 C C2    . DC B 5 ? 0.3784 0.6181 0.2312 -0.0811 0.0484  -0.0840 5 DC B C2    
234 O O2    . DC B 5 ? 0.3969 0.6432 0.2379 -0.0605 0.0268  -0.0950 5 DC B O2    
235 N N3    . DC B 5 ? 0.3685 0.6038 0.2414 -0.1033 0.0625  -0.0866 5 DC B N3    
236 C C4    . DC B 5 ? 0.3746 0.5944 0.2619 -0.1242 0.0894  -0.0754 5 DC B C4    
237 N N4    . DC B 5 ? 0.3702 0.5795 0.2733 -0.1467 0.1050  -0.0835 5 DC B N4    
238 C C5    . DC B 5 ? 0.3927 0.6047 0.2752 -0.1221 0.1021  -0.0549 5 DC B C5    
239 C C6    . DC B 5 ? 0.4070 0.6297 0.2642 -0.1009 0.0853  -0.0516 5 DC B C6    
240 P P     . DG B 6 ? 0.5504 0.8198 0.2723 -0.0557 0.0906  -0.0215 6 DG B P     
241 O OP1   . DG B 6 ? 0.6425 0.9035 0.3109 -0.0444 0.0768  -0.0103 6 DG B OP1   
242 O OP2   . DG B 6 ? 0.6379 0.9019 0.3995 -0.0780 0.1175  -0.0009 6 DG B OP2   
243 O "O5'" . DG B 6 ? 0.5472 0.8574 0.2773 -0.0471 0.1047  -0.0503 6 DG B "O5'" 
244 C "C5'" . DG B 6 ? 0.5386 0.8438 0.2435 -0.0224 0.0857  -0.0720 6 DG B "C5'" 
245 C "C4'" . DG B 6 ? 0.5223 0.8610 0.2606 -0.0130 0.0924  -0.0952 6 DG B "C4'" 
246 O "O4'" . DG B 6 ? 0.4801 0.8206 0.2500 -0.0191 0.0791  -0.1032 6 DG B "O4'" 
247 C "C3'" . DG B 6 ? 0.5260 0.9068 0.2934 -0.0246 0.1246  -0.0910 6 DG B "C3'" 
248 O "O3'" . DG B 6 ? 0.5745 0.9623 0.3129 -0.0074 0.1368  -0.0949 6 DG B "O3'" 
249 C "C2'" . DG B 6 ? 0.4897 0.9091 0.3048 -0.0251 0.1210  -0.1099 6 DG B "C2'" 
250 C "C1'" . DG B 6 ? 0.4593 0.8476 0.2721 -0.0271 0.0945  -0.1125 6 DG B "C1'" 
251 N N9    . DG B 6 ? 0.4333 0.8196 0.2713 -0.0562 0.1031  -0.1038 6 DG B N9    
252 C C8    . DG B 6 ? 0.4419 0.8189 0.2883 -0.0800 0.1275  -0.0848 6 DG B C8    
253 N N7    . DG B 6 ? 0.4222 0.7880 0.2944 -0.1041 0.1331  -0.0834 6 DG B N7    
254 C C5    . DG B 6 ? 0.3990 0.7678 0.2762 -0.0956 0.1082  -0.1007 6 DG B C5    
255 C C6    . DG B 6 ? 0.3808 0.7379 0.2771 -0.1121 0.1021  -0.1074 6 DG B C6    
256 O O6    . DG B 6 ? 0.3908 0.7288 0.3037 -0.1391 0.1197  -0.1033 6 DG B O6    
257 N N1    . DG B 6 ? 0.4163 0.7811 0.3080 -0.0937 0.0743  -0.1202 6 DG B N1    
258 C C2    . DG B 6 ? 0.3737 0.7515 0.2502 -0.0624 0.0568  -0.1266 6 DG B C2    
259 N N2    . DG B 6 ? 0.3665 0.7426 0.2421 -0.0467 0.0329  -0.1339 6 DG B N2    
260 N N3    . DG B 6 ? 0.3931 0.7775 0.2518 -0.0471 0.0644  -0.1250 6 DG B N3    
261 C C4    . DG B 6 ? 0.4062 0.7884 0.2640 -0.0656 0.0896  -0.1117 6 DG B C4    
262 P P     . DT B 7 ? 0.5957 1.0269 0.3582 -0.0120 0.1716  -0.0922 7 DT B P     
263 O OP1   . DT B 7 ? 0.6576 1.0731 0.3677 0.0025  0.1825  -0.0891 7 DT B OP1   
264 O OP2   . DT B 7 ? 0.5794 1.0251 0.3810 -0.0411 0.1930  -0.0746 7 DT B OP2   
265 O "O5'" . DT B 7 ? 0.5717 1.0494 0.3780 0.0022  0.1675  -0.1176 7 DT B "O5'" 
266 C "C5'" . DT B 7 ? 0.5945 1.0666 0.3795 0.0332  0.1568  -0.1372 7 DT B "C5'" 
267 C "C4'" . DT B 7 ? 0.5641 1.0853 0.3993 0.0463  0.1504  -0.1544 7 DT B "C4'" 
268 O "O4'" . DT B 7 ? 0.5137 1.0374 0.3744 0.0281  0.1317  -0.1518 7 DT B "O4'" 
269 C "C3'" . DT B 7 ? 0.5651 1.1539 0.4509 0.0407  0.1763  -0.1547 7 DT B "C3'" 
270 O "O3'" . DT B 7 ? 0.6138 1.2141 0.4879 0.0670  0.1957  -0.1635 7 DT B "O3'" 
271 C "C2'" . DT B 7 ? 0.5197 1.1572 0.4570 0.0424  0.1583  -0.1657 7 DT B "C2'" 
272 C "C1'" . DT B 7 ? 0.4874 1.0797 0.4058 0.0233  0.1358  -0.1597 7 DT B "C1'" 
273 N N1    . DT B 7 ? 0.4645 1.0684 0.4108 -0.0168 0.1448  -0.1490 7 DT B N1    
274 C C2    . DT B 7 ? 0.4303 1.0716 0.4144 -0.0319 0.1320  -0.1577 7 DT B C2    
275 O O2    . DT B 7 ? 0.4147 1.0835 0.4086 -0.0110 0.1125  -0.1701 7 DT B O2    
276 N N3    . DT B 7 ? 0.4217 1.0589 0.4260 -0.0720 0.1424  -0.1511 7 DT B N3    
277 C C4    . DT B 7 ? 0.4442 1.0450 0.4396 -0.0932 0.1660  -0.1338 7 DT B C4    
278 O O4    . DT B 7 ? 0.4437 1.0321 0.4584 -0.1260 0.1757  -0.1295 7 DT B O4    
279 C C5    . DT B 7 ? 0.4766 1.0488 0.4330 -0.0724 0.1782  -0.1210 7 DT B C5    
280 C C7    . DT B 7 ? 0.5079 1.0457 0.4499 -0.0891 0.2043  -0.0973 7 DT B C7    
281 C C6    . DT B 7 ? 0.4860 1.0616 0.4180 -0.0377 0.1667  -0.1310 7 DT B C6    
# 
